data_3ZIJ
# 
_entry.id   3ZIJ 
# 
_audit_conform.dict_name       mmcif_pdbx.dic 
_audit_conform.dict_version    5.398 
_audit_conform.dict_location   http://mmcif.pdb.org/dictionaries/ascii/mmcif_pdbx.dic 
# 
loop_
_database_2.database_id 
_database_2.database_code 
_database_2.pdbx_database_accession 
_database_2.pdbx_DOI 
PDB   3ZIJ         pdb_00003zij 10.2210/pdb3zij/pdb 
PDBE  EBI-55361    ?            ?                   
WWPDB D_1290055361 ?            ?                   
# 
loop_
_pdbx_audit_revision_history.ordinal 
_pdbx_audit_revision_history.data_content_type 
_pdbx_audit_revision_history.major_revision 
_pdbx_audit_revision_history.minor_revision 
_pdbx_audit_revision_history.revision_date 
1 'Structure model' 1 0 2013-01-23 
2 'Structure model' 1 1 2013-08-28 
3 'Structure model' 1 2 2023-12-20 
4 'Structure model' 1 3 2024-11-13 
# 
_pdbx_audit_revision_details.ordinal             1 
_pdbx_audit_revision_details.revision_ordinal    1 
_pdbx_audit_revision_details.data_content_type   'Structure model' 
_pdbx_audit_revision_details.provider            repository 
_pdbx_audit_revision_details.type                'Initial release' 
_pdbx_audit_revision_details.description         ? 
_pdbx_audit_revision_details.details             ? 
# 
loop_
_pdbx_audit_revision_group.ordinal 
_pdbx_audit_revision_group.revision_ordinal 
_pdbx_audit_revision_group.data_content_type 
_pdbx_audit_revision_group.group 
1 2 'Structure model' 'Database references'    
2 3 'Structure model' 'Data collection'        
3 3 'Structure model' 'Database references'    
4 3 'Structure model' Other                    
5 3 'Structure model' 'Refinement description' 
6 4 'Structure model' 'Structure summary'      
# 
loop_
_pdbx_audit_revision_category.ordinal 
_pdbx_audit_revision_category.revision_ordinal 
_pdbx_audit_revision_category.data_content_type 
_pdbx_audit_revision_category.category 
1 3 'Structure model' chem_comp_atom                
2 3 'Structure model' chem_comp_bond                
3 3 'Structure model' database_2                    
4 3 'Structure model' pdbx_database_status          
5 3 'Structure model' pdbx_initial_refinement_model 
6 4 'Structure model' pdbx_entry_details            
7 4 'Structure model' pdbx_modification_feature     
# 
loop_
_pdbx_audit_revision_item.ordinal 
_pdbx_audit_revision_item.revision_ordinal 
_pdbx_audit_revision_item.data_content_type 
_pdbx_audit_revision_item.item 
1 3 'Structure model' '_database_2.pdbx_DOI'                 
2 3 'Structure model' '_database_2.pdbx_database_accession'  
3 3 'Structure model' '_pdbx_database_status.status_code_sf' 
# 
_pdbx_database_status.status_code                     REL 
_pdbx_database_status.entry_id                        3ZIJ 
_pdbx_database_status.deposit_site                    PDBE 
_pdbx_database_status.process_site                    PDBE 
_pdbx_database_status.SG_entry                        . 
_pdbx_database_status.recvd_initial_deposition_date   2013-01-09 
_pdbx_database_status.pdb_format_compatible           Y 
_pdbx_database_status.status_code_sf                  REL 
_pdbx_database_status.status_code_mr                  ? 
_pdbx_database_status.status_code_cs                  ? 
_pdbx_database_status.methods_development_category    ? 
_pdbx_database_status.status_code_nmr_data            ? 
# 
loop_
_audit_author.name 
_audit_author.pdbx_ordinal 
'Rohr, A.K.'      1 
'Hammerstad, M.'  2 
'Andersson, K.K.' 3 
# 
_citation.id                        primary 
_citation.title                     'Tuning of Thioredoxin Redox Properties by Intramolecular Hydrogen Bonds.' 
_citation.journal_abbrev            'Plos One' 
_citation.journal_volume            8 
_citation.page_first                69411 
_citation.page_last                 ? 
_citation.year                      2013 
_citation.journal_id_ASTM           ? 
_citation.country                   US 
_citation.journal_id_ISSN           1932-6203 
_citation.journal_id_CSD            ? 
_citation.book_publisher            ? 
_citation.pdbx_database_id_PubMed   23936007 
_citation.pdbx_database_id_DOI      10.1371/JOURNAL.PONE.0069411 
# 
loop_
_citation_author.citation_id 
_citation_author.name 
_citation_author.ordinal 
_citation_author.identifier_ORCID 
primary 'Rohr, A.K.'      1 ? 
primary 'Hammerstad, M.'  2 ? 
primary 'Andersson, K.K.' 3 ? 
# 
loop_
_entity.id 
_entity.type 
_entity.src_method 
_entity.pdbx_description 
_entity.formula_weight 
_entity.pdbx_number_of_molecules 
_entity.pdbx_ec 
_entity.pdbx_mutation 
_entity.pdbx_fragment 
_entity.details 
1 polymer man THIOREDOXIN 9005.260 2  ? ? ? ? 
2 water   nat water       18.015   99 ? ? ? ? 
# 
_entity_poly.entity_id                      1 
_entity_poly.type                           'polypeptide(L)' 
_entity_poly.nstd_linkage                   no 
_entity_poly.nstd_monomer                   no 
_entity_poly.pdbx_seq_one_letter_code       MKKIEVYTQPDCPPCVIVKEFLKHNNVAYEEFDVKKDAAARNRLLYDYDSYSTPTVVIDGEVVAGFQIEKLQQLLNIE 
_entity_poly.pdbx_seq_one_letter_code_can   MKKIEVYTQPDCPPCVIVKEFLKHNNVAYEEFDVKKDAAARNRLLYDYDSYSTPTVVIDGEVVAGFQIEKLQQLLNIE 
_entity_poly.pdbx_strand_id                 A,B 
_entity_poly.pdbx_target_identifier         ? 
# 
_pdbx_entity_nonpoly.entity_id   2 
_pdbx_entity_nonpoly.name        water 
_pdbx_entity_nonpoly.comp_id     HOH 
# 
loop_
_entity_poly_seq.entity_id 
_entity_poly_seq.num 
_entity_poly_seq.mon_id 
_entity_poly_seq.hetero 
1 1  MET n 
1 2  LYS n 
1 3  LYS n 
1 4  ILE n 
1 5  GLU n 
1 6  VAL n 
1 7  TYR n 
1 8  THR n 
1 9  GLN n 
1 10 PRO n 
1 11 ASP n 
1 12 CYS n 
1 13 PRO n 
1 14 PRO n 
1 15 CYS n 
1 16 VAL n 
1 17 ILE n 
1 18 VAL n 
1 19 LYS n 
1 20 GLU n 
1 21 PHE n 
1 22 LEU n 
1 23 LYS n 
1 24 HIS n 
1 25 ASN n 
1 26 ASN n 
1 27 VAL n 
1 28 ALA n 
1 29 TYR n 
1 30 GLU n 
1 31 GLU n 
1 32 PHE n 
1 33 ASP n 
1 34 VAL n 
1 35 LYS n 
1 36 LYS n 
1 37 ASP n 
1 38 ALA n 
1 39 ALA n 
1 40 ALA n 
1 41 ARG n 
1 42 ASN n 
1 43 ARG n 
1 44 LEU n 
1 45 LEU n 
1 46 TYR n 
1 47 ASP n 
1 48 TYR n 
1 49 ASP n 
1 50 SER n 
1 51 TYR n 
1 52 SER n 
1 53 THR n 
1 54 PRO n 
1 55 THR n 
1 56 VAL n 
1 57 VAL n 
1 58 ILE n 
1 59 ASP n 
1 60 GLY n 
1 61 GLU n 
1 62 VAL n 
1 63 VAL n 
1 64 ALA n 
1 65 GLY n 
1 66 PHE n 
1 67 GLN n 
1 68 ILE n 
1 69 GLU n 
1 70 LYS n 
1 71 LEU n 
1 72 GLN n 
1 73 GLN n 
1 74 LEU n 
1 75 LEU n 
1 76 ASN n 
1 77 ILE n 
1 78 GLU n 
# 
_entity_src_gen.entity_id                          1 
_entity_src_gen.pdbx_src_id                        1 
_entity_src_gen.pdbx_alt_source_flag               sample 
_entity_src_gen.pdbx_seq_type                      ? 
_entity_src_gen.pdbx_beg_seq_num                   ? 
_entity_src_gen.pdbx_end_seq_num                   ? 
_entity_src_gen.gene_src_common_name               ? 
_entity_src_gen.gene_src_genus                     ? 
_entity_src_gen.pdbx_gene_src_gene                 ? 
_entity_src_gen.gene_src_species                   ? 
_entity_src_gen.gene_src_strain                    ? 
_entity_src_gen.gene_src_tissue                    ? 
_entity_src_gen.gene_src_tissue_fraction           ? 
_entity_src_gen.gene_src_details                   ? 
_entity_src_gen.pdbx_gene_src_fragment             ? 
_entity_src_gen.pdbx_gene_src_scientific_name      'BACILLUS CEREUS' 
_entity_src_gen.pdbx_gene_src_ncbi_taxonomy_id     1396 
_entity_src_gen.pdbx_gene_src_variant              ? 
_entity_src_gen.pdbx_gene_src_cell_line            ? 
_entity_src_gen.pdbx_gene_src_atcc                 14579 
_entity_src_gen.pdbx_gene_src_organ                ? 
_entity_src_gen.pdbx_gene_src_organelle            ? 
_entity_src_gen.pdbx_gene_src_cell                 ? 
_entity_src_gen.pdbx_gene_src_cellular_location    ? 
_entity_src_gen.host_org_common_name               ? 
_entity_src_gen.pdbx_host_org_scientific_name      'ESCHERICHIA COLI' 
_entity_src_gen.pdbx_host_org_ncbi_taxonomy_id     469008 
_entity_src_gen.host_org_genus                     ? 
_entity_src_gen.pdbx_host_org_gene                 ? 
_entity_src_gen.pdbx_host_org_organ                ? 
_entity_src_gen.host_org_species                   ? 
_entity_src_gen.pdbx_host_org_tissue               ? 
_entity_src_gen.pdbx_host_org_tissue_fraction      ? 
_entity_src_gen.pdbx_host_org_strain               'BL21(DE3)' 
_entity_src_gen.pdbx_host_org_variant              ? 
_entity_src_gen.pdbx_host_org_cell_line            ? 
_entity_src_gen.pdbx_host_org_atcc                 ? 
_entity_src_gen.pdbx_host_org_culture_collection   ? 
_entity_src_gen.pdbx_host_org_cell                 ? 
_entity_src_gen.pdbx_host_org_organelle            ? 
_entity_src_gen.pdbx_host_org_cellular_location    ? 
_entity_src_gen.pdbx_host_org_vector_type          PLASMID 
_entity_src_gen.pdbx_host_org_vector               PET22B 
_entity_src_gen.host_org_details                   ? 
_entity_src_gen.expression_system_id               ? 
_entity_src_gen.plasmid_name                       ? 
_entity_src_gen.plasmid_details                    ? 
_entity_src_gen.pdbx_description                   ? 
# 
loop_
_chem_comp.id 
_chem_comp.type 
_chem_comp.mon_nstd_flag 
_chem_comp.name 
_chem_comp.pdbx_synonyms 
_chem_comp.formula 
_chem_comp.formula_weight 
ALA 'L-peptide linking' y ALANINE         ? 'C3 H7 N O2'     89.093  
ARG 'L-peptide linking' y ARGININE        ? 'C6 H15 N4 O2 1' 175.209 
ASN 'L-peptide linking' y ASPARAGINE      ? 'C4 H8 N2 O3'    132.118 
ASP 'L-peptide linking' y 'ASPARTIC ACID' ? 'C4 H7 N O4'     133.103 
CYS 'L-peptide linking' y CYSTEINE        ? 'C3 H7 N O2 S'   121.158 
GLN 'L-peptide linking' y GLUTAMINE       ? 'C5 H10 N2 O3'   146.144 
GLU 'L-peptide linking' y 'GLUTAMIC ACID' ? 'C5 H9 N O4'     147.129 
GLY 'peptide linking'   y GLYCINE         ? 'C2 H5 N O2'     75.067  
HIS 'L-peptide linking' y HISTIDINE       ? 'C6 H10 N3 O2 1' 156.162 
HOH non-polymer         . WATER           ? 'H2 O'           18.015  
ILE 'L-peptide linking' y ISOLEUCINE      ? 'C6 H13 N O2'    131.173 
LEU 'L-peptide linking' y LEUCINE         ? 'C6 H13 N O2'    131.173 
LYS 'L-peptide linking' y LYSINE          ? 'C6 H15 N2 O2 1' 147.195 
MET 'L-peptide linking' y METHIONINE      ? 'C5 H11 N O2 S'  149.211 
PHE 'L-peptide linking' y PHENYLALANINE   ? 'C9 H11 N O2'    165.189 
PRO 'L-peptide linking' y PROLINE         ? 'C5 H9 N O2'     115.130 
SER 'L-peptide linking' y SERINE          ? 'C3 H7 N O3'     105.093 
THR 'L-peptide linking' y THREONINE       ? 'C4 H9 N O3'     119.119 
TYR 'L-peptide linking' y TYROSINE        ? 'C9 H11 N O3'    181.189 
VAL 'L-peptide linking' y VALINE          ? 'C5 H11 N O2'    117.146 
# 
loop_
_pdbx_poly_seq_scheme.asym_id 
_pdbx_poly_seq_scheme.entity_id 
_pdbx_poly_seq_scheme.seq_id 
_pdbx_poly_seq_scheme.mon_id 
_pdbx_poly_seq_scheme.ndb_seq_num 
_pdbx_poly_seq_scheme.pdb_seq_num 
_pdbx_poly_seq_scheme.auth_seq_num 
_pdbx_poly_seq_scheme.pdb_mon_id 
_pdbx_poly_seq_scheme.auth_mon_id 
_pdbx_poly_seq_scheme.pdb_strand_id 
_pdbx_poly_seq_scheme.pdb_ins_code 
_pdbx_poly_seq_scheme.hetero 
A 1 1  MET 1  1  1  MET MET A . n 
A 1 2  LYS 2  2  2  LYS LYS A . n 
A 1 3  LYS 3  3  3  LYS LYS A . n 
A 1 4  ILE 4  4  4  ILE ILE A . n 
A 1 5  GLU 5  5  5  GLU GLU A . n 
A 1 6  VAL 6  6  6  VAL VAL A . n 
A 1 7  TYR 7  7  7  TYR TYR A . n 
A 1 8  THR 8  8  8  THR THR A . n 
A 1 9  GLN 9  9  9  GLN GLN A . n 
A 1 10 PRO 10 10 10 PRO PRO A . n 
A 1 11 ASP 11 11 11 ASP ASP A . n 
A 1 12 CYS 12 12 12 CYS CYS A . n 
A 1 13 PRO 13 13 13 PRO PRO A . n 
A 1 14 PRO 14 14 14 PRO PRO A . n 
A 1 15 CYS 15 15 15 CYS CYS A . n 
A 1 16 VAL 16 16 16 VAL VAL A . n 
A 1 17 ILE 17 17 17 ILE ILE A . n 
A 1 18 VAL 18 18 18 VAL VAL A . n 
A 1 19 LYS 19 19 19 LYS LYS A . n 
A 1 20 GLU 20 20 20 GLU GLU A . n 
A 1 21 PHE 21 21 21 PHE PHE A . n 
A 1 22 LEU 22 22 22 LEU LEU A . n 
A 1 23 LYS 23 23 23 LYS LYS A . n 
A 1 24 HIS 24 24 24 HIS HIS A . n 
A 1 25 ASN 25 25 25 ASN ASN A . n 
A 1 26 ASN 26 26 26 ASN ASN A . n 
A 1 27 VAL 27 27 27 VAL VAL A . n 
A 1 28 ALA 28 28 28 ALA ALA A . n 
A 1 29 TYR 29 29 29 TYR TYR A . n 
A 1 30 GLU 30 30 30 GLU GLU A . n 
A 1 31 GLU 31 31 31 GLU GLU A . n 
A 1 32 PHE 32 32 32 PHE PHE A . n 
A 1 33 ASP 33 33 33 ASP ASP A . n 
A 1 34 VAL 34 34 34 VAL VAL A . n 
A 1 35 LYS 35 35 35 LYS LYS A . n 
A 1 36 LYS 36 36 36 LYS LYS A . n 
A 1 37 ASP 37 37 37 ASP ASP A . n 
A 1 38 ALA 38 38 38 ALA ALA A . n 
A 1 39 ALA 39 39 39 ALA ALA A . n 
A 1 40 ALA 40 40 40 ALA ALA A . n 
A 1 41 ARG 41 41 41 ARG ARG A . n 
A 1 42 ASN 42 42 42 ASN ASN A . n 
A 1 43 ARG 43 43 43 ARG ARG A . n 
A 1 44 LEU 44 44 44 LEU LEU A . n 
A 1 45 LEU 45 45 45 LEU LEU A . n 
A 1 46 TYR 46 46 46 TYR TYR A . n 
A 1 47 ASP 47 47 47 ASP ASP A . n 
A 1 48 TYR 48 48 48 TYR TYR A . n 
A 1 49 ASP 49 49 49 ASP ASP A . n 
A 1 50 SER 50 50 50 SER SER A . n 
A 1 51 TYR 51 51 51 TYR TYR A . n 
A 1 52 SER 52 52 52 SER SER A . n 
A 1 53 THR 53 53 53 THR THR A . n 
A 1 54 PRO 54 54 54 PRO PRO A . n 
A 1 55 THR 55 55 55 THR THR A . n 
A 1 56 VAL 56 56 56 VAL VAL A . n 
A 1 57 VAL 57 57 57 VAL VAL A . n 
A 1 58 ILE 58 58 58 ILE ILE A . n 
A 1 59 ASP 59 59 59 ASP ASP A . n 
A 1 60 GLY 60 60 60 GLY GLY A . n 
A 1 61 GLU 61 61 61 GLU GLU A . n 
A 1 62 VAL 62 62 62 VAL VAL A . n 
A 1 63 VAL 63 63 63 VAL VAL A . n 
A 1 64 ALA 64 64 64 ALA ALA A . n 
A 1 65 GLY 65 65 65 GLY GLY A . n 
A 1 66 PHE 66 66 66 PHE PHE A . n 
A 1 67 GLN 67 67 67 GLN GLN A . n 
A 1 68 ILE 68 68 68 ILE ILE A . n 
A 1 69 GLU 69 69 69 GLU GLU A . n 
A 1 70 LYS 70 70 70 LYS LYS A . n 
A 1 71 LEU 71 71 71 LEU LEU A . n 
A 1 72 GLN 72 72 72 GLN GLN A . n 
A 1 73 GLN 73 73 73 GLN GLN A . n 
A 1 74 LEU 74 74 74 LEU LEU A . n 
A 1 75 LEU 75 75 75 LEU LEU A . n 
A 1 76 ASN 76 76 76 ASN ASN A . n 
A 1 77 ILE 77 77 ?  ?   ?   A . n 
A 1 78 GLU 78 78 ?  ?   ?   A . n 
B 1 1  MET 1  1  ?  ?   ?   B . n 
B 1 2  LYS 2  2  ?  ?   ?   B . n 
B 1 3  LYS 3  3  3  LYS LYS B . n 
B 1 4  ILE 4  4  4  ILE ILE B . n 
B 1 5  GLU 5  5  5  GLU GLU B . n 
B 1 6  VAL 6  6  6  VAL VAL B . n 
B 1 7  TYR 7  7  7  TYR TYR B . n 
B 1 8  THR 8  8  8  THR THR B . n 
B 1 9  GLN 9  9  9  GLN GLN B . n 
B 1 10 PRO 10 10 10 PRO PRO B . n 
B 1 11 ASP 11 11 11 ASP ASP B . n 
B 1 12 CYS 12 12 12 CYS CYS B . n 
B 1 13 PRO 13 13 13 PRO PRO B . n 
B 1 14 PRO 14 14 14 PRO PRO B . n 
B 1 15 CYS 15 15 15 CYS CYS B . n 
B 1 16 VAL 16 16 16 VAL VAL B . n 
B 1 17 ILE 17 17 17 ILE ILE B . n 
B 1 18 VAL 18 18 18 VAL VAL B . n 
B 1 19 LYS 19 19 19 LYS LYS B . n 
B 1 20 GLU 20 20 20 GLU GLU B . n 
B 1 21 PHE 21 21 21 PHE PHE B . n 
B 1 22 LEU 22 22 22 LEU LEU B . n 
B 1 23 LYS 23 23 23 LYS LYS B . n 
B 1 24 HIS 24 24 24 HIS HIS B . n 
B 1 25 ASN 25 25 25 ASN ASN B . n 
B 1 26 ASN 26 26 26 ASN ASN B . n 
B 1 27 VAL 27 27 27 VAL VAL B . n 
B 1 28 ALA 28 28 28 ALA ALA B . n 
B 1 29 TYR 29 29 29 TYR TYR B . n 
B 1 30 GLU 30 30 30 GLU GLU B . n 
B 1 31 GLU 31 31 31 GLU GLU B . n 
B 1 32 PHE 32 32 32 PHE PHE B . n 
B 1 33 ASP 33 33 33 ASP ASP B . n 
B 1 34 VAL 34 34 34 VAL VAL B . n 
B 1 35 LYS 35 35 35 LYS LYS B . n 
B 1 36 LYS 36 36 36 LYS LYS B . n 
B 1 37 ASP 37 37 37 ASP ASP B . n 
B 1 38 ALA 38 38 38 ALA ALA B . n 
B 1 39 ALA 39 39 39 ALA ALA B . n 
B 1 40 ALA 40 40 40 ALA ALA B . n 
B 1 41 ARG 41 41 41 ARG ARG B . n 
B 1 42 ASN 42 42 42 ASN ASN B . n 
B 1 43 ARG 43 43 43 ARG ARG B . n 
B 1 44 LEU 44 44 44 LEU LEU B . n 
B 1 45 LEU 45 45 45 LEU LEU B . n 
B 1 46 TYR 46 46 46 TYR TYR B . n 
B 1 47 ASP 47 47 47 ASP ASP B . n 
B 1 48 TYR 48 48 48 TYR TYR B . n 
B 1 49 ASP 49 49 49 ASP ASP B . n 
B 1 50 SER 50 50 50 SER SER B . n 
B 1 51 TYR 51 51 51 TYR TYR B . n 
B 1 52 SER 52 52 52 SER SER B . n 
B 1 53 THR 53 53 53 THR THR B . n 
B 1 54 PRO 54 54 54 PRO PRO B . n 
B 1 55 THR 55 55 55 THR THR B . n 
B 1 56 VAL 56 56 56 VAL VAL B . n 
B 1 57 VAL 57 57 57 VAL VAL B . n 
B 1 58 ILE 58 58 58 ILE ILE B . n 
B 1 59 ASP 59 59 59 ASP ASP B . n 
B 1 60 GLY 60 60 60 GLY GLY B . n 
B 1 61 GLU 61 61 61 GLU GLU B . n 
B 1 62 VAL 62 62 62 VAL VAL B . n 
B 1 63 VAL 63 63 63 VAL VAL B . n 
B 1 64 ALA 64 64 64 ALA ALA B . n 
B 1 65 GLY 65 65 65 GLY GLY B . n 
B 1 66 PHE 66 66 66 PHE PHE B . n 
B 1 67 GLN 67 67 67 GLN GLN B . n 
B 1 68 ILE 68 68 68 ILE ILE B . n 
B 1 69 GLU 69 69 69 GLU GLU B . n 
B 1 70 LYS 70 70 70 LYS LYS B . n 
B 1 71 LEU 71 71 71 LEU LEU B . n 
B 1 72 GLN 72 72 72 GLN GLN B . n 
B 1 73 GLN 73 73 73 GLN GLN B . n 
B 1 74 LEU 74 74 74 LEU LEU B . n 
B 1 75 LEU 75 75 75 LEU LEU B . n 
B 1 76 ASN 76 76 ?  ?   ?   B . n 
B 1 77 ILE 77 77 ?  ?   ?   B . n 
B 1 78 GLU 78 78 ?  ?   ?   B . n 
# 
loop_
_pdbx_nonpoly_scheme.asym_id 
_pdbx_nonpoly_scheme.entity_id 
_pdbx_nonpoly_scheme.mon_id 
_pdbx_nonpoly_scheme.ndb_seq_num 
_pdbx_nonpoly_scheme.pdb_seq_num 
_pdbx_nonpoly_scheme.auth_seq_num 
_pdbx_nonpoly_scheme.pdb_mon_id 
_pdbx_nonpoly_scheme.auth_mon_id 
_pdbx_nonpoly_scheme.pdb_strand_id 
_pdbx_nonpoly_scheme.pdb_ins_code 
C 2 HOH 1  2001 2001 HOH HOH A . 
C 2 HOH 2  2002 2002 HOH HOH A . 
C 2 HOH 3  2003 2003 HOH HOH A . 
C 2 HOH 4  2004 2004 HOH HOH A . 
C 2 HOH 5  2005 2005 HOH HOH A . 
C 2 HOH 6  2006 2006 HOH HOH A . 
C 2 HOH 7  2007 2007 HOH HOH A . 
C 2 HOH 8  2008 2008 HOH HOH A . 
C 2 HOH 9  2009 2009 HOH HOH A . 
C 2 HOH 10 2010 2010 HOH HOH A . 
C 2 HOH 11 2011 2011 HOH HOH A . 
C 2 HOH 12 2012 2012 HOH HOH A . 
C 2 HOH 13 2013 2013 HOH HOH A . 
C 2 HOH 14 2014 2014 HOH HOH A . 
C 2 HOH 15 2015 2015 HOH HOH A . 
C 2 HOH 16 2016 2016 HOH HOH A . 
C 2 HOH 17 2017 2017 HOH HOH A . 
C 2 HOH 18 2018 2018 HOH HOH A . 
C 2 HOH 19 2019 2019 HOH HOH A . 
C 2 HOH 20 2020 2020 HOH HOH A . 
C 2 HOH 21 2021 2021 HOH HOH A . 
C 2 HOH 22 2022 2022 HOH HOH A . 
C 2 HOH 23 2023 2023 HOH HOH A . 
C 2 HOH 24 2024 2024 HOH HOH A . 
C 2 HOH 25 2025 2025 HOH HOH A . 
C 2 HOH 26 2026 2026 HOH HOH A . 
C 2 HOH 27 2027 2027 HOH HOH A . 
C 2 HOH 28 2028 2028 HOH HOH A . 
C 2 HOH 29 2029 2029 HOH HOH A . 
C 2 HOH 30 2030 2030 HOH HOH A . 
C 2 HOH 31 2031 2031 HOH HOH A . 
C 2 HOH 32 2032 2032 HOH HOH A . 
C 2 HOH 33 2033 2033 HOH HOH A . 
C 2 HOH 34 2034 2034 HOH HOH A . 
C 2 HOH 35 2035 2035 HOH HOH A . 
C 2 HOH 36 2036 2036 HOH HOH A . 
C 2 HOH 37 2037 2037 HOH HOH A . 
C 2 HOH 38 2038 2038 HOH HOH A . 
C 2 HOH 39 2039 2039 HOH HOH A . 
C 2 HOH 40 2040 2040 HOH HOH A . 
C 2 HOH 41 2041 2041 HOH HOH A . 
C 2 HOH 42 2042 2042 HOH HOH A . 
C 2 HOH 43 2043 2043 HOH HOH A . 
C 2 HOH 44 2044 2044 HOH HOH A . 
C 2 HOH 45 2045 2045 HOH HOH A . 
C 2 HOH 46 2046 2046 HOH HOH A . 
C 2 HOH 47 2047 2047 HOH HOH A . 
C 2 HOH 48 2048 2048 HOH HOH A . 
C 2 HOH 49 2049 2049 HOH HOH A . 
C 2 HOH 50 2050 2050 HOH HOH A . 
C 2 HOH 51 2051 2051 HOH HOH A . 
C 2 HOH 52 2052 2052 HOH HOH A . 
C 2 HOH 53 2053 2053 HOH HOH A . 
C 2 HOH 54 2054 2054 HOH HOH A . 
C 2 HOH 55 2055 2055 HOH HOH A . 
C 2 HOH 56 2056 2056 HOH HOH A . 
C 2 HOH 57 2057 2057 HOH HOH A . 
C 2 HOH 58 2058 2058 HOH HOH A . 
C 2 HOH 59 2059 2059 HOH HOH A . 
C 2 HOH 60 2060 2060 HOH HOH A . 
C 2 HOH 61 2061 2061 HOH HOH A . 
C 2 HOH 62 2062 2062 HOH HOH A . 
C 2 HOH 63 2063 2063 HOH HOH A . 
C 2 HOH 64 2064 2064 HOH HOH A . 
D 2 HOH 1  2001 2001 HOH HOH B . 
D 2 HOH 2  2002 2002 HOH HOH B . 
D 2 HOH 3  2003 2003 HOH HOH B . 
D 2 HOH 4  2004 2004 HOH HOH B . 
D 2 HOH 5  2005 2005 HOH HOH B . 
D 2 HOH 6  2006 2006 HOH HOH B . 
D 2 HOH 7  2007 2007 HOH HOH B . 
D 2 HOH 8  2008 2008 HOH HOH B . 
D 2 HOH 9  2009 2009 HOH HOH B . 
D 2 HOH 10 2010 2010 HOH HOH B . 
D 2 HOH 11 2011 2011 HOH HOH B . 
D 2 HOH 12 2012 2012 HOH HOH B . 
D 2 HOH 13 2013 2013 HOH HOH B . 
D 2 HOH 14 2014 2014 HOH HOH B . 
D 2 HOH 15 2015 2015 HOH HOH B . 
D 2 HOH 16 2016 2016 HOH HOH B . 
D 2 HOH 17 2017 2017 HOH HOH B . 
D 2 HOH 18 2018 2018 HOH HOH B . 
D 2 HOH 19 2019 2019 HOH HOH B . 
D 2 HOH 20 2020 2020 HOH HOH B . 
D 2 HOH 21 2021 2021 HOH HOH B . 
D 2 HOH 22 2022 2022 HOH HOH B . 
D 2 HOH 23 2023 2023 HOH HOH B . 
D 2 HOH 24 2024 2024 HOH HOH B . 
D 2 HOH 25 2025 2025 HOH HOH B . 
D 2 HOH 26 2026 2026 HOH HOH B . 
D 2 HOH 27 2027 2027 HOH HOH B . 
D 2 HOH 28 2028 2028 HOH HOH B . 
D 2 HOH 29 2029 2029 HOH HOH B . 
D 2 HOH 30 2030 2030 HOH HOH B . 
D 2 HOH 31 2031 2031 HOH HOH B . 
D 2 HOH 32 2032 2032 HOH HOH B . 
D 2 HOH 33 2033 2033 HOH HOH B . 
D 2 HOH 34 2034 2034 HOH HOH B . 
D 2 HOH 35 2035 2035 HOH HOH B . 
# 
loop_
_software.name 
_software.classification 
_software.version 
_software.citation_id 
_software.pdbx_ordinal 
REFMAC refinement       5.7.0029 ? 1 
MOSFLM 'data reduction' .        ? 2 
SCALA  'data scaling'   .        ? 3 
PHASER phasing          .        ? 4 
# 
_cell.entry_id           3ZIJ 
_cell.length_a           24.700 
_cell.length_b           98.870 
_cell.length_c           25.070 
_cell.angle_alpha        90.00 
_cell.angle_beta         91.79 
_cell.angle_gamma        90.00 
_cell.Z_PDB              4 
_cell.pdbx_unique_axis   ? 
# 
_symmetry.entry_id                         3ZIJ 
_symmetry.space_group_name_H-M             'P 1 21 1' 
_symmetry.pdbx_full_space_group_name_H-M   ? 
_symmetry.cell_setting                     ? 
_symmetry.Int_Tables_number                4 
# 
_exptl.entry_id          3ZIJ 
_exptl.method            'X-RAY DIFFRACTION' 
_exptl.crystals_number   1 
# 
_exptl_crystal.id                    1 
_exptl_crystal.density_meas          ? 
_exptl_crystal.density_Matthews      1.4 
_exptl_crystal.density_percent_sol   29 
_exptl_crystal.description           NONE 
# 
_exptl_crystal_grow.crystal_id      1 
_exptl_crystal_grow.method          ? 
_exptl_crystal_grow.temp            ? 
_exptl_crystal_grow.temp_details    ? 
_exptl_crystal_grow.pH              7.5 
_exptl_crystal_grow.pdbx_pH_range   ? 
_exptl_crystal_grow.pdbx_details    '0.1 M HEPES PH 7.5, 50 MM MGCL2, AND 30 % (W/V) POLYETHYLENE GLYCOL MONOMETHYL ETHER 550' 
# 
_diffrn.id                     1 
_diffrn.ambient_temp           100 
_diffrn.ambient_temp_details   ? 
_diffrn.crystal_id             1 
# 
_diffrn_detector.diffrn_id              1 
_diffrn_detector.detector               PIXEL 
_diffrn_detector.type                   'DECTRIS PILATUS 6M' 
_diffrn_detector.pdbx_collection_date   2011-04-04 
_diffrn_detector.details                ? 
# 
_diffrn_radiation.diffrn_id                        1 
_diffrn_radiation.wavelength_id                    1 
_diffrn_radiation.pdbx_monochromatic_or_laue_m_l   M 
_diffrn_radiation.monochromator                    ? 
_diffrn_radiation.pdbx_diffrn_protocol             'SINGLE WAVELENGTH' 
_diffrn_radiation.pdbx_scattering_type             x-ray 
# 
_diffrn_radiation_wavelength.id           1 
_diffrn_radiation_wavelength.wavelength   0.975948 
_diffrn_radiation_wavelength.wt           1.0 
# 
_diffrn_source.diffrn_id                   1 
_diffrn_source.source                      SYNCHROTRON 
_diffrn_source.type                        'ESRF BEAMLINE ID29' 
_diffrn_source.pdbx_synchrotron_site       ESRF 
_diffrn_source.pdbx_synchrotron_beamline   ID29 
_diffrn_source.pdbx_wavelength             0.975948 
_diffrn_source.pdbx_wavelength_list        ? 
# 
_reflns.pdbx_diffrn_id               1 
_reflns.pdbx_ordinal                 1 
_reflns.entry_id                     3ZIJ 
_reflns.observed_criterion_sigma_I   2.0 
_reflns.observed_criterion_sigma_F   ? 
_reflns.d_resolution_low             33.00 
_reflns.d_resolution_high            1.40 
_reflns.number_obs                   22238 
_reflns.number_all                   ? 
_reflns.percent_possible_obs         94.3 
_reflns.pdbx_Rmerge_I_obs            0.03 
_reflns.pdbx_Rsym_value              ? 
_reflns.pdbx_netI_over_sigmaI        15.00 
_reflns.B_iso_Wilson_estimate        ? 
_reflns.pdbx_redundancy              2.6 
# 
_reflns_shell.pdbx_diffrn_id         1 
_reflns_shell.pdbx_ordinal           1 
_reflns_shell.d_res_high             1.40 
_reflns_shell.d_res_low              1.48 
_reflns_shell.percent_possible_all   93.8 
_reflns_shell.Rmerge_I_obs           0.11 
_reflns_shell.pdbx_Rsym_value        ? 
_reflns_shell.meanI_over_sigI_obs    6.10 
_reflns_shell.pdbx_redundancy        2.6 
# 
_refine.pdbx_refine_id                           'X-RAY DIFFRACTION' 
_refine.entry_id                                 3ZIJ 
_refine.pdbx_diffrn_id                           1 
_refine.pdbx_TLS_residual_ADP_flag               ? 
_refine.ls_number_reflns_obs                     21061 
_refine.ls_number_reflns_all                     ? 
_refine.pdbx_ls_sigma_I                          ? 
_refine.pdbx_ls_sigma_F                          . 
_refine.pdbx_data_cutoff_high_absF               ? 
_refine.pdbx_data_cutoff_low_absF                ? 
_refine.pdbx_data_cutoff_high_rms_absF           ? 
_refine.ls_d_res_low                             32.98 
_refine.ls_d_res_high                            1.40 
_refine.ls_percent_reflns_obs                    94.05 
_refine.ls_R_factor_obs                          0.18881 
_refine.ls_R_factor_all                          ? 
_refine.ls_R_factor_R_work                       0.18787 
_refine.ls_R_factor_R_free                       0.20537 
_refine.ls_R_factor_R_free_error                 ? 
_refine.ls_R_factor_R_free_error_details         ? 
_refine.ls_percent_reflns_R_free                 5.2 
_refine.ls_number_reflns_R_free                  1146 
_refine.ls_number_parameters                     ? 
_refine.ls_number_restraints                     ? 
_refine.occupancy_min                            ? 
_refine.occupancy_max                            ? 
_refine.correlation_coeff_Fo_to_Fc               0.965 
_refine.correlation_coeff_Fo_to_Fc_free          0.957 
_refine.B_iso_mean                               19.879 
_refine.aniso_B[1][1]                            1.59 
_refine.aniso_B[2][2]                            -0.75 
_refine.aniso_B[3][3]                            -0.86 
_refine.aniso_B[1][2]                            0.00 
_refine.aniso_B[1][3]                            0.75 
_refine.aniso_B[2][3]                            0.00 
_refine.solvent_model_details                    MASK 
_refine.solvent_model_param_ksol                 ? 
_refine.solvent_model_param_bsol                 ? 
_refine.pdbx_solvent_vdw_probe_radii             1.20 
_refine.pdbx_solvent_ion_probe_radii             0.80 
_refine.pdbx_solvent_shrinkage_radii             0.80 
_refine.pdbx_ls_cross_valid_method               THROUGHOUT 
_refine.details                                  'HYDROGENS HAVE BEEN ADDED IN THE RIDING POSITIONS.' 
_refine.pdbx_starting_model                      'PDB ENTRY 1R7H' 
_refine.pdbx_method_to_determine_struct          'MOLECULAR REPLACEMENT' 
_refine.pdbx_isotropic_thermal_model             ? 
_refine.pdbx_stereochemistry_target_values       'MAXIMUM LIKELIHOOD' 
_refine.pdbx_stereochem_target_val_spec_case     ? 
_refine.pdbx_R_Free_selection_details            RANDOM 
_refine.pdbx_overall_ESU_R                       0.079 
_refine.pdbx_overall_ESU_R_Free                  0.075 
_refine.overall_SU_ML                            0.053 
_refine.pdbx_overall_phase_error                 ? 
_refine.overall_SU_B                             1.318 
_refine.overall_SU_R_Cruickshank_DPI             ? 
_refine.pdbx_overall_SU_R_free_Cruickshank_DPI   ? 
_refine.pdbx_overall_SU_R_Blow_DPI               ? 
_refine.pdbx_overall_SU_R_free_Blow_DPI          ? 
# 
_refine_hist.pdbx_refine_id                   'X-RAY DIFFRACTION' 
_refine_hist.cycle_id                         LAST 
_refine_hist.pdbx_number_atoms_protein        1205 
_refine_hist.pdbx_number_atoms_nucleic_acid   0 
_refine_hist.pdbx_number_atoms_ligand         0 
_refine_hist.number_atoms_solvent             99 
_refine_hist.number_atoms_total               1304 
_refine_hist.d_res_high                       1.40 
_refine_hist.d_res_low                        32.98 
# 
loop_
_refine_ls_restr.type 
_refine_ls_restr.dev_ideal 
_refine_ls_restr.dev_ideal_target 
_refine_ls_restr.weight 
_refine_ls_restr.number 
_refine_ls_restr.pdbx_refine_id 
_refine_ls_restr.pdbx_restraint_function 
r_bond_refined_d             0.026  0.020  ? 1254 'X-RAY DIFFRACTION' ? 
r_bond_other_d               0.001  0.020  ? 1206 'X-RAY DIFFRACTION' ? 
r_angle_refined_deg          2.435  1.973  ? 1707 'X-RAY DIFFRACTION' ? 
r_angle_other_deg            1.114  3.003  ? 2783 'X-RAY DIFFRACTION' ? 
r_dihedral_angle_1_deg       6.240  5.000  ? 153  'X-RAY DIFFRACTION' ? 
r_dihedral_angle_2_deg       40.078 25.625 ? 64   'X-RAY DIFFRACTION' ? 
r_dihedral_angle_3_deg       15.609 15.000 ? 223  'X-RAY DIFFRACTION' ? 
r_dihedral_angle_4_deg       21.113 15.000 ? 5    'X-RAY DIFFRACTION' ? 
r_chiral_restr               0.148  0.200  ? 192  'X-RAY DIFFRACTION' ? 
r_gen_planes_refined         0.013  0.021  ? 1413 'X-RAY DIFFRACTION' ? 
r_gen_planes_other           0.001  0.020  ? 272  'X-RAY DIFFRACTION' ? 
r_nbd_refined                ?      ?      ? ?    'X-RAY DIFFRACTION' ? 
r_nbd_other                  ?      ?      ? ?    'X-RAY DIFFRACTION' ? 
r_nbtor_refined              ?      ?      ? ?    'X-RAY DIFFRACTION' ? 
r_nbtor_other                ?      ?      ? ?    'X-RAY DIFFRACTION' ? 
r_xyhbond_nbd_refined        ?      ?      ? ?    'X-RAY DIFFRACTION' ? 
r_xyhbond_nbd_other          ?      ?      ? ?    'X-RAY DIFFRACTION' ? 
r_metal_ion_refined          ?      ?      ? ?    'X-RAY DIFFRACTION' ? 
r_metal_ion_other            ?      ?      ? ?    'X-RAY DIFFRACTION' ? 
r_symmetry_vdw_refined       ?      ?      ? ?    'X-RAY DIFFRACTION' ? 
r_symmetry_vdw_other         ?      ?      ? ?    'X-RAY DIFFRACTION' ? 
r_symmetry_hbond_refined     ?      ?      ? ?    'X-RAY DIFFRACTION' ? 
r_symmetry_hbond_other       ?      ?      ? ?    'X-RAY DIFFRACTION' ? 
r_symmetry_metal_ion_refined ?      ?      ? ?    'X-RAY DIFFRACTION' ? 
r_symmetry_metal_ion_other   ?      ?      ? ?    'X-RAY DIFFRACTION' ? 
r_mcbond_it                  ?      ?      ? ?    'X-RAY DIFFRACTION' ? 
r_mcbond_other               ?      ?      ? ?    'X-RAY DIFFRACTION' ? 
r_mcangle_it                 ?      ?      ? ?    'X-RAY DIFFRACTION' ? 
r_mcangle_other              ?      ?      ? ?    'X-RAY DIFFRACTION' ? 
r_scbond_it                  ?      ?      ? ?    'X-RAY DIFFRACTION' ? 
r_scbond_other               ?      ?      ? ?    'X-RAY DIFFRACTION' ? 
r_scangle_it                 ?      ?      ? ?    'X-RAY DIFFRACTION' ? 
r_scangle_other              ?      ?      ? ?    'X-RAY DIFFRACTION' ? 
r_long_range_B_refined       ?      ?      ? ?    'X-RAY DIFFRACTION' ? 
r_long_range_B_other         ?      ?      ? ?    'X-RAY DIFFRACTION' ? 
r_rigid_bond_restr           ?      ?      ? ?    'X-RAY DIFFRACTION' ? 
r_sphericity_free            ?      ?      ? ?    'X-RAY DIFFRACTION' ? 
r_sphericity_bonded          ?      ?      ? ?    'X-RAY DIFFRACTION' ? 
# 
_refine_ls_shell.pdbx_refine_id                   'X-RAY DIFFRACTION' 
_refine_ls_shell.pdbx_total_number_of_bins_used   20 
_refine_ls_shell.d_res_high                       1.400 
_refine_ls_shell.d_res_low                        1.436 
_refine_ls_shell.number_reflns_R_work             1567 
_refine_ls_shell.R_factor_R_work                  0.256 
_refine_ls_shell.percent_reflns_obs               93.76 
_refine_ls_shell.R_factor_R_free                  0.320 
_refine_ls_shell.R_factor_R_free_error            ? 
_refine_ls_shell.percent_reflns_R_free            ? 
_refine_ls_shell.number_reflns_R_free             86 
_refine_ls_shell.number_reflns_all                ? 
_refine_ls_shell.R_factor_all                     ? 
# 
_struct.entry_id                  3ZIJ 
_struct.title                     'Crystal structure of the thioredoxin-like protein BC3987' 
_struct.pdbx_model_details        ? 
_struct.pdbx_CASP_flag            ? 
_struct.pdbx_model_type_details   ? 
# 
_struct_keywords.entry_id        3ZIJ 
_struct_keywords.pdbx_keywords   OXIDOREDUCTASE 
_struct_keywords.text            'OXIDOREDUCTASE, GLUTAREDOXIN, DISULFIDE, TRX, GRX' 
# 
loop_
_struct_asym.id 
_struct_asym.pdbx_blank_PDB_chainid_flag 
_struct_asym.pdbx_modified 
_struct_asym.entity_id 
_struct_asym.details 
A N N 1 ? 
B N N 1 ? 
C N N 2 ? 
D N N 2 ? 
# 
_struct_ref.id                         1 
_struct_ref.db_name                    UNP 
_struct_ref.db_code                    Q819J1_BACCR 
_struct_ref.entity_id                  1 
_struct_ref.pdbx_seq_one_letter_code   ? 
_struct_ref.pdbx_align_begin           ? 
_struct_ref.pdbx_db_accession          Q819J1 
_struct_ref.pdbx_db_isoform            ? 
# 
loop_
_struct_ref_seq.align_id 
_struct_ref_seq.ref_id 
_struct_ref_seq.pdbx_PDB_id_code 
_struct_ref_seq.pdbx_strand_id 
_struct_ref_seq.seq_align_beg 
_struct_ref_seq.pdbx_seq_align_beg_ins_code 
_struct_ref_seq.seq_align_end 
_struct_ref_seq.pdbx_seq_align_end_ins_code 
_struct_ref_seq.pdbx_db_accession 
_struct_ref_seq.db_align_beg 
_struct_ref_seq.pdbx_db_align_beg_ins_code 
_struct_ref_seq.db_align_end 
_struct_ref_seq.pdbx_db_align_end_ins_code 
_struct_ref_seq.pdbx_auth_seq_align_beg 
_struct_ref_seq.pdbx_auth_seq_align_end 
1 1 3ZIJ A 1 ? 78 ? Q819J1 1 ? 78 ? 1 78 
2 1 3ZIJ B 1 ? 78 ? Q819J1 1 ? 78 ? 1 78 
# 
loop_
_pdbx_struct_assembly.id 
_pdbx_struct_assembly.details 
_pdbx_struct_assembly.method_details 
_pdbx_struct_assembly.oligomeric_details 
_pdbx_struct_assembly.oligomeric_count 
1 author_and_software_defined_assembly PISA monomeric 1 
2 author_and_software_defined_assembly PISA monomeric 1 
# 
loop_
_pdbx_struct_assembly_gen.assembly_id 
_pdbx_struct_assembly_gen.oper_expression 
_pdbx_struct_assembly_gen.asym_id_list 
1 1 A,C 
2 1 B,D 
# 
_pdbx_struct_oper_list.id                   1 
_pdbx_struct_oper_list.type                 'identity operation' 
_pdbx_struct_oper_list.name                 1_555 
_pdbx_struct_oper_list.symmetry_operation   x,y,z 
_pdbx_struct_oper_list.matrix[1][1]         1.0000000000 
_pdbx_struct_oper_list.matrix[1][2]         0.0000000000 
_pdbx_struct_oper_list.matrix[1][3]         0.0000000000 
_pdbx_struct_oper_list.vector[1]            0.0000000000 
_pdbx_struct_oper_list.matrix[2][1]         0.0000000000 
_pdbx_struct_oper_list.matrix[2][2]         1.0000000000 
_pdbx_struct_oper_list.matrix[2][3]         0.0000000000 
_pdbx_struct_oper_list.vector[2]            0.0000000000 
_pdbx_struct_oper_list.matrix[3][1]         0.0000000000 
_pdbx_struct_oper_list.matrix[3][2]         0.0000000000 
_pdbx_struct_oper_list.matrix[3][3]         1.0000000000 
_pdbx_struct_oper_list.vector[3]            0.0000000000 
# 
_struct_biol.id   1 
# 
loop_
_struct_conf.conf_type_id 
_struct_conf.id 
_struct_conf.pdbx_PDB_helix_id 
_struct_conf.beg_label_comp_id 
_struct_conf.beg_label_asym_id 
_struct_conf.beg_label_seq_id 
_struct_conf.pdbx_beg_PDB_ins_code 
_struct_conf.end_label_comp_id 
_struct_conf.end_label_asym_id 
_struct_conf.end_label_seq_id 
_struct_conf.pdbx_end_PDB_ins_code 
_struct_conf.beg_auth_comp_id 
_struct_conf.beg_auth_asym_id 
_struct_conf.beg_auth_seq_id 
_struct_conf.end_auth_comp_id 
_struct_conf.end_auth_asym_id 
_struct_conf.end_auth_seq_id 
_struct_conf.pdbx_PDB_helix_class 
_struct_conf.details 
_struct_conf.pdbx_PDB_helix_length 
HELX_P HELX_P1 1 CYS A 12 ? ASN A 25 ? CYS A 12 ASN A 25 1 ? 14 
HELX_P HELX_P2 2 ASP A 37 ? ASP A 47 ? ASP A 37 ASP A 47 1 ? 11 
HELX_P HELX_P3 3 GLN A 67 ? LEU A 75 ? GLN A 67 LEU A 75 1 ? 9  
HELX_P HELX_P4 4 CYS B 12 ? ASN B 25 ? CYS B 12 ASN B 25 1 ? 14 
HELX_P HELX_P5 5 ASP B 37 ? ASP B 47 ? ASP B 37 ASP B 47 1 ? 11 
HELX_P HELX_P6 6 GLN B 67 ? LEU B 75 ? GLN B 67 LEU B 75 1 ? 9  
# 
_struct_conf_type.id          HELX_P 
_struct_conf_type.criteria    ? 
_struct_conf_type.reference   ? 
# 
loop_
_struct_conn.id 
_struct_conn.conn_type_id 
_struct_conn.pdbx_leaving_atom_flag 
_struct_conn.pdbx_PDB_id 
_struct_conn.ptnr1_label_asym_id 
_struct_conn.ptnr1_label_comp_id 
_struct_conn.ptnr1_label_seq_id 
_struct_conn.ptnr1_label_atom_id 
_struct_conn.pdbx_ptnr1_label_alt_id 
_struct_conn.pdbx_ptnr1_PDB_ins_code 
_struct_conn.pdbx_ptnr1_standard_comp_id 
_struct_conn.ptnr1_symmetry 
_struct_conn.ptnr2_label_asym_id 
_struct_conn.ptnr2_label_comp_id 
_struct_conn.ptnr2_label_seq_id 
_struct_conn.ptnr2_label_atom_id 
_struct_conn.pdbx_ptnr2_label_alt_id 
_struct_conn.pdbx_ptnr2_PDB_ins_code 
_struct_conn.ptnr1_auth_asym_id 
_struct_conn.ptnr1_auth_comp_id 
_struct_conn.ptnr1_auth_seq_id 
_struct_conn.ptnr2_auth_asym_id 
_struct_conn.ptnr2_auth_comp_id 
_struct_conn.ptnr2_auth_seq_id 
_struct_conn.ptnr2_symmetry 
_struct_conn.pdbx_ptnr3_label_atom_id 
_struct_conn.pdbx_ptnr3_label_seq_id 
_struct_conn.pdbx_ptnr3_label_comp_id 
_struct_conn.pdbx_ptnr3_label_asym_id 
_struct_conn.pdbx_ptnr3_label_alt_id 
_struct_conn.pdbx_ptnr3_PDB_ins_code 
_struct_conn.details 
_struct_conn.pdbx_dist_value 
_struct_conn.pdbx_value_order 
_struct_conn.pdbx_role 
disulf1 disulf ? ? A CYS 12 SG ? ? ? 1_555 A CYS 15 SG ? ? A CYS 12 A CYS 15 1_555 ? ? ? ? ? ? ? 2.149 ? ? 
disulf2 disulf ? ? B CYS 12 SG ? ? ? 1_555 B CYS 15 SG ? ? B CYS 12 B CYS 15 1_555 ? ? ? ? ? ? ? 2.204 ? ? 
# 
_struct_conn_type.id          disulf 
_struct_conn_type.criteria    ? 
_struct_conn_type.reference   ? 
# 
loop_
_pdbx_modification_feature.ordinal 
_pdbx_modification_feature.label_comp_id 
_pdbx_modification_feature.label_asym_id 
_pdbx_modification_feature.label_seq_id 
_pdbx_modification_feature.label_alt_id 
_pdbx_modification_feature.modified_residue_label_comp_id 
_pdbx_modification_feature.modified_residue_label_asym_id 
_pdbx_modification_feature.modified_residue_label_seq_id 
_pdbx_modification_feature.modified_residue_label_alt_id 
_pdbx_modification_feature.auth_comp_id 
_pdbx_modification_feature.auth_asym_id 
_pdbx_modification_feature.auth_seq_id 
_pdbx_modification_feature.PDB_ins_code 
_pdbx_modification_feature.symmetry 
_pdbx_modification_feature.modified_residue_auth_comp_id 
_pdbx_modification_feature.modified_residue_auth_asym_id 
_pdbx_modification_feature.modified_residue_auth_seq_id 
_pdbx_modification_feature.modified_residue_PDB_ins_code 
_pdbx_modification_feature.modified_residue_symmetry 
_pdbx_modification_feature.comp_id_linking_atom 
_pdbx_modification_feature.modified_residue_id_linking_atom 
_pdbx_modification_feature.modified_residue_id 
_pdbx_modification_feature.ref_pcm_id 
_pdbx_modification_feature.ref_comp_id 
_pdbx_modification_feature.type 
_pdbx_modification_feature.category 
1 CYS A 12 ? CYS A 15 ? CYS A 12 ? 1_555 CYS A 15 ? 1_555 SG SG . . . None 'Disulfide bridge' 
2 CYS B 12 ? CYS B 15 ? CYS B 12 ? 1_555 CYS B 15 ? 1_555 SG SG . . . None 'Disulfide bridge' 
# 
loop_
_struct_mon_prot_cis.pdbx_id 
_struct_mon_prot_cis.label_comp_id 
_struct_mon_prot_cis.label_seq_id 
_struct_mon_prot_cis.label_asym_id 
_struct_mon_prot_cis.label_alt_id 
_struct_mon_prot_cis.pdbx_PDB_ins_code 
_struct_mon_prot_cis.auth_comp_id 
_struct_mon_prot_cis.auth_seq_id 
_struct_mon_prot_cis.auth_asym_id 
_struct_mon_prot_cis.pdbx_label_comp_id_2 
_struct_mon_prot_cis.pdbx_label_seq_id_2 
_struct_mon_prot_cis.pdbx_label_asym_id_2 
_struct_mon_prot_cis.pdbx_PDB_ins_code_2 
_struct_mon_prot_cis.pdbx_auth_comp_id_2 
_struct_mon_prot_cis.pdbx_auth_seq_id_2 
_struct_mon_prot_cis.pdbx_auth_asym_id_2 
_struct_mon_prot_cis.pdbx_PDB_model_num 
_struct_mon_prot_cis.pdbx_omega_angle 
1 THR 53 A . ? THR 53 A PRO 54 A ? PRO 54 A 1 -3.86 
2 THR 53 B . ? THR 53 B PRO 54 B ? PRO 54 B 1 -8.15 
# 
loop_
_struct_sheet.id 
_struct_sheet.type 
_struct_sheet.number_strands 
_struct_sheet.details 
AA ? 4 ? 
BA ? 4 ? 
# 
loop_
_struct_sheet_order.sheet_id 
_struct_sheet_order.range_id_1 
_struct_sheet_order.range_id_2 
_struct_sheet_order.offset 
_struct_sheet_order.sense 
AA 1 2 ? parallel      
AA 2 3 ? anti-parallel 
AA 3 4 ? anti-parallel 
BA 1 2 ? parallel      
BA 2 3 ? anti-parallel 
BA 3 4 ? anti-parallel 
# 
loop_
_struct_sheet_range.sheet_id 
_struct_sheet_range.id 
_struct_sheet_range.beg_label_comp_id 
_struct_sheet_range.beg_label_asym_id 
_struct_sheet_range.beg_label_seq_id 
_struct_sheet_range.pdbx_beg_PDB_ins_code 
_struct_sheet_range.end_label_comp_id 
_struct_sheet_range.end_label_asym_id 
_struct_sheet_range.end_label_seq_id 
_struct_sheet_range.pdbx_end_PDB_ins_code 
_struct_sheet_range.beg_auth_comp_id 
_struct_sheet_range.beg_auth_asym_id 
_struct_sheet_range.beg_auth_seq_id 
_struct_sheet_range.end_auth_comp_id 
_struct_sheet_range.end_auth_asym_id 
_struct_sheet_range.end_auth_seq_id 
AA 1 GLU A 30 ? ASP A 33 ? GLU A 30 ASP A 33 
AA 2 ILE A 4  ? THR A 8  ? ILE A 4  THR A 8  
AA 3 THR A 55 ? ILE A 58 ? THR A 55 ILE A 58 
AA 4 GLU A 61 ? ALA A 64 ? GLU A 61 ALA A 64 
BA 1 GLU B 30 ? ASP B 33 ? GLU B 30 ASP B 33 
BA 2 ILE B 4  ? THR B 8  ? ILE B 4  THR B 8  
BA 3 THR B 55 ? ILE B 58 ? THR B 55 ILE B 58 
BA 4 GLU B 61 ? ALA B 64 ? GLU B 61 ALA B 64 
# 
loop_
_pdbx_struct_sheet_hbond.sheet_id 
_pdbx_struct_sheet_hbond.range_id_1 
_pdbx_struct_sheet_hbond.range_id_2 
_pdbx_struct_sheet_hbond.range_1_label_atom_id 
_pdbx_struct_sheet_hbond.range_1_label_comp_id 
_pdbx_struct_sheet_hbond.range_1_label_asym_id 
_pdbx_struct_sheet_hbond.range_1_label_seq_id 
_pdbx_struct_sheet_hbond.range_1_PDB_ins_code 
_pdbx_struct_sheet_hbond.range_1_auth_atom_id 
_pdbx_struct_sheet_hbond.range_1_auth_comp_id 
_pdbx_struct_sheet_hbond.range_1_auth_asym_id 
_pdbx_struct_sheet_hbond.range_1_auth_seq_id 
_pdbx_struct_sheet_hbond.range_2_label_atom_id 
_pdbx_struct_sheet_hbond.range_2_label_comp_id 
_pdbx_struct_sheet_hbond.range_2_label_asym_id 
_pdbx_struct_sheet_hbond.range_2_label_seq_id 
_pdbx_struct_sheet_hbond.range_2_PDB_ins_code 
_pdbx_struct_sheet_hbond.range_2_auth_atom_id 
_pdbx_struct_sheet_hbond.range_2_auth_comp_id 
_pdbx_struct_sheet_hbond.range_2_auth_asym_id 
_pdbx_struct_sheet_hbond.range_2_auth_seq_id 
AA 1 2 N GLU A 30 ? N GLU A 30 O ILE A 4  ? O ILE A 4  
AA 2 3 N TYR A 7  ? N TYR A 7  O THR A 55 ? O THR A 55 
AA 3 4 N ILE A 58 ? N ILE A 58 O GLU A 61 ? O GLU A 61 
BA 1 2 N GLU B 30 ? N GLU B 30 O ILE B 4  ? O ILE B 4  
BA 2 3 N TYR B 7  ? N TYR B 7  O THR B 55 ? O THR B 55 
BA 3 4 N ILE B 58 ? N ILE B 58 O GLU B 61 ? O GLU B 61 
# 
_pdbx_entry_details.entry_id                   3ZIJ 
_pdbx_entry_details.compound_details           ? 
_pdbx_entry_details.source_details             ? 
_pdbx_entry_details.nonpolymer_details         ? 
_pdbx_entry_details.sequence_details           ? 
_pdbx_entry_details.has_ligand_of_interest     ? 
_pdbx_entry_details.has_protein_modification   Y 
# 
_pdbx_validate_symm_contact.id                1 
_pdbx_validate_symm_contact.PDB_model_num     1 
_pdbx_validate_symm_contact.auth_atom_id_1    NZ 
_pdbx_validate_symm_contact.auth_asym_id_1    A 
_pdbx_validate_symm_contact.auth_comp_id_1    LYS 
_pdbx_validate_symm_contact.auth_seq_id_1     3 
_pdbx_validate_symm_contact.PDB_ins_code_1    ? 
_pdbx_validate_symm_contact.label_alt_id_1    ? 
_pdbx_validate_symm_contact.site_symmetry_1   1_555 
_pdbx_validate_symm_contact.auth_atom_id_2    O 
_pdbx_validate_symm_contact.auth_asym_id_2    A 
_pdbx_validate_symm_contact.auth_comp_id_2    HOH 
_pdbx_validate_symm_contact.auth_seq_id_2     2038 
_pdbx_validate_symm_contact.PDB_ins_code_2    ? 
_pdbx_validate_symm_contact.label_alt_id_2    ? 
_pdbx_validate_symm_contact.site_symmetry_2   1_556 
_pdbx_validate_symm_contact.dist              1.55 
# 
_pdbx_validate_rmsd_bond.id                        1 
_pdbx_validate_rmsd_bond.PDB_model_num             1 
_pdbx_validate_rmsd_bond.auth_atom_id_1            N 
_pdbx_validate_rmsd_bond.auth_asym_id_1            A 
_pdbx_validate_rmsd_bond.auth_comp_id_1            ASN 
_pdbx_validate_rmsd_bond.auth_seq_id_1             76 
_pdbx_validate_rmsd_bond.PDB_ins_code_1            ? 
_pdbx_validate_rmsd_bond.label_alt_id_1            ? 
_pdbx_validate_rmsd_bond.auth_atom_id_2            CA 
_pdbx_validate_rmsd_bond.auth_asym_id_2            A 
_pdbx_validate_rmsd_bond.auth_comp_id_2            ASN 
_pdbx_validate_rmsd_bond.auth_seq_id_2             76 
_pdbx_validate_rmsd_bond.PDB_ins_code_2            ? 
_pdbx_validate_rmsd_bond.label_alt_id_2            ? 
_pdbx_validate_rmsd_bond.bond_value                1.680 
_pdbx_validate_rmsd_bond.bond_target_value         1.459 
_pdbx_validate_rmsd_bond.bond_deviation            0.221 
_pdbx_validate_rmsd_bond.bond_standard_deviation   0.020 
_pdbx_validate_rmsd_bond.linker_flag               N 
# 
loop_
_pdbx_validate_rmsd_angle.id 
_pdbx_validate_rmsd_angle.PDB_model_num 
_pdbx_validate_rmsd_angle.auth_atom_id_1 
_pdbx_validate_rmsd_angle.auth_asym_id_1 
_pdbx_validate_rmsd_angle.auth_comp_id_1 
_pdbx_validate_rmsd_angle.auth_seq_id_1 
_pdbx_validate_rmsd_angle.PDB_ins_code_1 
_pdbx_validate_rmsd_angle.label_alt_id_1 
_pdbx_validate_rmsd_angle.auth_atom_id_2 
_pdbx_validate_rmsd_angle.auth_asym_id_2 
_pdbx_validate_rmsd_angle.auth_comp_id_2 
_pdbx_validate_rmsd_angle.auth_seq_id_2 
_pdbx_validate_rmsd_angle.PDB_ins_code_2 
_pdbx_validate_rmsd_angle.label_alt_id_2 
_pdbx_validate_rmsd_angle.auth_atom_id_3 
_pdbx_validate_rmsd_angle.auth_asym_id_3 
_pdbx_validate_rmsd_angle.auth_comp_id_3 
_pdbx_validate_rmsd_angle.auth_seq_id_3 
_pdbx_validate_rmsd_angle.PDB_ins_code_3 
_pdbx_validate_rmsd_angle.label_alt_id_3 
_pdbx_validate_rmsd_angle.angle_value 
_pdbx_validate_rmsd_angle.angle_target_value 
_pdbx_validate_rmsd_angle.angle_deviation 
_pdbx_validate_rmsd_angle.angle_standard_deviation 
_pdbx_validate_rmsd_angle.linker_flag 
1 1 NE A ARG 41 ? A CZ A ARG 41 ? A NH1 A ARG 41 ? A 124.08 120.30 3.78   0.50 N 
2 1 NE A ARG 41 ? A CZ A ARG 41 ? A NH2 A ARG 41 ? A 116.57 120.30 -3.73  0.50 N 
3 1 CB A ASP 49 ? ? CG A ASP 49 ? ? OD2 A ASP 49 ? ? 112.42 118.30 -5.88  0.90 N 
4 1 O  A LEU 75 ? ? C  A LEU 75 ? ? N   A ASN 76 ? ? 112.18 122.70 -10.52 1.60 Y 
5 1 C  A LEU 75 ? ? N  A ASN 76 ? ? CA  A ASN 76 ? ? 91.80  121.70 -29.90 2.50 Y 
6 1 NE B ARG 43 ? ? CZ B ARG 43 ? ? NH1 B ARG 43 ? ? 125.41 120.30 5.11   0.50 N 
# 
loop_
_pdbx_unobs_or_zero_occ_residues.id 
_pdbx_unobs_or_zero_occ_residues.PDB_model_num 
_pdbx_unobs_or_zero_occ_residues.polymer_flag 
_pdbx_unobs_or_zero_occ_residues.occupancy_flag 
_pdbx_unobs_or_zero_occ_residues.auth_asym_id 
_pdbx_unobs_or_zero_occ_residues.auth_comp_id 
_pdbx_unobs_or_zero_occ_residues.auth_seq_id 
_pdbx_unobs_or_zero_occ_residues.PDB_ins_code 
_pdbx_unobs_or_zero_occ_residues.label_asym_id 
_pdbx_unobs_or_zero_occ_residues.label_comp_id 
_pdbx_unobs_or_zero_occ_residues.label_seq_id 
1 1 Y 1 A ILE 77 ? A ILE 77 
2 1 Y 1 A GLU 78 ? A GLU 78 
3 1 Y 1 B MET 1  ? B MET 1  
4 1 Y 1 B LYS 2  ? B LYS 2  
5 1 Y 1 B ASN 76 ? B ASN 76 
6 1 Y 1 B ILE 77 ? B ILE 77 
7 1 Y 1 B GLU 78 ? B GLU 78 
# 
loop_
_chem_comp_atom.comp_id 
_chem_comp_atom.atom_id 
_chem_comp_atom.type_symbol 
_chem_comp_atom.pdbx_aromatic_flag 
_chem_comp_atom.pdbx_stereo_config 
_chem_comp_atom.pdbx_ordinal 
ALA N    N N N 1   
ALA CA   C N S 2   
ALA C    C N N 3   
ALA O    O N N 4   
ALA CB   C N N 5   
ALA OXT  O N N 6   
ALA H    H N N 7   
ALA H2   H N N 8   
ALA HA   H N N 9   
ALA HB1  H N N 10  
ALA HB2  H N N 11  
ALA HB3  H N N 12  
ALA HXT  H N N 13  
ARG N    N N N 14  
ARG CA   C N S 15  
ARG C    C N N 16  
ARG O    O N N 17  
ARG CB   C N N 18  
ARG CG   C N N 19  
ARG CD   C N N 20  
ARG NE   N N N 21  
ARG CZ   C N N 22  
ARG NH1  N N N 23  
ARG NH2  N N N 24  
ARG OXT  O N N 25  
ARG H    H N N 26  
ARG H2   H N N 27  
ARG HA   H N N 28  
ARG HB2  H N N 29  
ARG HB3  H N N 30  
ARG HG2  H N N 31  
ARG HG3  H N N 32  
ARG HD2  H N N 33  
ARG HD3  H N N 34  
ARG HE   H N N 35  
ARG HH11 H N N 36  
ARG HH12 H N N 37  
ARG HH21 H N N 38  
ARG HH22 H N N 39  
ARG HXT  H N N 40  
ASN N    N N N 41  
ASN CA   C N S 42  
ASN C    C N N 43  
ASN O    O N N 44  
ASN CB   C N N 45  
ASN CG   C N N 46  
ASN OD1  O N N 47  
ASN ND2  N N N 48  
ASN OXT  O N N 49  
ASN H    H N N 50  
ASN H2   H N N 51  
ASN HA   H N N 52  
ASN HB2  H N N 53  
ASN HB3  H N N 54  
ASN HD21 H N N 55  
ASN HD22 H N N 56  
ASN HXT  H N N 57  
ASP N    N N N 58  
ASP CA   C N S 59  
ASP C    C N N 60  
ASP O    O N N 61  
ASP CB   C N N 62  
ASP CG   C N N 63  
ASP OD1  O N N 64  
ASP OD2  O N N 65  
ASP OXT  O N N 66  
ASP H    H N N 67  
ASP H2   H N N 68  
ASP HA   H N N 69  
ASP HB2  H N N 70  
ASP HB3  H N N 71  
ASP HD2  H N N 72  
ASP HXT  H N N 73  
CYS N    N N N 74  
CYS CA   C N R 75  
CYS C    C N N 76  
CYS O    O N N 77  
CYS CB   C N N 78  
CYS SG   S N N 79  
CYS OXT  O N N 80  
CYS H    H N N 81  
CYS H2   H N N 82  
CYS HA   H N N 83  
CYS HB2  H N N 84  
CYS HB3  H N N 85  
CYS HG   H N N 86  
CYS HXT  H N N 87  
GLN N    N N N 88  
GLN CA   C N S 89  
GLN C    C N N 90  
GLN O    O N N 91  
GLN CB   C N N 92  
GLN CG   C N N 93  
GLN CD   C N N 94  
GLN OE1  O N N 95  
GLN NE2  N N N 96  
GLN OXT  O N N 97  
GLN H    H N N 98  
GLN H2   H N N 99  
GLN HA   H N N 100 
GLN HB2  H N N 101 
GLN HB3  H N N 102 
GLN HG2  H N N 103 
GLN HG3  H N N 104 
GLN HE21 H N N 105 
GLN HE22 H N N 106 
GLN HXT  H N N 107 
GLU N    N N N 108 
GLU CA   C N S 109 
GLU C    C N N 110 
GLU O    O N N 111 
GLU CB   C N N 112 
GLU CG   C N N 113 
GLU CD   C N N 114 
GLU OE1  O N N 115 
GLU OE2  O N N 116 
GLU OXT  O N N 117 
GLU H    H N N 118 
GLU H2   H N N 119 
GLU HA   H N N 120 
GLU HB2  H N N 121 
GLU HB3  H N N 122 
GLU HG2  H N N 123 
GLU HG3  H N N 124 
GLU HE2  H N N 125 
GLU HXT  H N N 126 
GLY N    N N N 127 
GLY CA   C N N 128 
GLY C    C N N 129 
GLY O    O N N 130 
GLY OXT  O N N 131 
GLY H    H N N 132 
GLY H2   H N N 133 
GLY HA2  H N N 134 
GLY HA3  H N N 135 
GLY HXT  H N N 136 
HIS N    N N N 137 
HIS CA   C N S 138 
HIS C    C N N 139 
HIS O    O N N 140 
HIS CB   C N N 141 
HIS CG   C Y N 142 
HIS ND1  N Y N 143 
HIS CD2  C Y N 144 
HIS CE1  C Y N 145 
HIS NE2  N Y N 146 
HIS OXT  O N N 147 
HIS H    H N N 148 
HIS H2   H N N 149 
HIS HA   H N N 150 
HIS HB2  H N N 151 
HIS HB3  H N N 152 
HIS HD1  H N N 153 
HIS HD2  H N N 154 
HIS HE1  H N N 155 
HIS HE2  H N N 156 
HIS HXT  H N N 157 
HOH O    O N N 158 
HOH H1   H N N 159 
HOH H2   H N N 160 
ILE N    N N N 161 
ILE CA   C N S 162 
ILE C    C N N 163 
ILE O    O N N 164 
ILE CB   C N S 165 
ILE CG1  C N N 166 
ILE CG2  C N N 167 
ILE CD1  C N N 168 
ILE OXT  O N N 169 
ILE H    H N N 170 
ILE H2   H N N 171 
ILE HA   H N N 172 
ILE HB   H N N 173 
ILE HG12 H N N 174 
ILE HG13 H N N 175 
ILE HG21 H N N 176 
ILE HG22 H N N 177 
ILE HG23 H N N 178 
ILE HD11 H N N 179 
ILE HD12 H N N 180 
ILE HD13 H N N 181 
ILE HXT  H N N 182 
LEU N    N N N 183 
LEU CA   C N S 184 
LEU C    C N N 185 
LEU O    O N N 186 
LEU CB   C N N 187 
LEU CG   C N N 188 
LEU CD1  C N N 189 
LEU CD2  C N N 190 
LEU OXT  O N N 191 
LEU H    H N N 192 
LEU H2   H N N 193 
LEU HA   H N N 194 
LEU HB2  H N N 195 
LEU HB3  H N N 196 
LEU HG   H N N 197 
LEU HD11 H N N 198 
LEU HD12 H N N 199 
LEU HD13 H N N 200 
LEU HD21 H N N 201 
LEU HD22 H N N 202 
LEU HD23 H N N 203 
LEU HXT  H N N 204 
LYS N    N N N 205 
LYS CA   C N S 206 
LYS C    C N N 207 
LYS O    O N N 208 
LYS CB   C N N 209 
LYS CG   C N N 210 
LYS CD   C N N 211 
LYS CE   C N N 212 
LYS NZ   N N N 213 
LYS OXT  O N N 214 
LYS H    H N N 215 
LYS H2   H N N 216 
LYS HA   H N N 217 
LYS HB2  H N N 218 
LYS HB3  H N N 219 
LYS HG2  H N N 220 
LYS HG3  H N N 221 
LYS HD2  H N N 222 
LYS HD3  H N N 223 
LYS HE2  H N N 224 
LYS HE3  H N N 225 
LYS HZ1  H N N 226 
LYS HZ2  H N N 227 
LYS HZ3  H N N 228 
LYS HXT  H N N 229 
MET N    N N N 230 
MET CA   C N S 231 
MET C    C N N 232 
MET O    O N N 233 
MET CB   C N N 234 
MET CG   C N N 235 
MET SD   S N N 236 
MET CE   C N N 237 
MET OXT  O N N 238 
MET H    H N N 239 
MET H2   H N N 240 
MET HA   H N N 241 
MET HB2  H N N 242 
MET HB3  H N N 243 
MET HG2  H N N 244 
MET HG3  H N N 245 
MET HE1  H N N 246 
MET HE2  H N N 247 
MET HE3  H N N 248 
MET HXT  H N N 249 
PHE N    N N N 250 
PHE CA   C N S 251 
PHE C    C N N 252 
PHE O    O N N 253 
PHE CB   C N N 254 
PHE CG   C Y N 255 
PHE CD1  C Y N 256 
PHE CD2  C Y N 257 
PHE CE1  C Y N 258 
PHE CE2  C Y N 259 
PHE CZ   C Y N 260 
PHE OXT  O N N 261 
PHE H    H N N 262 
PHE H2   H N N 263 
PHE HA   H N N 264 
PHE HB2  H N N 265 
PHE HB3  H N N 266 
PHE HD1  H N N 267 
PHE HD2  H N N 268 
PHE HE1  H N N 269 
PHE HE2  H N N 270 
PHE HZ   H N N 271 
PHE HXT  H N N 272 
PRO N    N N N 273 
PRO CA   C N S 274 
PRO C    C N N 275 
PRO O    O N N 276 
PRO CB   C N N 277 
PRO CG   C N N 278 
PRO CD   C N N 279 
PRO OXT  O N N 280 
PRO H    H N N 281 
PRO HA   H N N 282 
PRO HB2  H N N 283 
PRO HB3  H N N 284 
PRO HG2  H N N 285 
PRO HG3  H N N 286 
PRO HD2  H N N 287 
PRO HD3  H N N 288 
PRO HXT  H N N 289 
SER N    N N N 290 
SER CA   C N S 291 
SER C    C N N 292 
SER O    O N N 293 
SER CB   C N N 294 
SER OG   O N N 295 
SER OXT  O N N 296 
SER H    H N N 297 
SER H2   H N N 298 
SER HA   H N N 299 
SER HB2  H N N 300 
SER HB3  H N N 301 
SER HG   H N N 302 
SER HXT  H N N 303 
THR N    N N N 304 
THR CA   C N S 305 
THR C    C N N 306 
THR O    O N N 307 
THR CB   C N R 308 
THR OG1  O N N 309 
THR CG2  C N N 310 
THR OXT  O N N 311 
THR H    H N N 312 
THR H2   H N N 313 
THR HA   H N N 314 
THR HB   H N N 315 
THR HG1  H N N 316 
THR HG21 H N N 317 
THR HG22 H N N 318 
THR HG23 H N N 319 
THR HXT  H N N 320 
TYR N    N N N 321 
TYR CA   C N S 322 
TYR C    C N N 323 
TYR O    O N N 324 
TYR CB   C N N 325 
TYR CG   C Y N 326 
TYR CD1  C Y N 327 
TYR CD2  C Y N 328 
TYR CE1  C Y N 329 
TYR CE2  C Y N 330 
TYR CZ   C Y N 331 
TYR OH   O N N 332 
TYR OXT  O N N 333 
TYR H    H N N 334 
TYR H2   H N N 335 
TYR HA   H N N 336 
TYR HB2  H N N 337 
TYR HB3  H N N 338 
TYR HD1  H N N 339 
TYR HD2  H N N 340 
TYR HE1  H N N 341 
TYR HE2  H N N 342 
TYR HH   H N N 343 
TYR HXT  H N N 344 
VAL N    N N N 345 
VAL CA   C N S 346 
VAL C    C N N 347 
VAL O    O N N 348 
VAL CB   C N N 349 
VAL CG1  C N N 350 
VAL CG2  C N N 351 
VAL OXT  O N N 352 
VAL H    H N N 353 
VAL H2   H N N 354 
VAL HA   H N N 355 
VAL HB   H N N 356 
VAL HG11 H N N 357 
VAL HG12 H N N 358 
VAL HG13 H N N 359 
VAL HG21 H N N 360 
VAL HG22 H N N 361 
VAL HG23 H N N 362 
VAL HXT  H N N 363 
# 
loop_
_chem_comp_bond.comp_id 
_chem_comp_bond.atom_id_1 
_chem_comp_bond.atom_id_2 
_chem_comp_bond.value_order 
_chem_comp_bond.pdbx_aromatic_flag 
_chem_comp_bond.pdbx_stereo_config 
_chem_comp_bond.pdbx_ordinal 
ALA N   CA   sing N N 1   
ALA N   H    sing N N 2   
ALA N   H2   sing N N 3   
ALA CA  C    sing N N 4   
ALA CA  CB   sing N N 5   
ALA CA  HA   sing N N 6   
ALA C   O    doub N N 7   
ALA C   OXT  sing N N 8   
ALA CB  HB1  sing N N 9   
ALA CB  HB2  sing N N 10  
ALA CB  HB3  sing N N 11  
ALA OXT HXT  sing N N 12  
ARG N   CA   sing N N 13  
ARG N   H    sing N N 14  
ARG N   H2   sing N N 15  
ARG CA  C    sing N N 16  
ARG CA  CB   sing N N 17  
ARG CA  HA   sing N N 18  
ARG C   O    doub N N 19  
ARG C   OXT  sing N N 20  
ARG CB  CG   sing N N 21  
ARG CB  HB2  sing N N 22  
ARG CB  HB3  sing N N 23  
ARG CG  CD   sing N N 24  
ARG CG  HG2  sing N N 25  
ARG CG  HG3  sing N N 26  
ARG CD  NE   sing N N 27  
ARG CD  HD2  sing N N 28  
ARG CD  HD3  sing N N 29  
ARG NE  CZ   sing N N 30  
ARG NE  HE   sing N N 31  
ARG CZ  NH1  sing N N 32  
ARG CZ  NH2  doub N N 33  
ARG NH1 HH11 sing N N 34  
ARG NH1 HH12 sing N N 35  
ARG NH2 HH21 sing N N 36  
ARG NH2 HH22 sing N N 37  
ARG OXT HXT  sing N N 38  
ASN N   CA   sing N N 39  
ASN N   H    sing N N 40  
ASN N   H2   sing N N 41  
ASN CA  C    sing N N 42  
ASN CA  CB   sing N N 43  
ASN CA  HA   sing N N 44  
ASN C   O    doub N N 45  
ASN C   OXT  sing N N 46  
ASN CB  CG   sing N N 47  
ASN CB  HB2  sing N N 48  
ASN CB  HB3  sing N N 49  
ASN CG  OD1  doub N N 50  
ASN CG  ND2  sing N N 51  
ASN ND2 HD21 sing N N 52  
ASN ND2 HD22 sing N N 53  
ASN OXT HXT  sing N N 54  
ASP N   CA   sing N N 55  
ASP N   H    sing N N 56  
ASP N   H2   sing N N 57  
ASP CA  C    sing N N 58  
ASP CA  CB   sing N N 59  
ASP CA  HA   sing N N 60  
ASP C   O    doub N N 61  
ASP C   OXT  sing N N 62  
ASP CB  CG   sing N N 63  
ASP CB  HB2  sing N N 64  
ASP CB  HB3  sing N N 65  
ASP CG  OD1  doub N N 66  
ASP CG  OD2  sing N N 67  
ASP OD2 HD2  sing N N 68  
ASP OXT HXT  sing N N 69  
CYS N   CA   sing N N 70  
CYS N   H    sing N N 71  
CYS N   H2   sing N N 72  
CYS CA  C    sing N N 73  
CYS CA  CB   sing N N 74  
CYS CA  HA   sing N N 75  
CYS C   O    doub N N 76  
CYS C   OXT  sing N N 77  
CYS CB  SG   sing N N 78  
CYS CB  HB2  sing N N 79  
CYS CB  HB3  sing N N 80  
CYS SG  HG   sing N N 81  
CYS OXT HXT  sing N N 82  
GLN N   CA   sing N N 83  
GLN N   H    sing N N 84  
GLN N   H2   sing N N 85  
GLN CA  C    sing N N 86  
GLN CA  CB   sing N N 87  
GLN CA  HA   sing N N 88  
GLN C   O    doub N N 89  
GLN C   OXT  sing N N 90  
GLN CB  CG   sing N N 91  
GLN CB  HB2  sing N N 92  
GLN CB  HB3  sing N N 93  
GLN CG  CD   sing N N 94  
GLN CG  HG2  sing N N 95  
GLN CG  HG3  sing N N 96  
GLN CD  OE1  doub N N 97  
GLN CD  NE2  sing N N 98  
GLN NE2 HE21 sing N N 99  
GLN NE2 HE22 sing N N 100 
GLN OXT HXT  sing N N 101 
GLU N   CA   sing N N 102 
GLU N   H    sing N N 103 
GLU N   H2   sing N N 104 
GLU CA  C    sing N N 105 
GLU CA  CB   sing N N 106 
GLU CA  HA   sing N N 107 
GLU C   O    doub N N 108 
GLU C   OXT  sing N N 109 
GLU CB  CG   sing N N 110 
GLU CB  HB2  sing N N 111 
GLU CB  HB3  sing N N 112 
GLU CG  CD   sing N N 113 
GLU CG  HG2  sing N N 114 
GLU CG  HG3  sing N N 115 
GLU CD  OE1  doub N N 116 
GLU CD  OE2  sing N N 117 
GLU OE2 HE2  sing N N 118 
GLU OXT HXT  sing N N 119 
GLY N   CA   sing N N 120 
GLY N   H    sing N N 121 
GLY N   H2   sing N N 122 
GLY CA  C    sing N N 123 
GLY CA  HA2  sing N N 124 
GLY CA  HA3  sing N N 125 
GLY C   O    doub N N 126 
GLY C   OXT  sing N N 127 
GLY OXT HXT  sing N N 128 
HIS N   CA   sing N N 129 
HIS N   H    sing N N 130 
HIS N   H2   sing N N 131 
HIS CA  C    sing N N 132 
HIS CA  CB   sing N N 133 
HIS CA  HA   sing N N 134 
HIS C   O    doub N N 135 
HIS C   OXT  sing N N 136 
HIS CB  CG   sing N N 137 
HIS CB  HB2  sing N N 138 
HIS CB  HB3  sing N N 139 
HIS CG  ND1  sing Y N 140 
HIS CG  CD2  doub Y N 141 
HIS ND1 CE1  doub Y N 142 
HIS ND1 HD1  sing N N 143 
HIS CD2 NE2  sing Y N 144 
HIS CD2 HD2  sing N N 145 
HIS CE1 NE2  sing Y N 146 
HIS CE1 HE1  sing N N 147 
HIS NE2 HE2  sing N N 148 
HIS OXT HXT  sing N N 149 
HOH O   H1   sing N N 150 
HOH O   H2   sing N N 151 
ILE N   CA   sing N N 152 
ILE N   H    sing N N 153 
ILE N   H2   sing N N 154 
ILE CA  C    sing N N 155 
ILE CA  CB   sing N N 156 
ILE CA  HA   sing N N 157 
ILE C   O    doub N N 158 
ILE C   OXT  sing N N 159 
ILE CB  CG1  sing N N 160 
ILE CB  CG2  sing N N 161 
ILE CB  HB   sing N N 162 
ILE CG1 CD1  sing N N 163 
ILE CG1 HG12 sing N N 164 
ILE CG1 HG13 sing N N 165 
ILE CG2 HG21 sing N N 166 
ILE CG2 HG22 sing N N 167 
ILE CG2 HG23 sing N N 168 
ILE CD1 HD11 sing N N 169 
ILE CD1 HD12 sing N N 170 
ILE CD1 HD13 sing N N 171 
ILE OXT HXT  sing N N 172 
LEU N   CA   sing N N 173 
LEU N   H    sing N N 174 
LEU N   H2   sing N N 175 
LEU CA  C    sing N N 176 
LEU CA  CB   sing N N 177 
LEU CA  HA   sing N N 178 
LEU C   O    doub N N 179 
LEU C   OXT  sing N N 180 
LEU CB  CG   sing N N 181 
LEU CB  HB2  sing N N 182 
LEU CB  HB3  sing N N 183 
LEU CG  CD1  sing N N 184 
LEU CG  CD2  sing N N 185 
LEU CG  HG   sing N N 186 
LEU CD1 HD11 sing N N 187 
LEU CD1 HD12 sing N N 188 
LEU CD1 HD13 sing N N 189 
LEU CD2 HD21 sing N N 190 
LEU CD2 HD22 sing N N 191 
LEU CD2 HD23 sing N N 192 
LEU OXT HXT  sing N N 193 
LYS N   CA   sing N N 194 
LYS N   H    sing N N 195 
LYS N   H2   sing N N 196 
LYS CA  C    sing N N 197 
LYS CA  CB   sing N N 198 
LYS CA  HA   sing N N 199 
LYS C   O    doub N N 200 
LYS C   OXT  sing N N 201 
LYS CB  CG   sing N N 202 
LYS CB  HB2  sing N N 203 
LYS CB  HB3  sing N N 204 
LYS CG  CD   sing N N 205 
LYS CG  HG2  sing N N 206 
LYS CG  HG3  sing N N 207 
LYS CD  CE   sing N N 208 
LYS CD  HD2  sing N N 209 
LYS CD  HD3  sing N N 210 
LYS CE  NZ   sing N N 211 
LYS CE  HE2  sing N N 212 
LYS CE  HE3  sing N N 213 
LYS NZ  HZ1  sing N N 214 
LYS NZ  HZ2  sing N N 215 
LYS NZ  HZ3  sing N N 216 
LYS OXT HXT  sing N N 217 
MET N   CA   sing N N 218 
MET N   H    sing N N 219 
MET N   H2   sing N N 220 
MET CA  C    sing N N 221 
MET CA  CB   sing N N 222 
MET CA  HA   sing N N 223 
MET C   O    doub N N 224 
MET C   OXT  sing N N 225 
MET CB  CG   sing N N 226 
MET CB  HB2  sing N N 227 
MET CB  HB3  sing N N 228 
MET CG  SD   sing N N 229 
MET CG  HG2  sing N N 230 
MET CG  HG3  sing N N 231 
MET SD  CE   sing N N 232 
MET CE  HE1  sing N N 233 
MET CE  HE2  sing N N 234 
MET CE  HE3  sing N N 235 
MET OXT HXT  sing N N 236 
PHE N   CA   sing N N 237 
PHE N   H    sing N N 238 
PHE N   H2   sing N N 239 
PHE CA  C    sing N N 240 
PHE CA  CB   sing N N 241 
PHE CA  HA   sing N N 242 
PHE C   O    doub N N 243 
PHE C   OXT  sing N N 244 
PHE CB  CG   sing N N 245 
PHE CB  HB2  sing N N 246 
PHE CB  HB3  sing N N 247 
PHE CG  CD1  doub Y N 248 
PHE CG  CD2  sing Y N 249 
PHE CD1 CE1  sing Y N 250 
PHE CD1 HD1  sing N N 251 
PHE CD2 CE2  doub Y N 252 
PHE CD2 HD2  sing N N 253 
PHE CE1 CZ   doub Y N 254 
PHE CE1 HE1  sing N N 255 
PHE CE2 CZ   sing Y N 256 
PHE CE2 HE2  sing N N 257 
PHE CZ  HZ   sing N N 258 
PHE OXT HXT  sing N N 259 
PRO N   CA   sing N N 260 
PRO N   CD   sing N N 261 
PRO N   H    sing N N 262 
PRO CA  C    sing N N 263 
PRO CA  CB   sing N N 264 
PRO CA  HA   sing N N 265 
PRO C   O    doub N N 266 
PRO C   OXT  sing N N 267 
PRO CB  CG   sing N N 268 
PRO CB  HB2  sing N N 269 
PRO CB  HB3  sing N N 270 
PRO CG  CD   sing N N 271 
PRO CG  HG2  sing N N 272 
PRO CG  HG3  sing N N 273 
PRO CD  HD2  sing N N 274 
PRO CD  HD3  sing N N 275 
PRO OXT HXT  sing N N 276 
SER N   CA   sing N N 277 
SER N   H    sing N N 278 
SER N   H2   sing N N 279 
SER CA  C    sing N N 280 
SER CA  CB   sing N N 281 
SER CA  HA   sing N N 282 
SER C   O    doub N N 283 
SER C   OXT  sing N N 284 
SER CB  OG   sing N N 285 
SER CB  HB2  sing N N 286 
SER CB  HB3  sing N N 287 
SER OG  HG   sing N N 288 
SER OXT HXT  sing N N 289 
THR N   CA   sing N N 290 
THR N   H    sing N N 291 
THR N   H2   sing N N 292 
THR CA  C    sing N N 293 
THR CA  CB   sing N N 294 
THR CA  HA   sing N N 295 
THR C   O    doub N N 296 
THR C   OXT  sing N N 297 
THR CB  OG1  sing N N 298 
THR CB  CG2  sing N N 299 
THR CB  HB   sing N N 300 
THR OG1 HG1  sing N N 301 
THR CG2 HG21 sing N N 302 
THR CG2 HG22 sing N N 303 
THR CG2 HG23 sing N N 304 
THR OXT HXT  sing N N 305 
TYR N   CA   sing N N 306 
TYR N   H    sing N N 307 
TYR N   H2   sing N N 308 
TYR CA  C    sing N N 309 
TYR CA  CB   sing N N 310 
TYR CA  HA   sing N N 311 
TYR C   O    doub N N 312 
TYR C   OXT  sing N N 313 
TYR CB  CG   sing N N 314 
TYR CB  HB2  sing N N 315 
TYR CB  HB3  sing N N 316 
TYR CG  CD1  doub Y N 317 
TYR CG  CD2  sing Y N 318 
TYR CD1 CE1  sing Y N 319 
TYR CD1 HD1  sing N N 320 
TYR CD2 CE2  doub Y N 321 
TYR CD2 HD2  sing N N 322 
TYR CE1 CZ   doub Y N 323 
TYR CE1 HE1  sing N N 324 
TYR CE2 CZ   sing Y N 325 
TYR CE2 HE2  sing N N 326 
TYR CZ  OH   sing N N 327 
TYR OH  HH   sing N N 328 
TYR OXT HXT  sing N N 329 
VAL N   CA   sing N N 330 
VAL N   H    sing N N 331 
VAL N   H2   sing N N 332 
VAL CA  C    sing N N 333 
VAL CA  CB   sing N N 334 
VAL CA  HA   sing N N 335 
VAL C   O    doub N N 336 
VAL C   OXT  sing N N 337 
VAL CB  CG1  sing N N 338 
VAL CB  CG2  sing N N 339 
VAL CB  HB   sing N N 340 
VAL CG1 HG11 sing N N 341 
VAL CG1 HG12 sing N N 342 
VAL CG1 HG13 sing N N 343 
VAL CG2 HG21 sing N N 344 
VAL CG2 HG22 sing N N 345 
VAL CG2 HG23 sing N N 346 
VAL OXT HXT  sing N N 347 
# 
_pdbx_initial_refinement_model.id               1 
_pdbx_initial_refinement_model.entity_id_list   ? 
_pdbx_initial_refinement_model.type             'experimental model' 
_pdbx_initial_refinement_model.source_name      PDB 
_pdbx_initial_refinement_model.accession_code   1R7H 
_pdbx_initial_refinement_model.details          'PDB ENTRY 1R7H' 
# 
_atom_sites.entry_id                    3ZIJ 
_atom_sites.fract_transf_matrix[1][1]   -0.00054782 
_atom_sites.fract_transf_matrix[1][2]   -0.03371585 
_atom_sites.fract_transf_matrix[1][3]   -0.02244232 
_atom_sites.fract_transf_matrix[2][1]   0.00586347 
_atom_sites.fract_transf_matrix[2][2]   0.00450009 
_atom_sites.fract_transf_matrix[2][3]   -0.00690376 
_atom_sites.fract_transf_matrix[3][1]   0.03247997 
_atom_sites.fract_transf_matrix[3][2]   -0.01421806 
_atom_sites.fract_transf_matrix[3][3]   0.01831794 
_atom_sites.fract_transf_vector[1]      0.338816 
_atom_sites.fract_transf_vector[2]      -0.202438 
_atom_sites.fract_transf_vector[3]      0.317372 
# 
loop_
_atom_type.symbol 
C 
N 
O 
S 
# 
loop_
_atom_site.group_PDB 
_atom_site.id 
_atom_site.type_symbol 
_atom_site.label_atom_id 
_atom_site.label_alt_id 
_atom_site.label_comp_id 
_atom_site.label_asym_id 
_atom_site.label_entity_id 
_atom_site.label_seq_id 
_atom_site.pdbx_PDB_ins_code 
_atom_site.Cartn_x 
_atom_site.Cartn_y 
_atom_site.Cartn_z 
_atom_site.occupancy 
_atom_site.B_iso_or_equiv 
_atom_site.pdbx_formal_charge 
_atom_site.auth_seq_id 
_atom_site.auth_comp_id 
_atom_site.auth_asym_id 
_atom_site.auth_atom_id 
_atom_site.pdbx_PDB_model_num 
ATOM   1    N N   . MET A 1 1  ? 15.146  16.531  -12.106 1.00 25.34 ? 1    MET A N   1 
ATOM   2    C CA  . MET A 1 1  ? 14.328  15.504  -11.357 1.00 21.88 ? 1    MET A CA  1 
ATOM   3    C C   . MET A 1 1  ? 15.147  15.002  -10.177 1.00 20.06 ? 1    MET A C   1 
ATOM   4    O O   . MET A 1 1  ? 16.402  14.821  -10.264 1.00 22.47 ? 1    MET A O   1 
ATOM   5    C CB  . MET A 1 1  ? 13.931  14.263  -12.212 1.00 23.06 ? 1    MET A CB  1 
ATOM   6    C CG  . MET A 1 1  ? 13.190  14.591  -13.482 1.00 25.07 ? 1    MET A CG  1 
ATOM   7    S SD  . MET A 1 1  ? 12.815  13.096  -14.366 1.00 26.05 ? 1    MET A SD  1 
ATOM   8    C CE  . MET A 1 1  ? 14.280  12.218  -13.827 1.00 26.38 ? 1    MET A CE  1 
ATOM   9    N N   . LYS A 1 2  ? 14.485  14.716  -9.089  1.00 16.13 ? 2    LYS A N   1 
ATOM   10   C CA  . LYS A 1 2  ? 15.116  14.025  -8.002  1.00 16.39 ? 2    LYS A CA  1 
ATOM   11   C C   . LYS A 1 2  ? 15.110  12.561  -8.358  1.00 14.72 ? 2    LYS A C   1 
ATOM   12   O O   . LYS A 1 2  ? 14.283  12.108  -9.138  1.00 15.05 ? 2    LYS A O   1 
ATOM   13   C CB  . LYS A 1 2  ? 14.380  14.298  -6.709  1.00 17.40 ? 2    LYS A CB  1 
ATOM   14   C CG  . LYS A 1 2  ? 14.068  15.766  -6.428  1.00 21.12 ? 2    LYS A CG  1 
ATOM   15   C CD  . LYS A 1 2  ? 15.352  16.566  -6.503  1.00 24.71 ? 2    LYS A CD  1 
ATOM   16   C CE  . LYS A 1 2  ? 15.188  17.853  -5.715  1.00 29.97 ? 2    LYS A CE  1 
ATOM   17   N NZ  . LYS A 1 2  ? 15.919  17.784  -4.437  1.00 33.87 ? 2    LYS A NZ  1 
ATOM   18   N N   . LYS A 1 3  ? 15.955  11.766  -7.689  1.00 14.62 ? 3    LYS A N   1 
ATOM   19   C CA  . LYS A 1 3  ? 16.109  10.394  -8.134  1.00 13.64 ? 3    LYS A CA  1 
ATOM   20   C C   . LYS A 1 3  ? 14.797  9.565   -7.942  1.00 12.87 ? 3    LYS A C   1 
ATOM   21   O O   . LYS A 1 3  ? 14.448  8.691   -8.678  1.00 11.56 ? 3    LYS A O   1 
ATOM   22   C CB  . LYS A 1 3  ? 17.214  9.777   -7.251  1.00 18.36 ? 3    LYS A CB  1 
ATOM   23   C CG  . LYS A 1 3  ? 17.591  8.354   -7.608  1.00 20.08 ? 3    LYS A CG  1 
ATOM   24   C CD  . LYS A 1 3  ? 18.367  8.465   -8.918  1.00 24.43 ? 3    LYS A CD  1 
ATOM   25   C CE  . LYS A 1 3  ? 18.950  7.176   -9.431  1.00 32.45 ? 3    LYS A CE  1 
ATOM   26   N NZ  . LYS A 1 3  ? 20.199  6.699   -8.787  1.00 33.09 ? 3    LYS A NZ  1 
ATOM   27   N N   . ILE A 1 4  ? 14.079  9.853   -6.836  1.00 10.41 ? 4    ILE A N   1 
ATOM   28   C CA  . ILE A 1 4  ? 12.806  9.265   -6.549  1.00 10.59 ? 4    ILE A CA  1 
ATOM   29   C C   . ILE A 1 4  ? 11.817  10.334  -6.155  1.00 11.31 ? 4    ILE A C   1 
ATOM   30   O O   . ILE A 1 4  ? 12.000  11.033  -5.139  1.00 10.89 ? 4    ILE A O   1 
ATOM   31   C CB  . ILE A 1 4  ? 12.812  8.173   -5.430  1.00 12.82 ? 4    ILE A CB  1 
ATOM   32   C CG1 . ILE A 1 4  ? 13.941  7.118   -5.574  1.00 17.07 ? 4    ILE A CG1 1 
ATOM   33   C CG2 . ILE A 1 4  ? 11.444  7.495   -5.310  1.00 12.45 ? 4    ILE A CG2 1 
ATOM   34   C CD1 . ILE A 1 4  ? 13.758  6.356   -6.839  1.00 22.38 ? 4    ILE A CD1 1 
ATOM   35   N N   . GLU A 1 5  ? 10.796  10.490  -6.984  1.00 10.54 ? 5    GLU A N   1 
ATOM   36   C CA  . GLU A 1 5  ? 9.765   11.548  -6.747  1.00 10.78 ? 5    GLU A CA  1 
ATOM   37   C C   . GLU A 1 5  ? 8.444   10.860  -6.557  1.00 10.20 ? 5    GLU A C   1 
ATOM   38   O O   . GLU A 1 5  ? 8.137   9.972   -7.324  1.00 11.48 ? 5    GLU A O   1 
ATOM   39   C CB  . GLU A 1 5  ? 9.670   12.468  -7.892  1.00 11.15 ? 5    GLU A CB  1 
ATOM   40   C CG  . GLU A 1 5  ? 10.989  13.211  -8.230  1.00 13.47 ? 5    GLU A CG  1 
ATOM   41   C CD  . GLU A 1 5  ? 10.867  14.214  -9.372  1.00 17.28 ? 5    GLU A CD  1 
ATOM   42   O OE1 . GLU A 1 5  ? 9.866   14.137  -10.118 1.00 16.93 ? 5    GLU A OE1 1 
ATOM   43   O OE2 . GLU A 1 5  ? 11.780  15.056  -9.571  1.00 18.28 ? 5    GLU A OE2 1 
ATOM   44   N N   . VAL A 1 6  ? 7.613   11.329  -5.656  1.00 9.26  ? 6    VAL A N   1 
ATOM   45   C CA  . VAL A 1 6  ? 6.309   10.796  -5.430  1.00 9.03  ? 6    VAL A CA  1 
ATOM   46   C C   . VAL A 1 6  ? 5.300   11.956  -5.453  1.00 8.65  ? 6    VAL A C   1 
ATOM   47   O O   . VAL A 1 6  ? 5.399   12.867  -4.645  1.00 10.44 ? 6    VAL A O   1 
ATOM   48   C CB  . VAL A 1 6  ? 6.173   10.032  -4.111  1.00 11.08 ? 6    VAL A CB  1 
ATOM   49   C CG1 . VAL A 1 6  ? 4.779   9.426   -3.981  1.00 12.27 ? 6    VAL A CG1 1 
ATOM   50   C CG2 . VAL A 1 6  ? 7.260   9.005   -4.014  1.00 13.27 ? 6    VAL A CG2 1 
ATOM   51   N N   . TYR A 1 7  ? 4.351   11.866  -6.349  1.00 8.11  ? 7    TYR A N   1 
ATOM   52   C CA  . TYR A 1 7  ? 3.314   12.896  -6.547  1.00 7.80  ? 7    TYR A CA  1 
ATOM   53   C C   . TYR A 1 7  ? 2.044   12.412  -5.917  1.00 9.21  ? 7    TYR A C   1 
ATOM   54   O O   . TYR A 1 7  ? 1.554   11.317  -6.209  1.00 8.72  ? 7    TYR A O   1 
ATOM   55   C CB  . TYR A 1 7  ? 3.157   13.158  -7.993  1.00 8.73  ? 7    TYR A CB  1 
ATOM   56   C CG  . TYR A 1 7  ? 4.320   13.835  -8.593  1.00 9.52  ? 7    TYR A CG  1 
ATOM   57   C CD1 . TYR A 1 7  ? 5.428   13.080  -8.994  1.00 10.63 ? 7    TYR A CD1 1 
ATOM   58   C CD2 . TYR A 1 7  ? 4.459   15.252  -8.598  1.00 10.09 ? 7    TYR A CD2 1 
ATOM   59   C CE1 . TYR A 1 7  ? 6.594   13.696  -9.446  1.00 11.15 ? 7    TYR A CE1 1 
ATOM   60   C CE2 . TYR A 1 7  ? 5.626   15.869  -9.060  1.00 10.91 ? 7    TYR A CE2 1 
ATOM   61   C CZ  . TYR A 1 7  ? 6.685   15.073  -9.459  1.00 10.37 ? 7    TYR A CZ  1 
ATOM   62   O OH  . TYR A 1 7  ? 7.876   15.669  -9.817  1.00 13.64 ? 7    TYR A OH  1 
ATOM   63   N N   . THR A 1 8  ? 1.455   13.246  -5.065  1.00 9.54  ? 8    THR A N   1 
ATOM   64   C CA  . THR A 1 8  ? 0.303   12.933  -4.267  1.00 10.52 ? 8    THR A CA  1 
ATOM   65   C C   . THR A 1 8  ? -0.667  14.080  -4.229  1.00 11.32 ? 8    THR A C   1 
ATOM   66   O O   . THR A 1 8  ? -0.400  15.150  -4.780  1.00 10.77 ? 8    THR A O   1 
ATOM   67   C CB  . THR A 1 8  ? 0.650   12.598  -2.818  1.00 13.38 ? 8    THR A CB  1 
ATOM   68   O OG1 . THR A 1 8  ? 1.123   13.780  -2.166  1.00 17.04 ? 8    THR A OG1 1 
ATOM   69   C CG2 . THR A 1 8  ? 1.684   11.467  -2.831  1.00 14.92 ? 8    THR A CG2 1 
ATOM   70   N N   . GLN A 1 9  ? -1.821  13.812  -3.673  1.00 12.98 ? 9    GLN A N   1 
ATOM   71   C CA  . GLN A 1 9  ? -2.723  14.932  -3.311  1.00 14.61 ? 9    GLN A CA  1 
ATOM   72   C C   . GLN A 1 9  ? -3.536  14.484  -2.112  1.00 15.08 ? 9    GLN A C   1 
ATOM   73   O O   . GLN A 1 9  ? -3.550  13.318  -1.763  1.00 14.22 ? 9    GLN A O   1 
ATOM   74   C CB  . GLN A 1 9  ? -3.604  15.308  -4.480  1.00 16.17 ? 9    GLN A CB  1 
ATOM   75   C CG  . GLN A 1 9  ? -4.573  14.291  -4.948  1.00 17.25 ? 9    GLN A CG  1 
ATOM   76   C CD  . GLN A 1 9  ? -5.503  14.830  -6.078  1.00 21.17 ? 9    GLN A CD  1 
ATOM   77   O OE1 . GLN A 1 9  ? -5.194  15.758  -6.830  1.00 27.44 ? 9    GLN A OE1 1 
ATOM   78   N NE2 . GLN A 1 9  ? -6.665  14.236  -6.187  1.00 23.47 ? 9    GLN A NE2 1 
ATOM   79   N N   . PRO A 1 10 ? -4.249  15.444  -1.458  1.00 15.38 ? 10   PRO A N   1 
ATOM   80   C CA  . PRO A 1 10 ? -5.125  15.050  -0.348  1.00 16.55 ? 10   PRO A CA  1 
ATOM   81   C C   . PRO A 1 10 ? -6.304  14.122  -0.763  1.00 14.28 ? 10   PRO A C   1 
ATOM   82   O O   . PRO A 1 10 ? -6.724  14.097  -1.943  1.00 17.36 ? 10   PRO A O   1 
ATOM   83   C CB  . PRO A 1 10 ? -5.659  16.410  0.183   1.00 16.92 ? 10   PRO A CB  1 
ATOM   84   C CG  . PRO A 1 10 ? -4.834  17.428  -0.475  1.00 17.30 ? 10   PRO A CG  1 
ATOM   85   C CD  . PRO A 1 10 ? -4.212  16.885  -1.705  1.00 16.01 ? 10   PRO A CD  1 
ATOM   86   N N   . ASP A 1 11 ? -6.863  13.441  0.216   1.00 15.01 ? 11   ASP A N   1 
ATOM   87   C CA  . ASP A 1 11 ? -8.035  12.577  0.014   1.00 16.41 ? 11   ASP A CA  1 
ATOM   88   C C   . ASP A 1 11 ? -7.750  11.578  -1.088  1.00 14.58 ? 11   ASP A C   1 
ATOM   89   O O   . ASP A 1 11 ? -8.514  11.357  -2.042  1.00 15.17 ? 11   ASP A O   1 
ATOM   90   C CB  . ASP A 1 11 ? -9.326  13.369  -0.330  1.00 20.11 ? 11   ASP A CB  1 
ATOM   91   C CG  . ASP A 1 11 ? -10.617 12.525  -0.085  1.00 20.86 ? 11   ASP A CG  1 
ATOM   92   O OD1 . ASP A 1 11 ? -10.527 11.415  0.496   1.00 24.55 ? 11   ASP A OD1 1 
ATOM   93   O OD2 . ASP A 1 11 ? -11.728 12.918  -0.567  1.00 28.52 ? 11   ASP A OD2 1 
ATOM   94   N N   . CYS A 1 12 ? -6.589  10.924  -0.919  1.00 14.89 ? 12   CYS A N   1 
ATOM   95   C CA  . CYS A 1 12 ? -6.125  10.018  -1.942  1.00 13.10 ? 12   CYS A CA  1 
ATOM   96   C C   . CYS A 1 12 ? -5.567  8.793   -1.209  1.00 11.99 ? 12   CYS A C   1 
ATOM   97   O O   . CYS A 1 12 ? -4.377  8.670   -0.969  1.00 11.26 ? 12   CYS A O   1 
ATOM   98   C CB  . CYS A 1 12 ? -5.063  10.728  -2.824  1.00 11.89 ? 12   CYS A CB  1 
ATOM   99   S SG  . CYS A 1 12 ? -4.328  9.632   -4.071  1.00 11.51 ? 12   CYS A SG  1 
ATOM   100  N N   . PRO A 1 13 ? -6.387  7.853   -0.820  1.00 13.26 ? 13   PRO A N   1 
ATOM   101  C CA  . PRO A 1 13 ? -5.857  6.711   -0.126  1.00 13.74 ? 13   PRO A CA  1 
ATOM   102  C C   . PRO A 1 13 ? -4.825  5.916   -0.900  1.00 13.47 ? 13   PRO A C   1 
ATOM   103  O O   . PRO A 1 13 ? -3.826  5.448   -0.298  1.00 12.56 ? 13   PRO A O   1 
ATOM   104  C CB  . PRO A 1 13 ? -7.098  5.862   0.173   1.00 15.40 ? 13   PRO A CB  1 
ATOM   105  C CG  . PRO A 1 13 ? -8.113  6.903   0.368   1.00 14.90 ? 13   PRO A CG  1 
ATOM   106  C CD  . PRO A 1 13 ? -7.866  7.864   -0.717  1.00 15.21 ? 13   PRO A CD  1 
ATOM   107  N N   . PRO A 1 14 ? -4.952  5.821   -2.245  1.00 11.24 ? 14   PRO A N   1 
ATOM   108  C CA  . PRO A 1 14 ? -3.895  5.079   -2.971  1.00 11.93 ? 14   PRO A CA  1 
ATOM   109  C C   . PRO A 1 14 ? -2.518  5.773   -2.865  1.00 10.57 ? 14   PRO A C   1 
ATOM   110  O O   . PRO A 1 14 ? -1.501  5.118   -2.789  1.00 9.90  ? 14   PRO A O   1 
ATOM   111  C CB  . PRO A 1 14 ? -4.362  5.104   -4.397  1.00 11.74 ? 14   PRO A CB  1 
ATOM   112  C CG  . PRO A 1 14 ? -5.893  5.228   -4.227  1.00 12.56 ? 14   PRO A CG  1 
ATOM   113  C CD  . PRO A 1 14 ? -6.153  6.063   -3.094  1.00 12.11 ? 14   PRO A CD  1 
ATOM   114  N N   . CYS A 1 15 ? -2.499  7.109   -2.709  1.00 10.03 ? 15   CYS A N   1 
ATOM   115  C CA  . CYS A 1 15 ? -1.322  7.854   -2.503  1.00 9.90  ? 15   CYS A CA  1 
ATOM   116  C C   . CYS A 1 15 ? -0.736  7.562   -1.148  1.00 9.78  ? 15   CYS A C   1 
ATOM   117  O O   . CYS A 1 15 ? 0.501   7.337   -0.982  1.00 10.46 ? 15   CYS A O   1 
ATOM   118  C CB  . CYS A 1 15 ? -1.651  9.366   -2.458  1.00 10.99 ? 15   CYS A CB  1 
ATOM   119  S SG  . CYS A 1 15 ? -2.231  10.098  -4.004  1.00 13.07 ? 15   CYS A SG  1 
ATOM   120  N N   . VAL A 1 16 ? -1.584  7.536   -0.107  1.00 10.22 ? 16   VAL A N   1 
ATOM   121  C CA  . VAL A 1 16 ? -1.125  7.161   1.220   1.00 11.53 ? 16   VAL A CA  1 
ATOM   122  C C   . VAL A 1 16 ? -0.571  5.739   1.192   1.00 11.38 ? 16   VAL A C   1 
ATOM   123  O O   . VAL A 1 16 ? 0.507   5.501   1.843   1.00 11.09 ? 16   VAL A O   1 
ATOM   124  C CB  . VAL A 1 16 ? -2.289  7.166   2.234   1.00 13.40 ? 16   VAL A CB  1 
ATOM   125  C CG1 . VAL A 1 16 ? -1.938  6.580   3.607   1.00 15.00 ? 16   VAL A CG1 1 
ATOM   126  C CG2 . VAL A 1 16 ? -2.690  8.610   2.375   1.00 14.94 ? 16   VAL A CG2 1 
ATOM   127  N N   . ILE A 1 17 ? -1.231  4.790   0.589   1.00 11.26 ? 17   ILE A N   1 
ATOM   128  C CA  . ILE A 1 17 ? -0.715  3.451   0.481   1.00 11.39 ? 17   ILE A CA  1 
ATOM   129  C C   . ILE A 1 17 ? 0.658   3.397   -0.163  1.00 11.27 ? 17   ILE A C   1 
ATOM   130  O O   . ILE A 1 17 ? 1.587   2.695   0.360   1.00 10.99 ? 17   ILE A O   1 
ATOM   131  C CB  . ILE A 1 17 ? -1.717  2.490   -0.205  1.00 12.54 ? 17   ILE A CB  1 
ATOM   132  C CG1 . ILE A 1 17 ? -3.015  2.378   0.583   1.00 13.48 ? 17   ILE A CG1 1 
ATOM   133  C CG2 . ILE A 1 17 ? -1.112  1.126   -0.465  1.00 13.47 ? 17   ILE A CG2 1 
ATOM   134  C CD1 . ILE A 1 17 ? -4.278  2.042   -0.140  1.00 16.02 ? 17   ILE A CD1 1 
ATOM   135  N N   . VAL A 1 18 ? 0.873   4.062   -1.311  1.00 9.91  ? 18   VAL A N   1 
ATOM   136  C CA  . VAL A 1 18 ? 2.169   4.092   -1.893  1.00 9.43  ? 18   VAL A CA  1 
ATOM   137  C C   . VAL A 1 18 ? 3.185   4.719   -1.054  1.00 10.42 ? 18   VAL A C   1 
ATOM   138  O O   . VAL A 1 18 ? 4.304   4.198   -0.834  1.00 9.88  ? 18   VAL A O   1 
ATOM   139  C CB  . VAL A 1 18 ? 2.122   4.757   -3.258  1.00 10.67 ? 18   VAL A CB  1 
ATOM   140  C CG1 . VAL A 1 18 ? 3.528   5.091   -3.796  1.00 11.22 ? 18   VAL A CG1 1 
ATOM   141  C CG2 . VAL A 1 18 ? 1.351   3.878   -4.160  1.00 10.53 ? 18   VAL A CG2 1 
ATOM   142  N N   . LYS A 1 19 ? 2.919   5.869   -0.427  1.00 10.44 ? 19   LYS A N   1 
ATOM   143  C CA  . LYS A 1 19 ? 3.845   6.478   0.420   1.00 11.58 ? 19   LYS A CA  1 
ATOM   144  C C   . LYS A 1 19 ? 4.245   5.641   1.587   1.00 10.38 ? 19   LYS A C   1 
ATOM   145  O O   . LYS A 1 19 ? 5.405   5.570   1.950   1.00 11.44 ? 19   LYS A O   1 
ATOM   146  C CB  . LYS A 1 19 ? 3.411   7.815   0.996   1.00 14.73 ? 19   LYS A CB  1 
ATOM   147  C CG  . LYS A 1 19 ? 3.513   8.921   0.042   1.00 18.91 ? 19   LYS A CG  1 
ATOM   148  C CD  . LYS A 1 19 ? 3.230   10.333  0.594   1.00 23.55 ? 19   LYS A CD  1 
ATOM   149  C CE  . LYS A 1 19 ? 1.879   10.516  1.237   1.00 28.91 ? 19   LYS A CE  1 
ATOM   150  N NZ  . LYS A 1 19 ? 0.629   10.409  0.415   1.00 32.57 ? 19   LYS A NZ  1 
ATOM   151  N N   . GLU A 1 20 ? 3.281   5.029   2.261   1.00 10.66 ? 20   GLU A N   1 
ATOM   152  C CA  . GLU A 1 20 ? 3.575   4.238   3.398   1.00 10.45 ? 20   GLU A CA  1 
ATOM   153  C C   . GLU A 1 20 ? 4.338   2.961   2.994   1.00 9.61  ? 20   GLU A C   1 
ATOM   154  O O   . GLU A 1 20 ? 5.160   2.469   3.752   1.00 10.87 ? 20   GLU A O   1 
ATOM   155  C CB  . GLU A 1 20 ? 2.249   3.894   4.146   1.00 12.62 ? 20   GLU A CB  1 
ATOM   156  C CG  . GLU A 1 20 ? 1.662   5.115   4.857   1.00 16.43 ? 20   GLU A CG  1 
ATOM   157  C CD  . GLU A 1 20 ? 2.630   5.774   5.821   1.00 23.11 ? 20   GLU A CD  1 
ATOM   158  O OE1 . GLU A 1 20 ? 3.235   5.018   6.573   1.00 28.19 ? 20   GLU A OE1 1 
ATOM   159  O OE2 . GLU A 1 20 ? 2.757   7.025   5.792   1.00 27.37 ? 20   GLU A OE2 1 
ATOM   160  N N   . PHE A 1 21 ? 4.043   2.406   1.832   1.00 8.78  ? 21   PHE A N   1 
ATOM   161  C CA  . PHE A 1 21 ? 4.854   1.293   1.330   1.00 9.22  ? 21   PHE A CA  1 
ATOM   162  C C   . PHE A 1 21 ? 6.299   1.782   1.195   1.00 9.16  ? 21   PHE A C   1 
ATOM   163  O O   . PHE A 1 21 ? 7.242   1.012   1.552   1.00 10.39 ? 21   PHE A O   1 
ATOM   164  C CB  . PHE A 1 21 ? 4.291   0.816   0.019   1.00 10.96 ? 21   PHE A CB  1 
ATOM   165  C CG  . PHE A 1 21 ? 5.194   0.009   -0.772  1.00 14.92 ? 21   PHE A CG  1 
ATOM   166  C CD1 . PHE A 1 21 ? 5.194   -1.345  -0.544  1.00 18.05 ? 21   PHE A CD1 1 
ATOM   167  C CD2 . PHE A 1 21 ? 5.909   0.576   -1.814  1.00 17.03 ? 21   PHE A CD2 1 
ATOM   168  C CE1 . PHE A 1 21 ? 6.070   -2.186  -1.304  1.00 19.58 ? 21   PHE A CE1 1 
ATOM   169  C CE2 . PHE A 1 21 ? 6.711   -0.269  -2.613  1.00 20.34 ? 21   PHE A CE2 1 
ATOM   170  C CZ  . PHE A 1 21 ? 6.731   -1.609  -2.324  1.00 19.05 ? 21   PHE A CZ  1 
ATOM   171  N N   . LEU A 1 22 ? 6.524   2.905   0.559   1.00 8.60  ? 22   LEU A N   1 
ATOM   172  C CA  . LEU A 1 22 ? 7.835   3.421   0.379   1.00 8.86  ? 22   LEU A CA  1 
ATOM   173  C C   . LEU A 1 22 ? 8.548   3.626   1.688   1.00 9.32  ? 22   LEU A C   1 
ATOM   174  O O   . LEU A 1 22 ? 9.723   3.266   1.875   1.00 9.88  ? 22   LEU A O   1 
ATOM   175  C CB  . LEU A 1 22 ? 7.873   4.705   -0.423  1.00 9.55  ? 22   LEU A CB  1 
ATOM   176  C CG  . LEU A 1 22 ? 7.430   4.577   -1.800  1.00 10.32 ? 22   LEU A CG  1 
ATOM   177  C CD1 . LEU A 1 22 ? 7.331   6.031   -2.488  1.00 12.76 ? 22   LEU A CD1 1 
ATOM   178  C CD2 . LEU A 1 22 ? 8.260   3.639   -2.718  1.00 11.36 ? 22   LEU A CD2 1 
ATOM   179  N N   . LYS A 1 23 ? 7.858   4.195   2.655   1.00 10.00 ? 23   LYS A N   1 
ATOM   180  C CA  . LYS A 1 23 ? 8.410   4.421   3.980   1.00 10.86 ? 23   LYS A CA  1 
ATOM   181  C C   . LYS A 1 23 ? 8.741   3.110   4.683   1.00 11.13 ? 23   LYS A C   1 
ATOM   182  O O   . LYS A 1 23 ? 9.769   2.960   5.362   1.00 12.95 ? 23   LYS A O   1 
ATOM   183  C CB  . LYS A 1 23 ? 7.413   5.202   4.870   1.00 13.52 ? 23   LYS A CB  1 
ATOM   184  C CG  . LYS A 1 23 ? 7.391   6.673   4.636   1.00 16.52 ? 23   LYS A CG  1 
ATOM   185  C CD  . LYS A 1 23 ? 6.280   7.397   5.455   1.00 20.81 ? 23   LYS A CD  1 
ATOM   186  C CE  . LYS A 1 23 ? 6.139   6.973   6.870   1.00 23.53 ? 23   LYS A CE  1 
ATOM   187  N NZ  . LYS A 1 23 ? 4.983   7.839   7.343   1.00 28.56 ? 23   LYS A NZ  1 
ATOM   188  N N   . HIS A 1 24 ? 7.857   2.150   4.588   1.00 12.00 ? 24   HIS A N   1 
ATOM   189  C CA  . HIS A 1 24 ? 8.114   0.838   5.225   1.00 12.65 ? 24   HIS A CA  1 
ATOM   190  C C   . HIS A 1 24 ? 9.367   0.248   4.666   1.00 11.70 ? 24   HIS A C   1 
ATOM   191  O O   . HIS A 1 24 ? 10.062  -0.561  5.355   1.00 12.14 ? 24   HIS A O   1 
ATOM   192  C CB  . HIS A 1 24 ? 6.919   -0.132  5.040   1.00 13.29 ? 24   HIS A CB  1 
ATOM   193  C CG  . HIS A 1 24 ? 7.107   -1.397  5.841   1.00 15.33 ? 24   HIS A CG  1 
ATOM   194  N ND1 . HIS A 1 24 ? 7.278   -1.392  7.189   1.00 18.95 ? 24   HIS A ND1 1 
ATOM   195  C CD2 . HIS A 1 24 ? 7.299   -2.647  5.434   1.00 19.98 ? 24   HIS A CD2 1 
ATOM   196  C CE1 . HIS A 1 24 ? 7.504   -2.612  7.602   1.00 19.36 ? 24   HIS A CE1 1 
ATOM   197  N NE2 . HIS A 1 24 ? 7.561   -3.384  6.554   1.00 18.26 ? 24   HIS A NE2 1 
ATOM   198  N N   . ASN A 1 25 ? 9.637   0.469   3.400   1.00 11.34 ? 25   ASN A N   1 
ATOM   199  C CA  . ASN A 1 25 ? 10.842  0.020   2.754   1.00 11.33 ? 25   ASN A CA  1 
ATOM   200  C C   . ASN A 1 25 ? 12.048  0.964   2.840   1.00 10.82 ? 25   ASN A C   1 
ATOM   201  O O   . ASN A 1 25 ? 13.074  0.735   2.167   1.00 10.84 ? 25   ASN A O   1 
ATOM   202  C CB  . ASN A 1 25 ? 10.559  -0.436  1.315   1.00 12.28 ? 25   ASN A CB  1 
ATOM   203  C CG  . ASN A 1 25 ? 9.750   -1.670  1.244   1.00 12.35 ? 25   ASN A CG  1 
ATOM   204  O OD1 . ASN A 1 25 ? 10.344  -2.762  1.319   1.00 17.34 ? 25   ASN A OD1 1 
ATOM   205  N ND2 . ASN A 1 25 ? 8.416   -1.578  1.158   1.00 15.79 ? 25   ASN A ND2 1 
ATOM   206  N N   . ASN A 1 26 ? 11.941  2.006   3.588   1.00 8.77  ? 26   ASN A N   1 
ATOM   207  C CA  . ASN A 1 26 ? 12.940  2.933   3.850   1.00 10.04 ? 26   ASN A CA  1 
ATOM   208  C C   . ASN A 1 26 ? 13.548  3.508   2.607   1.00 9.26  ? 26   ASN A C   1 
ATOM   209  O O   . ASN A 1 26 ? 14.779  3.723   2.508   1.00 9.47  ? 26   ASN A O   1 
ATOM   210  C CB  . ASN A 1 26 ? 13.948  2.213   4.744   1.00 12.00 ? 26   ASN A CB  1 
ATOM   211  C CG  . ASN A 1 26 ? 13.300  1.706   6.006   1.00 15.18 ? 26   ASN A CG  1 
ATOM   212  O OD1 . ASN A 1 26 ? 13.176  0.503   6.168   1.00 22.05 ? 26   ASN A OD1 1 
ATOM   213  N ND2 . ASN A 1 26 ? 12.839  2.617   6.787   1.00 19.59 ? 26   ASN A ND2 1 
ATOM   214  N N   . VAL A 1 27 ? 12.681  3.881   1.643   1.00 8.48  ? 27   VAL A N   1 
ATOM   215  C CA  . VAL A 1 27 ? 13.050  4.477   0.388   1.00 8.63  ? 27   VAL A CA  1 
ATOM   216  C C   . VAL A 1 27 ? 13.326  5.952   0.551   1.00 9.81  ? 27   VAL A C   1 
ATOM   217  O O   . VAL A 1 27 ? 12.524  6.596   1.273   1.00 10.99 ? 27   VAL A O   1 
ATOM   218  C CB  . VAL A 1 27 ? 11.966  4.207   -0.650  1.00 8.42  ? 27   VAL A CB  1 
ATOM   219  C CG1 . VAL A 1 27 ? 12.176  4.954   -1.953  1.00 8.71  ? 27   VAL A CG1 1 
ATOM   220  C CG2 . VAL A 1 27 ? 11.871  2.710   -0.871  1.00 8.55  ? 27   VAL A CG2 1 
ATOM   221  N N   . ALA A 1 28 ? 14.396  6.489   -0.039  1.00 10.34 ? 28   ALA A N   1 
ATOM   222  C CA  . ALA A 1 28 ? 14.745  7.903   0.071   1.00 11.33 ? 28   ALA A CA  1 
ATOM   223  C C   . ALA A 1 28 ? 14.056  8.692   -1.025  1.00 10.79 ? 28   ALA A C   1 
ATOM   224  O O   . ALA A 1 28 ? 14.635  9.107   -1.941  1.00 14.21 ? 28   ALA A O   1 
ATOM   225  C CB  . ALA A 1 28 ? 16.232  8.024   -0.009  1.00 13.23 ? 28   ALA A CB  1 
ATOM   226  N N   . TYR A 1 29 ? 12.777  8.950   -0.849  1.00 12.00 ? 29   TYR A N   1 
ATOM   227  C CA  . TYR A 1 29 ? 11.956  9.748   -1.818  1.00 11.72 ? 29   TYR A CA  1 
ATOM   228  C C   . TYR A 1 29 ? 11.789  11.152  -1.405  1.00 10.65 ? 29   TYR A C   1 
ATOM   229  O O   . TYR A 1 29 ? 11.897  11.509  -0.249  1.00 12.81 ? 29   TYR A O   1 
ATOM   230  C CB  . TYR A 1 29 ? 10.607  9.058   -1.970  1.00 10.89 ? 29   TYR A CB  1 
ATOM   231  C CG  . TYR A 1 29 ? 9.754   9.028   -0.757  1.00 11.01 ? 29   TYR A CG  1 
ATOM   232  C CD1 . TYR A 1 29 ? 8.874   10.085  -0.463  1.00 11.12 ? 29   TYR A CD1 1 
ATOM   233  C CD2 . TYR A 1 29 ? 9.751   7.997   0.119   1.00 11.64 ? 29   TYR A CD2 1 
ATOM   234  C CE1 . TYR A 1 29 ? 8.021   10.077  0.591   1.00 14.05 ? 29   TYR A CE1 1 
ATOM   235  C CE2 . TYR A 1 29 ? 8.967   8.011   1.265   1.00 13.67 ? 29   TYR A CE2 1 
ATOM   236  C CZ  . TYR A 1 29 ? 8.131   9.040   1.502   1.00 15.46 ? 29   TYR A CZ  1 
ATOM   237  O OH  . TYR A 1 29 ? 7.358   8.968   2.649   1.00 17.70 ? 29   TYR A OH  1 
ATOM   238  N N   . GLU A 1 30 ? 11.388  11.981  -2.395  1.00 11.12 ? 30   GLU A N   1 
ATOM   239  C CA  . GLU A 1 30 ? 10.821  13.332  -2.111  1.00 12.27 ? 30   GLU A CA  1 
ATOM   240  C C   . GLU A 1 30 ? 9.398   13.353  -2.650  1.00 11.99 ? 30   GLU A C   1 
ATOM   241  O O   . GLU A 1 30 ? 9.095   12.813  -3.696  1.00 10.73 ? 30   GLU A O   1 
ATOM   242  C CB  . GLU A 1 30 ? 11.701  14.394  -2.788  1.00 16.61 ? 30   GLU A CB  1 
ATOM   243  C CG  . GLU A 1 30 ? 13.062  14.520  -2.121  1.00 22.55 ? 30   GLU A CG  1 
ATOM   244  C CD  . GLU A 1 30 ? 13.882  15.660  -2.691  1.00 29.56 ? 30   GLU A CD  1 
ATOM   245  O OE1 . GLU A 1 30 ? 13.255  16.667  -3.190  1.00 29.53 ? 30   GLU A OE1 1 
ATOM   246  O OE2 . GLU A 1 30 ? 15.146  15.557  -2.633  1.00 31.61 ? 30   GLU A OE2 1 
ATOM   247  N N   . GLU A 1 31 ? 8.523   13.973  -1.892  1.00 11.60 ? 31   GLU A N   1 
ATOM   248  C CA  A GLU A 1 31 ? 7.076   14.000  -2.171  0.50 11.95 ? 31   GLU A CA  1 
ATOM   249  C CA  B GLU A 1 31 ? 7.091   14.020  -2.207  0.50 11.43 ? 31   GLU A CA  1 
ATOM   250  C C   . GLU A 1 31 ? 6.649   15.366  -2.606  1.00 10.27 ? 31   GLU A C   1 
ATOM   251  O O   . GLU A 1 31 ? 7.230   16.396  -2.174  1.00 11.11 ? 31   GLU A O   1 
ATOM   252  C CB  A GLU A 1 31 ? 6.264   13.510  -0.977  0.50 12.50 ? 31   GLU A CB  1 
ATOM   253  C CB  B GLU A 1 31 ? 6.264   13.556  -1.052  0.50 11.19 ? 31   GLU A CB  1 
ATOM   254  C CG  A GLU A 1 31 ? 4.779   13.361  -1.259  0.50 15.22 ? 31   GLU A CG  1 
ATOM   255  C CG  B GLU A 1 31 ? 6.235   14.518  0.140   0.50 12.85 ? 31   GLU A CG  1 
ATOM   256  C CD  A GLU A 1 31 ? 3.906   13.164  -0.032  0.50 18.31 ? 31   GLU A CD  1 
ATOM   257  C CD  B GLU A 1 31 ? 5.641   13.832  1.320   0.50 15.44 ? 31   GLU A CD  1 
ATOM   258  O OE1 A GLU A 1 31 ? 4.388   13.062  1.121   0.50 19.28 ? 31   GLU A OE1 1 
ATOM   259  O OE1 B GLU A 1 31 ? 6.402   13.143  2.031   0.50 18.54 ? 31   GLU A OE1 1 
ATOM   260  O OE2 A GLU A 1 31 ? 2.657   13.083  -0.264  0.50 20.46 ? 31   GLU A OE2 1 
ATOM   261  O OE2 B GLU A 1 31 ? 4.418   13.982  1.508   0.50 21.42 ? 31   GLU A OE2 1 
ATOM   262  N N   . PHE A 1 32 ? 5.672   15.382  -3.433  1.00 10.40 ? 32   PHE A N   1 
ATOM   263  C CA  . PHE A 1 32 ? 5.060   16.656  -3.886  1.00 10.44 ? 32   PHE A CA  1 
ATOM   264  C C   . PHE A 1 32 ? 3.561   16.534  -3.920  1.00 12.21 ? 32   PHE A C   1 
ATOM   265  O O   . PHE A 1 32 ? 3.026   15.591  -4.520  1.00 11.55 ? 32   PHE A O   1 
ATOM   266  C CB  . PHE A 1 32 ? 5.526   16.985  -5.238  1.00 11.41 ? 32   PHE A CB  1 
ATOM   267  C CG  . PHE A 1 32 ? 7.054   17.016  -5.391  1.00 12.17 ? 32   PHE A CG  1 
ATOM   268  C CD1 . PHE A 1 32 ? 7.793   18.185  -5.116  1.00 14.55 ? 32   PHE A CD1 1 
ATOM   269  C CD2 . PHE A 1 32 ? 7.726   15.918  -5.833  1.00 14.16 ? 32   PHE A CD2 1 
ATOM   270  C CE1 . PHE A 1 32 ? 9.190   18.191  -5.267  1.00 14.99 ? 32   PHE A CE1 1 
ATOM   271  C CE2 . PHE A 1 32 ? 9.103   15.909  -5.971  1.00 17.01 ? 32   PHE A CE2 1 
ATOM   272  C CZ  . PHE A 1 32 ? 9.820   17.074  -5.678  1.00 16.94 ? 32   PHE A CZ  1 
ATOM   273  N N   . ASP A 1 33 ? 2.839   17.541  -3.385  1.00 12.05 ? 33   ASP A N   1 
ATOM   274  C CA  . ASP A 1 33 ? 1.390   17.599  -3.319  1.00 11.64 ? 33   ASP A CA  1 
ATOM   275  C C   . ASP A 1 33 ? 0.940   18.410  -4.468  1.00 11.38 ? 33   ASP A C   1 
ATOM   276  O O   . ASP A 1 33 ? 1.207   19.618  -4.559  1.00 12.66 ? 33   ASP A O   1 
ATOM   277  C CB  . ASP A 1 33 ? 0.928   18.147  -1.942  1.00 12.35 ? 33   ASP A CB  1 
ATOM   278  C CG  . ASP A 1 33 ? -0.563  18.252  -1.766  1.00 14.40 ? 33   ASP A CG  1 
ATOM   279  O OD1 . ASP A 1 33 ? -1.162  18.568  -2.774  1.00 15.22 ? 33   ASP A OD1 1 
ATOM   280  O OD2 . ASP A 1 33 ? -1.025  18.041  -0.637  1.00 17.80 ? 33   ASP A OD2 1 
ATOM   281  N N   . VAL A 1 34 ? 0.279   17.854  -5.469  1.00 11.15 ? 34   VAL A N   1 
ATOM   282  C CA  . VAL A 1 34 ? -0.054  18.528  -6.707  1.00 11.85 ? 34   VAL A CA  1 
ATOM   283  C C   . VAL A 1 34 ? -1.293  19.502  -6.541  1.00 12.55 ? 34   VAL A C   1 
ATOM   284  O O   . VAL A 1 34 ? -1.592  20.191  -7.526  1.00 15.64 ? 34   VAL A O   1 
ATOM   285  C CB  . VAL A 1 34 ? -0.291  17.536  -7.883  1.00 12.72 ? 34   VAL A CB  1 
ATOM   286  C CG1 . VAL A 1 34 ? 0.982   16.743  -8.114  1.00 12.17 ? 34   VAL A CG1 1 
ATOM   287  C CG2 . VAL A 1 34 ? -1.456  16.621  -7.603  1.00 12.78 ? 34   VAL A CG2 1 
ATOM   288  N N   . LYS A 1 35 ? -1.978  19.377  -5.449  1.00 12.62 ? 35   LYS A N   1 
ATOM   289  C CA  . LYS A 1 35 ? -2.984  20.480  -5.125  1.00 13.84 ? 35   LYS A CA  1 
ATOM   290  C C   . LYS A 1 35 ? -2.299  21.699  -4.575  1.00 17.87 ? 35   LYS A C   1 
ATOM   291  O O   . LYS A 1 35 ? -2.772  22.815  -4.851  1.00 18.92 ? 35   LYS A O   1 
ATOM   292  C CB  . LYS A 1 35 ? -3.993  19.959  -4.247  1.00 15.27 ? 35   LYS A CB  1 
ATOM   293  C CG  . LYS A 1 35 ? -4.976  19.087  -5.003  1.00 18.38 ? 35   LYS A CG  1 
ATOM   294  C CD  . LYS A 1 35 ? -6.240  19.830  -5.489  1.00 20.57 ? 35   LYS A CD  1 
ATOM   295  C CE  . LYS A 1 35 ? -7.239  18.767  -6.015  1.00 26.53 ? 35   LYS A CE  1 
ATOM   296  N NZ  . LYS A 1 35 ? -6.693  18.060  -7.214  1.00 32.47 ? 35   LYS A NZ  1 
ATOM   297  N N   . LYS A 1 36 ? -1.269  21.546  -3.788  1.00 14.28 ? 36   LYS A N   1 
ATOM   298  C CA  . LYS A 1 36 ? -0.602  22.702  -3.125  1.00 14.98 ? 36   LYS A CA  1 
ATOM   299  C C   . LYS A 1 36 ? 0.560   23.222  -3.848  1.00 17.00 ? 36   LYS A C   1 
ATOM   300  O O   . LYS A 1 36 ? 1.045   24.349  -3.554  1.00 22.86 ? 36   LYS A O   1 
ATOM   301  C CB  . LYS A 1 36 ? -0.173  22.235  -1.763  1.00 15.31 ? 36   LYS A CB  1 
ATOM   302  C CG  . LYS A 1 36 ? -1.311  21.831  -0.881  1.00 16.09 ? 36   LYS A CG  1 
ATOM   303  C CD  . LYS A 1 36 ? -0.817  21.422  0.507   1.00 17.22 ? 36   LYS A CD  1 
ATOM   304  C CE  . LYS A 1 36 ? -1.862  20.948  1.492   1.00 18.62 ? 36   LYS A CE  1 
ATOM   305  N NZ  . LYS A 1 36 ? -2.778  19.898  1.019   1.00 18.27 ? 36   LYS A NZ  1 
ATOM   306  N N   . ASP A 1 37 ? 1.105   22.468  -4.778  1.00 14.94 ? 37   ASP A N   1 
ATOM   307  C CA  . ASP A 1 37 ? 2.275   22.897  -5.485  1.00 14.55 ? 37   ASP A CA  1 
ATOM   308  C C   . ASP A 1 37 ? 1.944   22.902  -6.962  1.00 17.48 ? 37   ASP A C   1 
ATOM   309  O O   . ASP A 1 37 ? 1.955   21.858  -7.625  1.00 14.08 ? 37   ASP A O   1 
ATOM   310  C CB  . ASP A 1 37 ? 3.432   21.992  -5.017  1.00 15.37 ? 37   ASP A CB  1 
ATOM   311  C CG  . ASP A 1 37 ? 4.714   22.182  -5.775  1.00 14.84 ? 37   ASP A CG  1 
ATOM   312  O OD1 . ASP A 1 37 ? 4.713   22.908  -6.766  1.00 17.32 ? 37   ASP A OD1 1 
ATOM   313  O OD2 . ASP A 1 37 ? 5.759   21.607  -5.365  1.00 17.97 ? 37   ASP A OD2 1 
ATOM   314  N N   . ALA A 1 38 ? 1.703   24.066  -7.540  1.00 17.36 ? 38   ALA A N   1 
ATOM   315  C CA  . ALA A 1 38 ? 1.411   24.166  -8.959  1.00 17.95 ? 38   ALA A CA  1 
ATOM   316  C C   . ALA A 1 38 ? 2.477   23.699  -9.907  1.00 16.50 ? 38   ALA A C   1 
ATOM   317  O O   . ALA A 1 38 ? 2.163   23.201  -10.980 1.00 15.81 ? 38   ALA A O   1 
ATOM   318  C CB  . ALA A 1 38 ? 1.038   25.609  -9.274  1.00 19.51 ? 38   ALA A CB  1 
ATOM   319  N N   . ALA A 1 39 ? 3.764   23.898  -9.585  1.00 15.62 ? 39   ALA A N   1 
ATOM   320  C CA  . ALA A 1 39 ? 4.840   23.427  -10.399 1.00 15.94 ? 39   ALA A CA  1 
ATOM   321  C C   . ALA A 1 39 ? 4.862   21.940  -10.477 1.00 15.28 ? 39   ALA A C   1 
ATOM   322  O O   . ALA A 1 39 ? 5.116   21.369  -11.520 1.00 16.71 ? 39   ALA A O   1 
ATOM   323  C CB  . ALA A 1 39 ? 6.204   23.946  -9.938  1.00 16.89 ? 39   ALA A CB  1 
ATOM   324  N N   . ALA A 1 40 ? 4.613   21.329  -9.290  1.00 15.34 ? 40   ALA A N   1 
ATOM   325  C CA  . ALA A 1 40 ? 4.560   19.867  -9.208  1.00 14.94 ? 40   ALA A CA  1 
ATOM   326  C C   . ALA A 1 40 ? 3.375   19.348  -10.051 1.00 13.23 ? 40   ALA A C   1 
ATOM   327  O O   . ALA A 1 40 ? 3.574   18.384  -10.816 1.00 12.79 ? 40   ALA A O   1 
ATOM   328  C CB  . ALA A 1 40 ? 4.437   19.382  -7.798  1.00 15.30 ? 40   ALA A CB  1 
ATOM   329  N N   . ARG A 1 41 ? 2.228   20.009  -9.953  1.00 13.87 ? 41   ARG A N   1 
ATOM   330  C CA  A ARG A 1 41 ? 1.087   19.659  -10.808 0.50 14.80 ? 41   ARG A CA  1 
ATOM   331  C CA  B ARG A 1 41 ? 1.097   19.668  -10.793 0.50 14.47 ? 41   ARG A CA  1 
ATOM   332  C C   . ARG A 1 41 ? 1.481   19.709  -12.291 1.00 15.13 ? 41   ARG A C   1 
ATOM   333  O O   . ARG A 1 41 ? 1.167   18.799  -13.130 1.00 13.16 ? 41   ARG A O   1 
ATOM   334  C CB  A ARG A 1 41 ? -0.116  20.562  -10.500 0.50 16.56 ? 41   ARG A CB  1 
ATOM   335  C CB  B ARG A 1 41 ? -0.073  20.589  -10.445 0.50 15.63 ? 41   ARG A CB  1 
ATOM   336  C CG  A ARG A 1 41 ? -1.384  20.169  -11.259 0.50 18.54 ? 41   ARG A CG  1 
ATOM   337  C CG  B ARG A 1 41 ? -1.327  20.162  -11.167 0.50 17.32 ? 41   ARG A CG  1 
ATOM   338  C CD  A ARG A 1 41 ? -2.479  21.213  -11.035 0.50 21.28 ? 41   ARG A CD  1 
ATOM   339  C CD  B ARG A 1 41 ? -2.570  20.861  -10.644 0.50 19.45 ? 41   ARG A CD  1 
ATOM   340  N NE  A ARG A 1 41 ? -2.448  21.610  -9.639  0.50 23.12 ? 41   ARG A NE  1 
ATOM   341  N NE  B ARG A 1 41 ? -3.688  19.986  -10.914 0.50 22.69 ? 41   ARG A NE  1 
ATOM   342  C CZ  A ARG A 1 41 ? -2.283  22.853  -9.149  0.50 22.15 ? 41   ARG A CZ  1 
ATOM   343  C CZ  B ARG A 1 41 ? -4.933  20.358  -11.002 0.50 26.59 ? 41   ARG A CZ  1 
ATOM   344  N NH1 A ARG A 1 41 ? -2.154  23.960  -9.917  0.50 22.32 ? 41   ARG A NH1 1 
ATOM   345  N NH1 B ARG A 1 41 ? -5.265  21.633  -10.886 0.50 29.76 ? 41   ARG A NH1 1 
ATOM   346  N NH2 A ARG A 1 41 ? -2.222  22.965  -7.852  0.50 21.11 ? 41   ARG A NH2 1 
ATOM   347  N NH2 B ARG A 1 41 ? -5.831  19.447  -11.204 0.50 22.39 ? 41   ARG A NH2 1 
ATOM   348  N N   . ASN A 1 42 ? 2.217   20.757  -12.686 1.00 15.53 ? 42   ASN A N   1 
ATOM   349  C CA  . ASN A 1 42 ? 2.588   20.869  -14.071 1.00 19.09 ? 42   ASN A CA  1 
ATOM   350  C C   . ASN A 1 42 ? 3.571   19.845  -14.492 1.00 15.67 ? 42   ASN A C   1 
ATOM   351  O O   . ASN A 1 42 ? 3.463   19.292  -15.577 1.00 18.01 ? 42   ASN A O   1 
ATOM   352  C CB  . ASN A 1 42 ? 3.057   22.325  -14.400 1.00 21.74 ? 42   ASN A CB  1 
ATOM   353  C CG  . ASN A 1 42 ? 1.861   23.301  -14.378 1.00 29.41 ? 42   ASN A CG  1 
ATOM   354  O OD1 . ASN A 1 42 ? 0.696   22.919  -14.631 1.00 35.11 ? 42   ASN A OD1 1 
ATOM   355  N ND2 . ASN A 1 42 ? 2.120   24.527  -13.946 1.00 32.32 ? 42   ASN A ND2 1 
ATOM   356  N N   . ARG A 1 43 ? 4.541   19.507  -13.600 1.00 14.55 ? 43   ARG A N   1 
ATOM   357  C CA  . ARG A 1 43 ? 5.434   18.412  -13.964 1.00 13.87 ? 43   ARG A CA  1 
ATOM   358  C C   . ARG A 1 43 ? 4.623   17.075  -14.177 1.00 12.59 ? 43   ARG A C   1 
ATOM   359  O O   . ARG A 1 43 ? 4.858   16.320  -15.115 1.00 12.44 ? 43   ARG A O   1 
ATOM   360  C CB  . ARG A 1 43 ? 6.501   18.093  -12.905 1.00 14.29 ? 43   ARG A CB  1 
ATOM   361  C CG  . ARG A 1 43 ? 7.443   19.274  -12.811 1.00 15.62 ? 43   ARG A CG  1 
ATOM   362  C CD  . ARG A 1 43 ? 8.664   18.949  -11.995 1.00 15.72 ? 43   ARG A CD  1 
ATOM   363  N NE  . ARG A 1 43 ? 8.400   18.523  -10.630 1.00 15.57 ? 43   ARG A NE  1 
ATOM   364  C CZ  . ARG A 1 43 ? 8.220   19.287  -9.603  1.00 15.26 ? 43   ARG A CZ  1 
ATOM   365  N NH1 . ARG A 1 43 ? 8.201   20.614  -9.700  1.00 19.10 ? 43   ARG A NH1 1 
ATOM   366  N NH2 . ARG A 1 43 ? 8.065   18.762  -8.433  1.00 16.14 ? 43   ARG A NH2 1 
ATOM   367  N N   . LEU A 1 44 ? 3.708   16.723  -13.247 1.00 11.53 ? 44   LEU A N   1 
ATOM   368  C CA  . LEU A 1 44 ? 2.930   15.510  -13.354 1.00 12.15 ? 44   LEU A CA  1 
ATOM   369  C C   . LEU A 1 44 ? 2.244   15.409  -14.758 1.00 11.57 ? 44   LEU A C   1 
ATOM   370  O O   . LEU A 1 44 ? 2.389   14.420  -15.427 1.00 11.02 ? 44   LEU A O   1 
ATOM   371  C CB  . LEU A 1 44 ? 1.921   15.487  -12.210 1.00 11.79 ? 44   LEU A CB  1 
ATOM   372  C CG  . LEU A 1 44 ? 0.927   14.327  -12.282 1.00 11.36 ? 44   LEU A CG  1 
ATOM   373  C CD1 . LEU A 1 44 ? 1.622   13.052  -11.833 1.00 12.90 ? 44   LEU A CD1 1 
ATOM   374  C CD2 . LEU A 1 44 ? -0.318  14.595  -11.430 1.00 13.04 ? 44   LEU A CD2 1 
ATOM   375  N N   . LEU A 1 45 ? 1.483   16.427  -15.112 1.00 11.78 ? 45   LEU A N   1 
ATOM   376  C CA  . LEU A 1 45 ? 0.645   16.409  -16.265 1.00 11.95 ? 45   LEU A CA  1 
ATOM   377  C C   . LEU A 1 45 ? 1.433   16.579  -17.587 1.00 13.87 ? 45   LEU A C   1 
ATOM   378  O O   . LEU A 1 45 ? 1.239   15.816  -18.524 1.00 16.74 ? 45   LEU A O   1 
ATOM   379  C CB  . LEU A 1 45 ? -0.342  17.596  -16.204 1.00 14.61 ? 45   LEU A CB  1 
ATOM   380  C CG  . LEU A 1 45 ? -1.434  17.443  -15.158 1.00 14.87 ? 45   LEU A CG  1 
ATOM   381  C CD1 . LEU A 1 45 ? -2.137  18.753  -15.021 1.00 14.95 ? 45   LEU A CD1 1 
ATOM   382  C CD2 . LEU A 1 45 ? -2.380  16.328  -15.465 1.00 16.13 ? 45   LEU A CD2 1 
ATOM   383  N N   . TYR A 1 46 ? 2.368   17.515  -17.575 1.00 17.17 ? 46   TYR A N   1 
ATOM   384  C CA  . TYR A 1 46 ? 3.024   17.974  -18.850 1.00 18.44 ? 46   TYR A CA  1 
ATOM   385  C C   . TYR A 1 46 ? 4.427   17.464  -19.040 1.00 21.95 ? 46   TYR A C   1 
ATOM   386  O O   . TYR A 1 46 ? 4.853   17.404  -20.176 1.00 27.40 ? 46   TYR A O   1 
ATOM   387  C CB  . TYR A 1 46 ? 2.978   19.485  -19.018 1.00 20.08 ? 46   TYR A CB  1 
ATOM   388  C CG  . TYR A 1 46 ? 1.620   20.051  -18.844 1.00 19.88 ? 46   TYR A CG  1 
ATOM   389  C CD1 . TYR A 1 46 ? 0.709   20.017  -19.894 1.00 23.61 ? 46   TYR A CD1 1 
ATOM   390  C CD2 . TYR A 1 46 ? 1.210   20.623  -17.670 1.00 21.12 ? 46   TYR A CD2 1 
ATOM   391  C CE1 . TYR A 1 46 ? -0.551  20.567  -19.753 1.00 21.75 ? 46   TYR A CE1 1 
ATOM   392  C CE2 . TYR A 1 46 ? -0.096  21.130  -17.481 1.00 23.53 ? 46   TYR A CE2 1 
ATOM   393  C CZ  . TYR A 1 46 ? -0.989  21.062  -18.560 1.00 23.06 ? 46   TYR A CZ  1 
ATOM   394  O OH  . TYR A 1 46 ? -2.282  21.533  -18.424 1.00 25.21 ? 46   TYR A OH  1 
ATOM   395  N N   . ASP A 1 47 ? 5.183   17.093  -17.991 1.00 18.01 ? 47   ASP A N   1 
ATOM   396  C CA  . ASP A 1 47 ? 6.500   16.464  -18.129 1.00 18.13 ? 47   ASP A CA  1 
ATOM   397  C C   . ASP A 1 47 ? 6.330   14.925  -18.162 1.00 19.37 ? 47   ASP A C   1 
ATOM   398  O O   . ASP A 1 47 ? 6.945   14.222  -18.946 1.00 18.96 ? 47   ASP A O   1 
ATOM   399  C CB  . ASP A 1 47 ? 7.477   16.723  -16.922 1.00 21.23 ? 47   ASP A CB  1 
ATOM   400  C CG  . ASP A 1 47 ? 7.933   18.123  -16.746 1.00 26.48 ? 47   ASP A CG  1 
ATOM   401  O OD1 . ASP A 1 47 ? 7.426   19.035  -17.350 1.00 29.02 ? 47   ASP A OD1 1 
ATOM   402  O OD2 . ASP A 1 47 ? 8.852   18.293  -15.892 1.00 29.45 ? 47   ASP A OD2 1 
ATOM   403  N N   . TYR A 1 48 ? 5.595   14.381  -17.191 1.00 15.43 ? 48   TYR A N   1 
ATOM   404  C CA  . TYR A 1 48 ? 5.482   12.931  -16.992 1.00 15.75 ? 48   TYR A CA  1 
ATOM   405  C C   . TYR A 1 48 ? 4.292   12.305  -17.651 1.00 13.88 ? 48   TYR A C   1 
ATOM   406  O O   . TYR A 1 48 ? 4.116   11.094  -17.670 1.00 15.56 ? 48   TYR A O   1 
ATOM   407  C CB  . TYR A 1 48 ? 5.476   12.612  -15.484 1.00 14.91 ? 48   TYR A CB  1 
ATOM   408  C CG  . TYR A 1 48 ? 6.719   13.105  -14.762 1.00 18.10 ? 48   TYR A CG  1 
ATOM   409  C CD1 . TYR A 1 48 ? 7.985   12.857  -15.294 1.00 18.81 ? 48   TYR A CD1 1 
ATOM   410  C CD2 . TYR A 1 48 ? 6.641   13.822  -13.570 1.00 15.72 ? 48   TYR A CD2 1 
ATOM   411  C CE1 . TYR A 1 48 ? 9.154   13.325  -14.638 1.00 19.86 ? 48   TYR A CE1 1 
ATOM   412  C CE2 . TYR A 1 48 ? 7.790   14.324  -12.935 1.00 17.82 ? 48   TYR A CE2 1 
ATOM   413  C CZ  . TYR A 1 48 ? 9.025   14.054  -13.474 1.00 21.14 ? 48   TYR A CZ  1 
ATOM   414  O OH  . TYR A 1 48 ? 10.119  14.578  -12.787 1.00 22.12 ? 48   TYR A OH  1 
ATOM   415  N N   . ASP A 1 49 ? 3.460   13.162  -18.240 1.00 15.93 ? 49   ASP A N   1 
ATOM   416  C CA  . ASP A 1 49 ? 2.311   12.646  -18.952 1.00 15.08 ? 49   ASP A CA  1 
ATOM   417  C C   . ASP A 1 49 ? 1.396   11.696  -18.202 1.00 13.01 ? 49   ASP A C   1 
ATOM   418  O O   . ASP A 1 49 ? 0.913   10.679  -18.692 1.00 13.50 ? 49   ASP A O   1 
ATOM   419  C CB  . ASP A 1 49 ? 2.765   11.942  -20.225 1.00 18.83 ? 49   ASP A CB  1 
ATOM   420  C CG  . ASP A 1 49 ? 2.367   12.679  -21.332 1.00 31.36 ? 49   ASP A CG  1 
ATOM   421  O OD1 . ASP A 1 49 ? 3.083   13.719  -21.582 1.00 35.14 ? 49   ASP A OD1 1 
ATOM   422  O OD2 . ASP A 1 49 ? 1.215   12.343  -21.750 1.00 36.52 ? 49   ASP A OD2 1 
ATOM   423  N N   . SER A 1 50 ? 1.162   12.031  -16.928 1.00 11.59 ? 50   SER A N   1 
ATOM   424  C CA  . SER A 1 50 ? 0.399   11.230  -16.042 1.00 10.68 ? 50   SER A CA  1 
ATOM   425  C C   . SER A 1 50 ? -0.791  12.027  -15.588 1.00 11.01 ? 50   SER A C   1 
ATOM   426  O O   . SER A 1 50 ? -0.634  13.218  -15.252 1.00 13.15 ? 50   SER A O   1 
ATOM   427  C CB  . SER A 1 50 ? 1.227   10.695  -14.845 1.00 12.07 ? 50   SER A CB  1 
ATOM   428  O OG  . SER A 1 50 ? 0.347   9.948   -13.980 1.00 12.70 ? 50   SER A OG  1 
ATOM   429  N N   . TYR A 1 51 ? -1.944  11.434  -15.511 1.00 9.37  ? 51   TYR A N   1 
ATOM   430  C CA  . TYR A 1 51 ? -3.218  12.173  -15.263 1.00 9.88  ? 51   TYR A CA  1 
ATOM   431  C C   . TYR A 1 51 ? -3.658  12.025  -13.900 1.00 10.28 ? 51   TYR A C   1 
ATOM   432  O O   . TYR A 1 51 ? -4.727  12.631  -13.569 1.00 10.78 ? 51   TYR A O   1 
ATOM   433  C CB  . TYR A 1 51 ? -4.289  11.669  -16.214 1.00 12.21 ? 51   TYR A CB  1 
ATOM   434  C CG  . TYR A 1 51 ? -3.906  11.813  -17.675 1.00 15.38 ? 51   TYR A CG  1 
ATOM   435  C CD1 . TYR A 1 51 ? -3.154  12.863  -18.125 1.00 21.75 ? 51   TYR A CD1 1 
ATOM   436  C CD2 . TYR A 1 51 ? -4.178  10.817  -18.512 1.00 19.56 ? 51   TYR A CD2 1 
ATOM   437  C CE1 . TYR A 1 51 ? -2.785  12.908  -19.448 1.00 27.87 ? 51   TYR A CE1 1 
ATOM   438  C CE2 . TYR A 1 51 ? -3.827  10.861  -19.830 1.00 23.48 ? 51   TYR A CE2 1 
ATOM   439  C CZ  . TYR A 1 51 ? -3.203  11.929  -20.272 1.00 21.80 ? 51   TYR A CZ  1 
ATOM   440  O OH  . TYR A 1 51 ? -2.921  11.887  -21.617 1.00 32.18 ? 51   TYR A OH  1 
ATOM   441  N N   . SER A 1 52 ? -3.087  11.261  -12.999 1.00 8.54  ? 52   SER A N   1 
ATOM   442  C CA  . SER A 1 52 ? -3.551  10.983  -11.679 1.00 9.48  ? 52   SER A CA  1 
ATOM   443  C C   . SER A 1 52 ? -2.462  10.793  -10.684 1.00 9.30  ? 52   SER A C   1 
ATOM   444  O O   . SER A 1 52 ? -1.273  10.532  -11.055 1.00 9.38  ? 52   SER A O   1 
ATOM   445  C CB  . SER A 1 52 ? -4.557  9.873   -11.614 1.00 9.85  ? 52   SER A CB  1 
ATOM   446  O OG  . SER A 1 52 ? -3.934  8.621   -11.961 1.00 13.39 ? 52   SER A OG  1 
ATOM   447  N N   . THR A 1 53 ? -2.767  10.842  -9.394  1.00 8.13  ? 53   THR A N   1 
ATOM   448  C CA  . THR A 1 53 ? -1.904  10.433  -8.341  1.00 9.07  ? 53   THR A CA  1 
ATOM   449  C C   . THR A 1 53 ? -2.418  9.148   -7.695  1.00 9.27  ? 53   THR A C   1 
ATOM   450  O O   . THR A 1 53 ? -3.634  8.868   -7.707  1.00 9.62  ? 53   THR A O   1 
ATOM   451  C CB  . THR A 1 53 ? -1.736  11.538  -7.298  1.00 9.67  ? 53   THR A CB  1 
ATOM   452  O OG1 . THR A 1 53 ? -3.056  11.908  -6.836  1.00 11.92 ? 53   THR A OG1 1 
ATOM   453  C CG2 . THR A 1 53 ? -1.066  12.743  -7.943  1.00 12.32 ? 53   THR A CG2 1 
ATOM   454  N N   . PRO A 1 54 ? -1.528  8.355   -7.116  1.00 8.52  ? 54   PRO A N   1 
ATOM   455  C CA  . PRO A 1 54 ? -0.085  8.499   -7.068  1.00 8.55  ? 54   PRO A CA  1 
ATOM   456  C C   . PRO A 1 54 ? 0.564   8.319   -8.407  1.00 7.93  ? 54   PRO A C   1 
ATOM   457  O O   . PRO A 1 54 ? 0.172   7.499   -9.233  1.00 8.78  ? 54   PRO A O   1 
ATOM   458  C CB  . PRO A 1 54 ? 0.370   7.401   -6.127  1.00 9.72  ? 54   PRO A CB  1 
ATOM   459  C CG  . PRO A 1 54 ? -0.673  6.332   -6.201  1.00 9.71  ? 54   PRO A CG  1 
ATOM   460  C CD  . PRO A 1 54 ? -1.996  7.085   -6.508  1.00 9.61  ? 54   PRO A CD  1 
ATOM   461  N N   . THR A 1 55 ? 1.649   9.052   -8.559  1.00 8.50  ? 55   THR A N   1 
ATOM   462  C CA  . THR A 1 55 ? 2.661   8.749   -9.609  1.00 8.13  ? 55   THR A CA  1 
ATOM   463  C C   . THR A 1 55 ? 3.983   8.847   -8.977  1.00 8.52  ? 55   THR A C   1 
ATOM   464  O O   . THR A 1 55 ? 4.243   9.750   -8.265  1.00 8.85  ? 55   THR A O   1 
ATOM   465  C CB  . THR A 1 55 ? 2.496   9.746   -10.792 1.00 8.82  ? 55   THR A CB  1 
ATOM   466  O OG1 . THR A 1 55 ? 1.278   9.542   -11.480 1.00 9.52  ? 55   THR A OG1 1 
ATOM   467  C CG2 . THR A 1 55 ? 3.626   9.570   -11.779 1.00 9.84  ? 55   THR A CG2 1 
ATOM   468  N N   . VAL A 1 56 ? 4.870   7.878   -9.270  1.00 8.28  ? 56   VAL A N   1 
ATOM   469  C CA  . VAL A 1 56 ? 6.247   7.804   -8.769  1.00 8.93  ? 56   VAL A CA  1 
ATOM   470  C C   . VAL A 1 56 ? 7.155   7.842   -9.958  1.00 9.90  ? 56   VAL A C   1 
ATOM   471  O O   . VAL A 1 56 ? 6.898   7.173   -10.996 1.00 10.18 ? 56   VAL A O   1 
ATOM   472  C CB  . VAL A 1 56 ? 6.480   6.512   -7.951  1.00 8.83  ? 56   VAL A CB  1 
ATOM   473  C CG1 . VAL A 1 56 ? 7.856   6.419   -7.362  1.00 9.80  ? 56   VAL A CG1 1 
ATOM   474  C CG2 . VAL A 1 56 ? 5.432   6.443   -6.846  1.00 9.27  ? 56   VAL A CG2 1 
ATOM   475  N N   . VAL A 1 57 ? 8.218   8.631   -9.878  1.00 9.40  ? 57   VAL A N   1 
ATOM   476  C CA  . VAL A 1 57 ? 9.238   8.655   -10.910 1.00 10.32 ? 57   VAL A CA  1 
ATOM   477  C C   . VAL A 1 57 ? 10.525  8.193   -10.288 1.00 9.11  ? 57   VAL A C   1 
ATOM   478  O O   . VAL A 1 57 ? 10.955  8.674   -9.230  1.00 10.84 ? 57   VAL A O   1 
ATOM   479  C CB  . VAL A 1 57 ? 9.388   10.091  -11.435 1.00 10.95 ? 57   VAL A CB  1 
ATOM   480  C CG1 . VAL A 1 57 ? 10.373  10.228  -12.620 1.00 14.48 ? 57   VAL A CG1 1 
ATOM   481  C CG2 . VAL A 1 57 ? 8.020   10.681  -11.875 1.00 12.01 ? 57   VAL A CG2 1 
ATOM   482  N N   . ILE A 1 58 ? 11.101  7.153   -10.887 1.00 10.59 ? 58   ILE A N   1 
ATOM   483  C CA  . ILE A 1 58 ? 12.316  6.449   -10.328 1.00 11.01 ? 58   ILE A CA  1 
ATOM   484  C C   . ILE A 1 58 ? 13.446  6.555   -11.380 1.00 10.77 ? 58   ILE A C   1 
ATOM   485  O O   . ILE A 1 58 ? 13.352  5.908   -12.426 1.00 10.45 ? 58   ILE A O   1 
ATOM   486  C CB  . ILE A 1 58 ? 12.046  5.024   -10.007 1.00 11.77 ? 58   ILE A CB  1 
ATOM   487  C CG1 . ILE A 1 58 ? 10.953  4.944   -8.901  1.00 13.41 ? 58   ILE A CG1 1 
ATOM   488  C CG2 . ILE A 1 58 ? 13.315  4.331   -9.552  1.00 12.96 ? 58   ILE A CG2 1 
ATOM   489  C CD1 . ILE A 1 58 ? 10.323  3.606   -8.744  1.00 15.37 ? 58   ILE A CD1 1 
ATOM   490  N N   . ASP A 1 59 ? 14.412  7.432   -11.155 1.00 11.20 ? 59   ASP A N   1 
ATOM   491  C CA  . ASP A 1 59 ? 15.513  7.649   -12.120 1.00 13.41 ? 59   ASP A CA  1 
ATOM   492  C C   . ASP A 1 59 ? 15.002  7.888   -13.508 1.00 13.60 ? 59   ASP A C   1 
ATOM   493  O O   . ASP A 1 59 ? 15.497  7.380   -14.509 1.00 13.37 ? 59   ASP A O   1 
ATOM   494  C CB  . ASP A 1 59 ? 16.518  6.546   -12.089 1.00 14.33 ? 59   ASP A CB  1 
ATOM   495  C CG  . ASP A 1 59 ? 17.941  7.002   -12.535 1.00 16.58 ? 59   ASP A CG  1 
ATOM   496  O OD1 . ASP A 1 59 ? 18.250  8.208   -12.484 1.00 19.25 ? 59   ASP A OD1 1 
ATOM   497  O OD2 . ASP A 1 59 ? 18.656  6.083   -12.890 1.00 21.22 ? 59   ASP A OD2 1 
ATOM   498  N N   . GLY A 1 60 ? 13.920  8.629   -13.572 1.00 11.85 ? 60   GLY A N   1 
ATOM   499  C CA  . GLY A 1 60 ? 13.305  9.033   -14.823 1.00 12.88 ? 60   GLY A CA  1 
ATOM   500  C C   . GLY A 1 60 ? 12.162  8.182   -15.296 1.00 13.53 ? 60   GLY A C   1 
ATOM   501  O O   . GLY A 1 60 ? 11.459  8.553   -16.254 1.00 14.78 ? 60   GLY A O   1 
ATOM   502  N N   . GLU A 1 61 ? 11.979  7.008   -14.741 1.00 10.91 ? 61   GLU A N   1 
ATOM   503  C CA  . GLU A 1 61 ? 10.915  6.112   -15.155 1.00 12.47 ? 61   GLU A CA  1 
ATOM   504  C C   . GLU A 1 61 ? 9.591   6.473   -14.453 1.00 12.92 ? 61   GLU A C   1 
ATOM   505  O O   . GLU A 1 61 ? 9.563   6.465   -13.214 1.00 12.17 ? 61   GLU A O   1 
ATOM   506  C CB  . GLU A 1 61 ? 11.313  4.687   -14.809 1.00 15.23 ? 61   GLU A CB  1 
ATOM   507  C CG  . GLU A 1 61 ? 10.279  3.653   -15.230 1.00 18.38 ? 61   GLU A CG  1 
ATOM   508  C CD  . GLU A 1 61 ? 10.569  2.842   -16.429 1.00 28.36 ? 61   GLU A CD  1 
ATOM   509  O OE1 . GLU A 1 61 ? 11.660  2.217   -16.439 1.00 36.66 ? 61   GLU A OE1 1 
ATOM   510  O OE2 . GLU A 1 61 ? 9.629   2.746   -17.270 1.00 29.33 ? 61   GLU A OE2 1 
ATOM   511  N N   . VAL A 1 62 ? 8.531   6.646   -15.228 1.00 12.73 ? 62   VAL A N   1 
ATOM   512  C CA  . VAL A 1 62 ? 7.219   7.081   -14.698 1.00 13.09 ? 62   VAL A CA  1 
ATOM   513  C C   . VAL A 1 62 ? 6.388   5.860   -14.373 1.00 12.98 ? 62   VAL A C   1 
ATOM   514  O O   . VAL A 1 62 ? 6.170   4.995   -15.275 1.00 16.01 ? 62   VAL A O   1 
ATOM   515  C CB  . VAL A 1 62 ? 6.542   7.995   -15.656 1.00 13.64 ? 62   VAL A CB  1 
ATOM   516  C CG1 . VAL A 1 62 ? 5.091   8.232   -15.121 1.00 15.20 ? 62   VAL A CG1 1 
ATOM   517  C CG2 . VAL A 1 62 ? 7.401   9.204   -15.801 1.00 15.86 ? 62   VAL A CG2 1 
ATOM   518  N N   . VAL A 1 63 ? 5.914   5.684   -13.115 1.00 11.84 ? 63   VAL A N   1 
ATOM   519  C CA  . VAL A 1 63 ? 5.052   4.616   -12.727 1.00 11.83 ? 63   VAL A CA  1 
ATOM   520  C C   . VAL A 1 63 ? 3.763   5.381   -12.298 1.00 14.34 ? 63   VAL A C   1 
ATOM   521  O O   . VAL A 1 63 ? 3.685   5.998   -11.217 1.00 13.61 ? 63   VAL A O   1 
ATOM   522  C CB  . VAL A 1 63 ? 5.663   3.790   -11.606 1.00 12.73 ? 63   VAL A CB  1 
ATOM   523  C CG1 . VAL A 1 63 ? 4.721   2.683   -11.214 1.00 13.23 ? 63   VAL A CG1 1 
ATOM   524  C CG2 . VAL A 1 63 ? 7.041   3.271   -12.072 1.00 13.17 ? 63   VAL A CG2 1 
ATOM   525  N N   . ALA A 1 64 ? 2.775   5.313   -13.161 1.00 14.99 ? 64   ALA A N   1 
ATOM   526  C CA  . ALA A 1 64 ? 1.533   6.067   -13.051 1.00 17.39 ? 64   ALA A CA  1 
ATOM   527  C C   . ALA A 1 64 ? 0.565   5.188   -12.328 1.00 16.46 ? 64   ALA A C   1 
ATOM   528  O O   . ALA A 1 64 ? 0.368   3.980   -12.662 1.00 17.99 ? 64   ALA A O   1 
ATOM   529  C CB  . ALA A 1 64 ? 0.999   6.349   -14.413 1.00 18.07 ? 64   ALA A CB  1 
ATOM   530  N N   . GLY A 1 65 ? -0.136  5.748   -11.364 1.00 16.08 ? 65   GLY A N   1 
ATOM   531  C CA  . GLY A 1 65 ? -1.165  5.011   -10.670 1.00 16.67 ? 65   GLY A CA  1 
ATOM   532  C C   . GLY A 1 65 ? -0.635  4.001   -9.682  1.00 17.63 ? 65   GLY A C   1 
ATOM   533  O O   . GLY A 1 65 ? 0.463   4.071   -9.276  1.00 19.83 ? 65   GLY A O   1 
ATOM   534  N N   . PHE A 1 66 ? -1.479  3.054   -9.256  1.00 18.67 ? 66   PHE A N   1 
ATOM   535  C CA  . PHE A 1 66 ? -1.229  2.032   -8.172  1.00 17.68 ? 66   PHE A CA  1 
ATOM   536  C C   . PHE A 1 66 ? -0.639  0.777   -8.738  1.00 20.45 ? 66   PHE A C   1 
ATOM   537  O O   . PHE A 1 66 ? -1.368  -0.059  -9.279  1.00 22.27 ? 66   PHE A O   1 
ATOM   538  C CB  . PHE A 1 66 ? -2.564  1.749   -7.439  1.00 20.50 ? 66   PHE A CB  1 
ATOM   539  C CG  . PHE A 1 66 ? -2.401  1.110   -6.159  1.00 21.94 ? 66   PHE A CG  1 
ATOM   540  C CD1 . PHE A 1 66 ? -1.958  1.823   -5.097  1.00 25.84 ? 66   PHE A CD1 1 
ATOM   541  C CD2 . PHE A 1 66 ? -2.616  -0.198  -6.018  1.00 24.10 ? 66   PHE A CD2 1 
ATOM   542  C CE1 . PHE A 1 66 ? -1.763  1.231   -3.863  1.00 24.28 ? 66   PHE A CE1 1 
ATOM   543  C CE2 . PHE A 1 66 ? -2.455  -0.824  -4.803  1.00 25.64 ? 66   PHE A CE2 1 
ATOM   544  C CZ  . PHE A 1 66 ? -2.013  -0.111  -3.711  1.00 26.28 ? 66   PHE A CZ  1 
ATOM   545  N N   . GLN A 1 67 ? 0.701   0.666   -8.706  1.00 17.68 ? 67   GLN A N   1 
ATOM   546  C CA  . GLN A 1 67 ? 1.471   -0.477  -9.237  1.00 17.38 ? 67   GLN A CA  1 
ATOM   547  C C   . GLN A 1 67 ? 2.610   -0.935  -8.304  1.00 19.10 ? 67   GLN A C   1 
ATOM   548  O O   . GLN A 1 67 ? 3.842   -0.739  -8.524  1.00 18.99 ? 67   GLN A O   1 
ATOM   549  C CB  . GLN A 1 67 ? 2.153   -0.136  -10.569 1.00 19.04 ? 67   GLN A CB  1 
ATOM   550  C CG  . GLN A 1 67 ? 1.189   0.260   -11.657 1.00 18.59 ? 67   GLN A CG  1 
ATOM   551  C CD  . GLN A 1 67 ? 1.881   0.427   -12.994 1.00 16.41 ? 67   GLN A CD  1 
ATOM   552  O OE1 . GLN A 1 67 ? 2.503   -0.519  -13.474 1.00 18.92 ? 67   GLN A OE1 1 
ATOM   553  N NE2 . GLN A 1 67 ? 1.850   1.592   -13.561 1.00 15.25 ? 67   GLN A NE2 1 
ATOM   554  N N   . ILE A 1 68 ? 2.241   -1.646  -7.283  1.00 20.16 ? 68   ILE A N   1 
ATOM   555  C CA  . ILE A 1 68 ? 3.173   -1.979  -6.245  1.00 18.15 ? 68   ILE A CA  1 
ATOM   556  C C   . ILE A 1 68 ? 4.283   -2.829  -6.711  1.00 17.46 ? 68   ILE A C   1 
ATOM   557  O O   . ILE A 1 68 ? 5.432   -2.545  -6.409  1.00 16.91 ? 68   ILE A O   1 
ATOM   558  C CB  . ILE A 1 68 ? 2.429   -2.613  -5.047  1.00 18.69 ? 68   ILE A CB  1 
ATOM   559  C CG1 . ILE A 1 68 ? 1.470   -1.595  -4.413  1.00 22.10 ? 68   ILE A CG1 1 
ATOM   560  C CG2 . ILE A 1 68 ? 3.371   -3.188  -4.068  1.00 21.03 ? 68   ILE A CG2 1 
ATOM   561  C CD1 . ILE A 1 68 ? 2.041   -0.302  -3.902  1.00 22.88 ? 68   ILE A CD1 1 
ATOM   562  N N   . GLU A 1 69 ? 3.972   -3.888  -7.455  1.00 17.87 ? 69   GLU A N   1 
ATOM   563  C CA  . GLU A 1 69 ? 5.046   -4.815  -7.838  1.00 20.09 ? 69   GLU A CA  1 
ATOM   564  C C   . GLU A 1 69 ? 6.034   -4.130  -8.850  1.00 16.57 ? 69   GLU A C   1 
ATOM   565  O O   . GLU A 1 69 ? 7.205   -4.397  -8.810  1.00 20.01 ? 69   GLU A O   1 
ATOM   566  C CB  . GLU A 1 69 ? 4.471   -6.152  -8.355  1.00 24.17 ? 69   GLU A CB  1 
ATOM   567  C CG  . GLU A 1 69 ? 3.973   -7.067  -7.215  1.00 27.59 ? 69   GLU A CG  1 
ATOM   568  C CD  . GLU A 1 69 ? 3.833   -8.573  -7.611  1.00 29.64 ? 69   GLU A CD  1 
ATOM   569  O OE1 . GLU A 1 69 ? 3.463   -8.878  -8.767  1.00 31.29 ? 69   GLU A OE1 1 
ATOM   570  O OE2 . GLU A 1 69 ? 4.091   -9.470  -6.750  1.00 38.85 ? 69   GLU A OE2 1 
ATOM   571  N N   . LYS A 1 70 ? 5.552   -3.252  -9.703  1.00 16.47 ? 70   LYS A N   1 
ATOM   572  C CA  . LYS A 1 70 ? 6.397   -2.509  -10.623 1.00 15.67 ? 70   LYS A CA  1 
ATOM   573  C C   . LYS A 1 70 ? 7.347   -1.573  -9.755  1.00 16.99 ? 70   LYS A C   1 
ATOM   574  O O   . LYS A 1 70 ? 8.538   -1.375  -10.007 1.00 16.60 ? 70   LYS A O   1 
ATOM   575  C CB  . LYS A 1 70 ? 5.507   -1.640  -11.457 1.00 18.38 ? 70   LYS A CB  1 
ATOM   576  C CG  . LYS A 1 70 ? 6.192   -0.815  -12.495 1.00 19.09 ? 70   LYS A CG  1 
ATOM   577  C CD  . LYS A 1 70 ? 6.803   -1.757  -13.511 1.00 16.52 ? 70   LYS A CD  1 
ATOM   578  C CE  . LYS A 1 70 ? 7.252   -1.055  -14.721 1.00 19.32 ? 70   LYS A CE  1 
ATOM   579  N NZ  . LYS A 1 70 ? 8.109   -1.958  -15.546 1.00 20.29 ? 70   LYS A NZ  1 
ATOM   580  N N   . LEU A 1 71 ? 6.802   -0.898  -8.752  1.00 16.34 ? 71   LEU A N   1 
ATOM   581  C CA  . LEU A 1 71 ? 7.656   -0.172  -7.824  1.00 16.17 ? 71   LEU A CA  1 
ATOM   582  C C   . LEU A 1 71 ? 8.700   -1.045  -7.178  1.00 14.89 ? 71   LEU A C   1 
ATOM   583  O O   . LEU A 1 71 ? 9.892   -0.683  -7.095  1.00 13.46 ? 71   LEU A O   1 
ATOM   584  C CB  . LEU A 1 71 ? 6.876   0.426   -6.705  1.00 16.59 ? 71   LEU A CB  1 
ATOM   585  C CG  . LEU A 1 71 ? 5.898   1.493   -7.170  1.00 17.31 ? 71   LEU A CG  1 
ATOM   586  C CD1 . LEU A 1 71 ? 5.257   2.052   -5.878  1.00 18.75 ? 71   LEU A CD1 1 
ATOM   587  C CD2 . LEU A 1 71 ? 6.597   2.622   -7.941  1.00 16.72 ? 71   LEU A CD2 1 
ATOM   588  N N   . GLN A 1 72 ? 8.310   -2.193  -6.664  1.00 15.81 ? 72   GLN A N   1 
ATOM   589  C CA  . GLN A 1 72 ? 9.296   -3.035  -5.978  1.00 16.97 ? 72   GLN A CA  1 
ATOM   590  C C   . GLN A 1 72 ? 10.491  -3.379  -6.906  1.00 16.45 ? 72   GLN A C   1 
ATOM   591  O O   . GLN A 1 72 ? 11.649  -3.395  -6.507  1.00 18.95 ? 72   GLN A O   1 
ATOM   592  C CB  . GLN A 1 72 ? 8.707   -4.373  -5.502  1.00 22.36 ? 72   GLN A CB  1 
ATOM   593  C CG  . GLN A 1 72 ? 7.852   -4.216  -4.274  1.00 26.34 ? 72   GLN A CG  1 
ATOM   594  C CD  . GLN A 1 72 ? 7.252   -5.506  -3.718  1.00 30.83 ? 72   GLN A CD  1 
ATOM   595  O OE1 . GLN A 1 72 ? 7.561   -5.904  -2.618  1.00 37.18 ? 72   GLN A OE1 1 
ATOM   596  N NE2 . GLN A 1 72 ? 6.367   -6.130  -4.476  1.00 28.15 ? 72   GLN A NE2 1 
ATOM   597  N N   . GLN A 1 73 ? 10.125  -3.738  -8.170  1.00 17.70 ? 73   GLN A N   1 
ATOM   598  C CA  A GLN A 1 73 ? 11.036  -4.073  -9.294  0.50 17.99 ? 73   GLN A CA  1 
ATOM   599  C CA  B GLN A 1 73 ? 11.106  -4.059  -9.248  0.50 17.30 ? 73   GLN A CA  1 
ATOM   600  C C   . GLN A 1 73 ? 12.049  -2.908  -9.427  1.00 16.01 ? 73   GLN A C   1 
ATOM   601  O O   . GLN A 1 73 ? 13.301  -3.056  -9.325  1.00 15.31 ? 73   GLN A O   1 
ATOM   602  C CB  A GLN A 1 73 ? 10.215  -4.329  -10.658 0.50 18.50 ? 73   GLN A CB  1 
ATOM   603  C CB  B GLN A 1 73 ? 10.422  -4.289  -10.627 0.50 16.79 ? 73   GLN A CB  1 
ATOM   604  C CG  A GLN A 1 73 ? 9.729   -5.804  -10.957 0.50 19.10 ? 73   GLN A CG  1 
ATOM   605  C CG  B GLN A 1 73 ? 11.339  -4.523  -11.848 0.50 16.29 ? 73   GLN A CG  1 
ATOM   606  C CD  A GLN A 1 73 ? 8.479   -6.057  -11.888 0.50 18.25 ? 73   GLN A CD  1 
ATOM   607  C CD  B GLN A 1 73 ? 11.062  -3.583  -13.004 0.50 14.91 ? 73   GLN A CD  1 
ATOM   608  O OE1 A GLN A 1 73 ? 7.626   -6.881  -11.493 0.50 20.27 ? 73   GLN A OE1 1 
ATOM   609  O OE1 B GLN A 1 73 ? 9.984   -3.571  -13.561 0.50 14.60 ? 73   GLN A OE1 1 
ATOM   610  N NE2 A GLN A 1 73 ? 8.414   -5.492  -13.147 0.50 13.52 ? 73   GLN A NE2 1 
ATOM   611  N NE2 B GLN A 1 73 ? 12.091  -2.956  -13.471 0.50 18.41 ? 73   GLN A NE2 1 
ATOM   612  N N   . LEU A 1 74 ? 11.503  -1.761  -9.701  1.00 13.86 ? 74   LEU A N   1 
ATOM   613  C CA  . LEU A 1 74 ? 12.286  -0.577  -10.061 1.00 12.66 ? 74   LEU A CA  1 
ATOM   614  C C   . LEU A 1 74 ? 13.172  -0.010  -8.957  1.00 11.59 ? 74   LEU A C   1 
ATOM   615  O O   . LEU A 1 74 ? 14.235  0.572   -9.203  1.00 14.32 ? 74   LEU A O   1 
ATOM   616  C CB  . LEU A 1 74 ? 11.337  0.543   -10.634 1.00 14.54 ? 74   LEU A CB  1 
ATOM   617  C CG  . LEU A 1 74 ? 10.805  0.316   -12.027 1.00 15.22 ? 74   LEU A CG  1 
ATOM   618  C CD1 . LEU A 1 74 ? 9.779   1.379   -12.320 1.00 16.87 ? 74   LEU A CD1 1 
ATOM   619  C CD2 . LEU A 1 74 ? 11.928  0.314   -13.029 1.00 17.67 ? 74   LEU A CD2 1 
ATOM   620  N N   . LEU A 1 75 ? 12.732  -0.233  -7.743  1.00 12.41 ? 75   LEU A N   1 
ATOM   621  C CA  . LEU A 1 75 ? 13.466  0.351   -6.576  1.00 14.43 ? 75   LEU A CA  1 
ATOM   622  C C   . LEU A 1 75 ? 14.440  -0.682  -6.150  1.00 17.58 ? 75   LEU A C   1 
ATOM   623  O O   . LEU A 1 75 ? 14.475  -1.848  -6.741  1.00 17.46 ? 75   LEU A O   1 
ATOM   624  C CB  . LEU A 1 75 ? 12.535  0.627   -5.416  1.00 13.81 ? 75   LEU A CB  1 
ATOM   625  C CG  . LEU A 1 75 ? 11.618  1.829   -5.775  1.00 15.04 ? 75   LEU A CG  1 
ATOM   626  C CD1 . LEU A 1 75 ? 10.527  1.954   -4.731  1.00 15.76 ? 75   LEU A CD1 1 
ATOM   627  C CD2 . LEU A 1 75 ? 12.480  3.084   -5.830  1.00 16.59 ? 75   LEU A CD2 1 
ATOM   628  N N   . ASN A 1 76 ? 15.278  -0.605  -5.177  1.00 18.18 ? 76   ASN A N   1 
ATOM   629  C CA  . ASN A 1 76 ? 15.924  -2.111  -5.545  1.00 30.08 ? 76   ASN A CA  1 
ATOM   630  C C   . ASN A 1 76 ? 15.742  -3.287  -4.559  1.00 23.91 ? 76   ASN A C   1 
ATOM   631  O O   . ASN A 1 76 ? 14.497  -3.545  -4.279  1.00 24.58 ? 76   ASN A O   1 
ATOM   632  C CB  . ASN A 1 76 ? 17.263  -2.080  -6.392  1.00 28.73 ? 76   ASN A CB  1 
ATOM   633  C CG  . ASN A 1 76 ? 17.325  -3.037  -7.580  1.00 34.72 ? 76   ASN A CG  1 
ATOM   634  O OD1 . ASN A 1 76 ? 18.117  -3.991  -7.492  1.00 47.26 ? 76   ASN A OD1 1 
ATOM   635  N ND2 . ASN A 1 76 ? 16.622  -2.799  -8.716  1.00 27.72 ? 76   ASN A ND2 1 
ATOM   636  N N   . LYS B 1 3  ? -16.286 -15.134 5.103   1.00 31.03 ? 3    LYS B N   1 
ATOM   637  C CA  . LYS B 1 3  ? -16.071 -13.688 5.010   1.00 28.29 ? 3    LYS B CA  1 
ATOM   638  C C   . LYS B 1 3  ? -14.607 -13.302 4.726   1.00 23.98 ? 3    LYS B C   1 
ATOM   639  O O   . LYS B 1 3  ? -13.873 -13.923 3.964   1.00 25.30 ? 3    LYS B O   1 
ATOM   640  C CB  . LYS B 1 3  ? -16.636 -12.981 6.255   1.00 27.61 ? 3    LYS B CB  1 
ATOM   641  C CG  . LYS B 1 3  ? -17.346 -11.637 5.921   1.00 33.63 ? 3    LYS B CG  1 
ATOM   642  C CD  . LYS B 1 3  ? -16.598 -10.248 5.914   1.00 24.70 ? 3    LYS B CD  1 
ATOM   643  C CE  . LYS B 1 3  ? -17.420 -9.187  6.688   1.00 31.82 ? 3    LYS B CE  1 
ATOM   644  N NZ  . LYS B 1 3  ? -17.327 -9.166  8.161   1.00 30.67 ? 3    LYS B NZ  1 
ATOM   645  N N   . ILE B 1 4  ? -14.294 -12.110 5.083   1.00 17.71 ? 4    ILE B N   1 
ATOM   646  C CA  . ILE B 1 4  ? -12.965 -11.631 5.003   1.00 19.45 ? 4    ILE B CA  1 
ATOM   647  C C   . ILE B 1 4  ? -12.528 -11.306 6.404   1.00 14.20 ? 4    ILE B C   1 
ATOM   648  O O   . ILE B 1 4  ? -13.189 -10.567 7.151   1.00 15.59 ? 4    ILE B O   1 
ATOM   649  C CB  . ILE B 1 4  ? -12.868 -10.283 4.265   1.00 20.94 ? 4    ILE B CB  1 
ATOM   650  C CG1 . ILE B 1 4  ? -13.669 -10.273 2.959   1.00 27.45 ? 4    ILE B CG1 1 
ATOM   651  C CG2 . ILE B 1 4  ? -11.398 -9.866  4.152   1.00 19.32 ? 4    ILE B CG2 1 
ATOM   652  C CD1 . ILE B 1 4  ? -13.101 -11.144 1.922   1.00 28.88 ? 4    ILE B CD1 1 
ATOM   653  N N   . GLU B 1 5  ? -11.444 -11.953 6.758   1.00 13.26 ? 5    GLU B N   1 
ATOM   654  C CA  . GLU B 1 5  ? -10.840 -11.878 8.070   1.00 12.88 ? 5    GLU B CA  1 
ATOM   655  C C   . GLU B 1 5  ? -9.461  -11.198 7.930   1.00 12.18 ? 5    GLU B C   1 
ATOM   656  O O   . GLU B 1 5  ? -8.675  -11.600 7.077   1.00 14.69 ? 5    GLU B O   1 
ATOM   657  C CB  . GLU B 1 5  ? -10.632 -13.258 8.700   1.00 14.02 ? 5    GLU B CB  1 
ATOM   658  C CG  . GLU B 1 5  ? -11.945 -14.020 8.881   1.00 14.98 ? 5    GLU B CG  1 
ATOM   659  C CD  . GLU B 1 5  ? -11.754 -15.425 9.388   1.00 20.51 ? 5    GLU B CD  1 
ATOM   660  O OE1 . GLU B 1 5  ? -10.637 -15.852 9.748   1.00 19.15 ? 5    GLU B OE1 1 
ATOM   661  O OE2 . GLU B 1 5  ? -12.791 -16.190 9.335   1.00 21.59 ? 5    GLU B OE2 1 
ATOM   662  N N   . VAL B 1 6  ? -9.142  -10.256 8.786   1.00 11.86 ? 6    VAL B N   1 
ATOM   663  C CA  . VAL B 1 6  ? -7.865  -9.561  8.765   1.00 10.88 ? 6    VAL B CA  1 
ATOM   664  C C   . VAL B 1 6  ? -7.196  -9.695  10.100  1.00 10.54 ? 6    VAL B C   1 
ATOM   665  O O   . VAL B 1 6  ? -7.746  -9.143  11.093  1.00 12.74 ? 6    VAL B O   1 
ATOM   666  C CB  . VAL B 1 6  ? -8.080  -8.080  8.340   1.00 13.88 ? 6    VAL B CB  1 
ATOM   667  C CG1 . VAL B 1 6  ? -6.735  -7.339  8.288   1.00 14.28 ? 6    VAL B CG1 1 
ATOM   668  C CG2 . VAL B 1 6  ? -8.881  -7.979  7.038   1.00 14.09 ? 6    VAL B CG2 1 
ATOM   669  N N   . TYR B 1 7  ? -6.108  -10.369 10.184  1.00 10.67 ? 7    TYR B N   1 
ATOM   670  C CA  . TYR B 1 7  ? -5.348  -10.636 11.419  1.00 12.35 ? 7    TYR B CA  1 
ATOM   671  C C   . TYR B 1 7  ? -4.201  -9.603  11.486  1.00 12.08 ? 7    TYR B C   1 
ATOM   672  O O   . TYR B 1 7  ? -3.427  -9.520  10.565  1.00 12.18 ? 7    TYR B O   1 
ATOM   673  C CB  . TYR B 1 7  ? -4.777  -12.075 11.461  1.00 11.70 ? 7    TYR B CB  1 
ATOM   674  C CG  . TYR B 1 7  ? -5.959  -13.091 11.597  1.00 12.22 ? 7    TYR B CG  1 
ATOM   675  C CD1 . TYR B 1 7  ? -6.671  -13.541 10.458  1.00 12.81 ? 7    TYR B CD1 1 
ATOM   676  C CD2 . TYR B 1 7  ? -6.411  -13.498 12.826  1.00 12.42 ? 7    TYR B CD2 1 
ATOM   677  C CE1 . TYR B 1 7  ? -7.774  -14.388 10.577  1.00 12.89 ? 7    TYR B CE1 1 
ATOM   678  C CE2 . TYR B 1 7  ? -7.506  -14.307 12.986  1.00 11.70 ? 7    TYR B CE2 1 
ATOM   679  C CZ  . TYR B 1 7  ? -8.143  -14.741 11.846  1.00 12.30 ? 7    TYR B CZ  1 
ATOM   680  O OH  . TYR B 1 7  ? -9.295  -15.492 12.011  1.00 12.95 ? 7    TYR B OH  1 
ATOM   681  N N   . THR B 1 8  ? -4.137  -8.900  12.586  1.00 14.88 ? 8    THR B N   1 
ATOM   682  C CA  . THR B 1 8  ? -3.193  -7.842  12.699  1.00 17.54 ? 8    THR B CA  1 
ATOM   683  C C   . THR B 1 8  ? -2.553  -7.900  14.098  1.00 21.40 ? 8    THR B C   1 
ATOM   684  O O   . THR B 1 8  ? -2.921  -8.721  14.927  1.00 19.58 ? 8    THR B O   1 
ATOM   685  C CB  . THR B 1 8  ? -3.873  -6.528  12.509  1.00 17.14 ? 8    THR B CB  1 
ATOM   686  O OG1 . THR B 1 8  ? -4.729  -6.307  13.654  1.00 18.67 ? 8    THR B OG1 1 
ATOM   687  C CG2 . THR B 1 8  ? -4.606  -6.355  11.198  1.00 17.34 ? 8    THR B CG2 1 
ATOM   688  N N   . GLN B 1 9  ? -1.647  -6.975  14.388  1.00 19.79 ? 9    GLN B N   1 
ATOM   689  C CA  . GLN B 1 9  ? -1.031  -6.915  15.744  1.00 23.75 ? 9    GLN B CA  1 
ATOM   690  C C   . GLN B 1 9  ? -0.474  -5.532  15.804  1.00 25.69 ? 9    GLN B C   1 
ATOM   691  O O   . GLN B 1 9  ? -0.394  -4.858  14.787  1.00 20.52 ? 9    GLN B O   1 
ATOM   692  C CB  . GLN B 1 9  ? 0.052   -8.005  15.929  1.00 24.61 ? 9    GLN B CB  1 
ATOM   693  C CG  . GLN B 1 9  ? 1.402   -7.642  15.397  1.00 27.16 ? 9    GLN B CG  1 
ATOM   694  C CD  . GLN B 1 9  ? 2.433   -8.752  15.529  1.00 34.32 ? 9    GLN B CD  1 
ATOM   695  O OE1 . GLN B 1 9  ? 2.109   -9.943  15.754  1.00 40.23 ? 9    GLN B OE1 1 
ATOM   696  N NE2 . GLN B 1 9  ? 3.709   -8.372  15.332  1.00 36.26 ? 9    GLN B NE2 1 
ATOM   697  N N   . PRO B 1 10 ? -0.143  -5.051  17.020  1.00 23.58 ? 10   PRO B N   1 
ATOM   698  C CA  . PRO B 1 10 ? 0.323   -3.648  17.181  1.00 23.83 ? 10   PRO B CA  1 
ATOM   699  C C   . PRO B 1 10 ? 1.666   -3.474  16.536  1.00 21.28 ? 10   PRO B C   1 
ATOM   700  O O   . PRO B 1 10 ? 2.432   -4.437  16.317  1.00 23.07 ? 10   PRO B O   1 
ATOM   701  C CB  . PRO B 1 10 ? 0.372   -3.427  18.714  1.00 24.44 ? 10   PRO B CB  1 
ATOM   702  C CG  . PRO B 1 10 ? -0.449  -4.556  19.266  1.00 24.88 ? 10   PRO B CG  1 
ATOM   703  C CD  . PRO B 1 10 ? -0.342  -5.728  18.301  1.00 25.34 ? 10   PRO B CD  1 
ATOM   704  N N   . ASP B 1 11 ? 1.936   -2.219  16.217  1.00 20.97 ? 11   ASP B N   1 
ATOM   705  C CA  . ASP B 1 11 ? 3.196   -1.776  15.668  1.00 25.96 ? 11   ASP B CA  1 
ATOM   706  C C   . ASP B 1 11 ? 3.493   -2.537  14.395  1.00 20.40 ? 11   ASP B C   1 
ATOM   707  O O   . ASP B 1 11 ? 4.548   -3.160  14.253  1.00 22.29 ? 11   ASP B O   1 
ATOM   708  C CB  . ASP B 1 11 ? 4.309   -1.893  16.697  1.00 27.56 ? 11   ASP B CB  1 
ATOM   709  C CG  . ASP B 1 11 ? 5.545   -1.149  16.281  1.00 31.62 ? 11   ASP B CG  1 
ATOM   710  O OD1 . ASP B 1 11 ? 5.422   -0.119  15.555  1.00 31.46 ? 11   ASP B OD1 1 
ATOM   711  O OD2 . ASP B 1 11 ? 6.646   -1.679  16.582  1.00 37.58 ? 11   ASP B OD2 1 
ATOM   712  N N   . CYS B 1 12 ? 2.520   -2.489  13.481  1.00 19.84 ? 12   CYS B N   1 
ATOM   713  C CA  . CYS B 1 12 ? 2.596   -3.214  12.273  1.00 17.61 ? 12   CYS B CA  1 
ATOM   714  C C   . CYS B 1 12 ? 2.242   -2.282  11.117  1.00 16.07 ? 12   CYS B C   1 
ATOM   715  O O   . CYS B 1 12 ? 1.107   -2.213  10.662  1.00 14.22 ? 12   CYS B O   1 
ATOM   716  C CB  . CYS B 1 12 ? 1.625   -4.374  12.348  1.00 16.94 ? 12   CYS B CB  1 
ATOM   717  S SG  . CYS B 1 12 ? 1.603   -5.438  10.936  1.00 16.36 ? 12   CYS B SG  1 
ATOM   718  N N   . PRO B 1 13 ? 3.229   -1.599  10.579  1.00 15.20 ? 13   PRO B N   1 
ATOM   719  C CA  . PRO B 1 13 ? 2.942   -0.718  9.499   1.00 14.59 ? 13   PRO B CA  1 
ATOM   720  C C   . PRO B 1 13 ? 2.277   -1.409  8.251   1.00 14.61 ? 13   PRO B C   1 
ATOM   721  O O   . PRO B 1 13 ? 1.344   -0.829  7.664   1.00 15.70 ? 13   PRO B O   1 
ATOM   722  C CB  . PRO B 1 13 ? 4.295   -0.055  9.199   1.00 15.79 ? 13   PRO B CB  1 
ATOM   723  C CG  . PRO B 1 13 ? 4.934   -0.064  10.581  1.00 16.77 ? 13   PRO B CG  1 
ATOM   724  C CD  . PRO B 1 13 ? 4.585   -1.421  11.118  1.00 16.99 ? 13   PRO B CD  1 
ATOM   725  N N   . PRO B 1 14 ? 2.709   -2.611  7.863   1.00 13.19 ? 14   PRO B N   1 
ATOM   726  C CA  . PRO B 1 14 ? 2.030   -3.301  6.816   1.00 14.44 ? 14   PRO B CA  1 
ATOM   727  C C   . PRO B 1 14 ? 0.516   -3.583  7.068   1.00 12.93 ? 14   PRO B C   1 
ATOM   728  O O   . PRO B 1 14 ? -0.275  -3.574  6.129   1.00 13.86 ? 14   PRO B O   1 
ATOM   729  C CB  . PRO B 1 14 ? 2.892   -4.548  6.595   1.00 13.30 ? 14   PRO B CB  1 
ATOM   730  C CG  . PRO B 1 14 ? 4.274   -4.111  7.077   1.00 14.29 ? 14   PRO B CG  1 
ATOM   731  C CD  . PRO B 1 14 ? 3.915   -3.355  8.270   1.00 13.89 ? 14   PRO B CD  1 
ATOM   732  N N   . CYS B 1 15 ? 0.180   -3.857  8.321   1.00 12.38 ? 15   CYS B N   1 
ATOM   733  C CA  . CYS B 1 15 ? -1.168  -4.053  8.708   1.00 13.22 ? 15   CYS B CA  1 
ATOM   734  C C   . CYS B 1 15 ? -2.001  -2.814  8.421   1.00 14.26 ? 15   CYS B C   1 
ATOM   735  O O   . CYS B 1 15 ? -3.128  -2.866  7.938   1.00 13.70 ? 15   CYS B O   1 
ATOM   736  C CB  . CYS B 1 15 ? -1.270  -4.357  10.190  1.00 15.60 ? 15   CYS B CB  1 
ATOM   737  S SG  . CYS B 1 15 ? -0.552  -5.876  10.775  1.00 17.89 ? 15   CYS B SG  1 
ATOM   738  N N   . VAL B 1 16 ? -1.474  -1.645  8.818   1.00 14.82 ? 16   VAL B N   1 
ATOM   739  C CA  . VAL B 1 16 ? -2.168  -0.377  8.599   1.00 15.79 ? 16   VAL B CA  1 
ATOM   740  C C   . VAL B 1 16 ? -2.385  -0.147  7.120   1.00 14.91 ? 16   VAL B C   1 
ATOM   741  O O   . VAL B 1 16 ? -3.479  0.234   6.687   1.00 16.16 ? 16   VAL B O   1 
ATOM   742  C CB  . VAL B 1 16 ? -1.308  0.794   9.192   1.00 17.33 ? 16   VAL B CB  1 
ATOM   743  C CG1 . VAL B 1 16 ? -1.962  2.187   9.008   1.00 20.62 ? 16   VAL B CG1 1 
ATOM   744  C CG2 . VAL B 1 16 ? -1.054  0.585   10.682  1.00 20.09 ? 16   VAL B CG2 1 
ATOM   745  N N   . ILE B 1 17 ? -1.389  -0.430  6.277   1.00 13.92 ? 17   ILE B N   1 
ATOM   746  C CA  . ILE B 1 17 ? -1.435  -0.262  4.878   1.00 15.17 ? 17   ILE B CA  1 
ATOM   747  C C   . ILE B 1 17 ? -2.471  -1.187  4.206   1.00 14.91 ? 17   ILE B C   1 
ATOM   748  O O   . ILE B 1 17 ? -3.283  -0.741  3.376   1.00 14.93 ? 17   ILE B O   1 
ATOM   749  C CB  . ILE B 1 17 ? -0.078  -0.464  4.198   1.00 17.74 ? 17   ILE B CB  1 
ATOM   750  C CG1 . ILE B 1 17 ? 0.980   0.512   4.789   1.00 19.25 ? 17   ILE B CG1 1 
ATOM   751  C CG2 . ILE B 1 17 ? -0.216  -0.079  2.791   1.00 19.69 ? 17   ILE B CG2 1 
ATOM   752  C CD1 . ILE B 1 17 ? 2.434   0.208   4.423   1.00 18.67 ? 17   ILE B CD1 1 
ATOM   753  N N   . VAL B 1 18 ? -2.476  -2.465  4.595   1.00 13.05 ? 18   VAL B N   1 
ATOM   754  C CA  . VAL B 1 18 ? -3.478  -3.422  4.124   1.00 12.66 ? 18   VAL B CA  1 
ATOM   755  C C   . VAL B 1 18 ? -4.891  -2.911  4.510   1.00 12.38 ? 18   VAL B C   1 
ATOM   756  O O   . VAL B 1 18 ? -5.793  -2.928  3.668   1.00 11.18 ? 18   VAL B O   1 
ATOM   757  C CB  . VAL B 1 18 ? -3.201  -4.822  4.723   1.00 13.57 ? 18   VAL B CB  1 
ATOM   758  C CG1 . VAL B 1 18 ? -4.471  -5.671  4.677   1.00 14.90 ? 18   VAL B CG1 1 
ATOM   759  C CG2 . VAL B 1 18 ? -2.106  -5.459  3.970   1.00 13.97 ? 18   VAL B CG2 1 
ATOM   760  N N   . LYS B 1 19 ? -5.083  -2.457  5.730   1.00 10.94 ? 19   LYS B N   1 
ATOM   761  C CA  . LYS B 1 19 ? -6.411  -1.983  6.088   1.00 12.59 ? 19   LYS B CA  1 
ATOM   762  C C   . LYS B 1 19 ? -6.828  -0.802  5.217   1.00 13.98 ? 19   LYS B C   1 
ATOM   763  O O   . LYS B 1 19 ? -8.015  -0.664  4.795   1.00 14.87 ? 19   LYS B O   1 
ATOM   764  C CB  . LYS B 1 19 ? -6.492  -1.737  7.561   1.00 11.94 ? 19   LYS B CB  1 
ATOM   765  C CG  . LYS B 1 19 ? -6.431  -2.986  8.402   1.00 13.18 ? 19   LYS B CG  1 
ATOM   766  C CD  . LYS B 1 19 ? -6.665  -2.691  9.833   1.00 16.52 ? 19   LYS B CD  1 
ATOM   767  C CE  . LYS B 1 19 ? -5.487  -2.131  10.487  1.00 20.53 ? 19   LYS B CE  1 
ATOM   768  N NZ  . LYS B 1 19 ? -5.823  -1.943  11.929  1.00 23.82 ? 19   LYS B NZ  1 
ATOM   769  N N   . GLU B 1 20 ? -5.907  0.132   4.985   1.00 13.55 ? 20   GLU B N   1 
ATOM   770  C CA  . GLU B 1 20 ? -6.231  1.268   4.144   1.00 14.98 ? 20   GLU B CA  1 
ATOM   771  C C   . GLU B 1 20 ? -6.620  0.858   2.755   1.00 13.47 ? 20   GLU B C   1 
ATOM   772  O O   . GLU B 1 20 ? -7.553  1.482   2.114   1.00 14.28 ? 20   GLU B O   1 
ATOM   773  C CB  . GLU B 1 20 ? -5.039  2.204   4.112   1.00 19.17 ? 20   GLU B CB  1 
ATOM   774  C CG  . GLU B 1 20 ? -4.893  2.900   5.422   1.00 24.13 ? 20   GLU B CG  1 
ATOM   775  C CD  . GLU B 1 20 ? -6.195  3.496   5.932   1.00 29.41 ? 20   GLU B CD  1 
ATOM   776  O OE1 . GLU B 1 20 ? -6.765  4.346   5.208   1.00 33.25 ? 20   GLU B OE1 1 
ATOM   777  O OE2 . GLU B 1 20 ? -6.667  3.068   6.999   1.00 31.24 ? 20   GLU B OE2 1 
ATOM   778  N N   . PHE B 1 21 ? -6.002  -0.163  2.252   1.00 12.77 ? 21   PHE B N   1 
ATOM   779  C CA  . PHE B 1 21 ? -6.287  -0.683  0.945   1.00 13.72 ? 21   PHE B CA  1 
ATOM   780  C C   . PHE B 1 21 ? -7.712  -1.277  0.894   1.00 15.03 ? 21   PHE B C   1 
ATOM   781  O O   . PHE B 1 21 ? -8.504  -1.047  -0.073  1.00 14.65 ? 21   PHE B O   1 
ATOM   782  C CB  . PHE B 1 21 ? -5.266  -1.680  0.494   1.00 16.66 ? 21   PHE B CB  1 
ATOM   783  C CG  . PHE B 1 21 ? -5.635  -2.398  -0.769  1.00 20.59 ? 21   PHE B CG  1 
ATOM   784  C CD1 . PHE B 1 21 ? -5.420  -1.773  -1.967  1.00 22.39 ? 21   PHE B CD1 1 
ATOM   785  C CD2 . PHE B 1 21 ? -6.161  -3.668  -0.754  1.00 21.68 ? 21   PHE B CD2 1 
ATOM   786  C CE1 . PHE B 1 21 ? -5.767  -2.365  -3.150  1.00 22.58 ? 21   PHE B CE1 1 
ATOM   787  C CE2 . PHE B 1 21 ? -6.554  -4.275  -1.924  1.00 24.89 ? 21   PHE B CE2 1 
ATOM   788  C CZ  . PHE B 1 21 ? -6.336  -3.612  -3.125  1.00 24.94 ? 21   PHE B CZ  1 
ATOM   789  N N   . LEU B 1 22 ? -8.065  -2.070  1.911   1.00 13.27 ? 22   LEU B N   1 
ATOM   790  C CA  . LEU B 1 22 ? -9.379  -2.659  2.035   1.00 14.74 ? 22   LEU B CA  1 
ATOM   791  C C   . LEU B 1 22 ? -10.422 -1.644  2.171   1.00 15.51 ? 22   LEU B C   1 
ATOM   792  O O   . LEU B 1 22 ? -11.457 -1.738  1.507   1.00 15.59 ? 22   LEU B O   1 
ATOM   793  C CB  . LEU B 1 22 ? -9.386  -3.542  3.250   1.00 14.43 ? 22   LEU B CB  1 
ATOM   794  C CG  . LEU B 1 22 ? -8.544  -4.799  3.028   1.00 14.72 ? 22   LEU B CG  1 
ATOM   795  C CD1 . LEU B 1 22 ? -8.512  -5.633  4.335   1.00 15.63 ? 22   LEU B CD1 1 
ATOM   796  C CD2 . LEU B 1 22 ? -9.008  -5.648  1.870   1.00 17.71 ? 22   LEU B CD2 1 
ATOM   797  N N   . LYS B 1 23 ? -10.198 -0.624  2.985   1.00 14.44 ? 23   LYS B N   1 
ATOM   798  C CA  . LYS B 1 23 ? -11.129 0.470   3.123   1.00 15.68 ? 23   LYS B CA  1 
ATOM   799  C C   . LYS B 1 23 ? -11.309 1.250   1.828   1.00 15.66 ? 23   LYS B C   1 
ATOM   800  O O   . LYS B 1 23 ? -12.412 1.676   1.554   1.00 16.92 ? 23   LYS B O   1 
ATOM   801  C CB  . LYS B 1 23 ? -10.754 1.422   4.261   1.00 15.55 ? 23   LYS B CB  1 
ATOM   802  C CG  . LYS B 1 23 ? -10.789 0.805   5.664   1.00 18.94 ? 23   LYS B CG  1 
ATOM   803  C CD  . LYS B 1 23 ? -10.016 1.613   6.691   1.00 24.00 ? 23   LYS B CD  1 
ATOM   804  C CE  . LYS B 1 23 ? -10.468 3.054   6.867   1.00 31.76 ? 23   LYS B CE  1 
ATOM   805  N NZ  . LYS B 1 23 ? -9.534  3.705   7.842   1.00 37.07 ? 23   LYS B NZ  1 
ATOM   806  N N   . HIS B 1 24 ? -10.208 1.525   1.148   1.00 15.55 ? 24   HIS B N   1 
ATOM   807  C CA  . HIS B 1 24 ? -10.320 2.318   -0.091  1.00 16.93 ? 24   HIS B CA  1 
ATOM   808  C C   . HIS B 1 24 ? -11.215 1.577   -1.094  1.00 17.16 ? 24   HIS B C   1 
ATOM   809  O O   . HIS B 1 24 ? -11.975 2.196   -1.866  1.00 15.95 ? 24   HIS B O   1 
ATOM   810  C CB  . HIS B 1 24 ? -8.969  2.557   -0.713  1.00 16.47 ? 24   HIS B CB  1 
ATOM   811  C CG  . HIS B 1 24 ? -9.057  3.326   -1.992  1.00 16.76 ? 24   HIS B CG  1 
ATOM   812  N ND1 . HIS B 1 24 ? -9.655  4.558   -2.010  1.00 20.08 ? 24   HIS B ND1 1 
ATOM   813  C CD2 . HIS B 1 24 ? -8.757  3.000   -3.250  1.00 21.73 ? 24   HIS B CD2 1 
ATOM   814  C CE1 . HIS B 1 24 ? -9.635  5.003   -3.241  1.00 19.88 ? 24   HIS B CE1 1 
ATOM   815  N NE2 . HIS B 1 24 ? -9.138  4.067   -4.018  1.00 17.50 ? 24   HIS B NE2 1 
ATOM   816  N N   . ASN B 1 25 ? -11.117 0.264   -1.100  1.00 18.18 ? 25   ASN B N   1 
ATOM   817  C CA  . ASN B 1 25 ? -11.985 -0.625  -1.907  1.00 21.12 ? 25   ASN B CA  1 
ATOM   818  C C   . ASN B 1 25 ? -13.356 -0.981  -1.275  1.00 18.78 ? 25   ASN B C   1 
ATOM   819  O O   . ASN B 1 25 ? -14.144 -1.769  -1.842  1.00 20.01 ? 25   ASN B O   1 
ATOM   820  C CB  . ASN B 1 25 ? -11.205 -1.844  -2.243  1.00 21.02 ? 25   ASN B CB  1 
ATOM   821  C CG  . ASN B 1 25 ? -10.165 -1.580  -3.313  1.00 27.75 ? 25   ASN B CG  1 
ATOM   822  O OD1 . ASN B 1 25 ? -10.528 -1.420  -4.474  1.00 31.95 ? 25   ASN B OD1 1 
ATOM   823  N ND2 . ASN B 1 25 ? -8.905  -1.501  -2.942  1.00 25.66 ? 25   ASN B ND2 1 
ATOM   824  N N   . ASN B 1 26 ? -13.603 -0.441  -0.120  1.00 16.78 ? 26   ASN B N   1 
ATOM   825  C CA  . ASN B 1 26 ? -14.892 -0.559  0.592   1.00 20.09 ? 26   ASN B CA  1 
ATOM   826  C C   . ASN B 1 26 ? -15.290 -2.059  0.798   1.00 19.66 ? 26   ASN B C   1 
ATOM   827  O O   . ASN B 1 26 ? -16.430 -2.470  0.690   1.00 18.20 ? 26   ASN B O   1 
ATOM   828  C CB  . ASN B 1 26 ? -16.013 0.227   -0.124  1.00 20.92 ? 26   ASN B CB  1 
ATOM   829  C CG  . ASN B 1 26 ? -15.667 1.694   -0.314  1.00 21.87 ? 26   ASN B CG  1 
ATOM   830  O OD1 . ASN B 1 26 ? -15.348 2.114   -1.441  1.00 25.49 ? 26   ASN B OD1 1 
ATOM   831  N ND2 . ASN B 1 26 ? -15.795 2.435   0.730   1.00 24.85 ? 26   ASN B ND2 1 
ATOM   832  N N   . VAL B 1 27 ? -14.303 -2.821  1.156   1.00 17.78 ? 27   VAL B N   1 
ATOM   833  C CA  . VAL B 1 27 ? -14.383 -4.214  1.554   1.00 17.26 ? 27   VAL B CA  1 
ATOM   834  C C   . VAL B 1 27 ? -15.015 -4.370  2.920   1.00 17.63 ? 27   VAL B C   1 
ATOM   835  O O   . VAL B 1 27 ? -14.753 -3.682  3.866   1.00 19.33 ? 27   VAL B O   1 
ATOM   836  C CB  . VAL B 1 27 ? -13.005 -4.817  1.463   1.00 18.32 ? 27   VAL B CB  1 
ATOM   837  C CG1 . VAL B 1 27 ? -13.075 -6.269  1.940   1.00 17.88 ? 27   VAL B CG1 1 
ATOM   838  C CG2 . VAL B 1 27 ? -12.537 -4.766  0.042   1.00 21.51 ? 27   VAL B CG2 1 
ATOM   839  N N   . ALA B 1 28 ? -16.018 -5.269  2.991   1.00 16.23 ? 28   ALA B N   1 
ATOM   840  C CA  . ALA B 1 28 ? -16.578 -5.645  4.288   1.00 15.67 ? 28   ALA B CA  1 
ATOM   841  C C   . ALA B 1 28 ? -15.639 -6.685  4.912   1.00 16.93 ? 28   ALA B C   1 
ATOM   842  O O   . ALA B 1 28 ? -15.435 -7.725  4.281   1.00 22.01 ? 28   ALA B O   1 
ATOM   843  C CB  . ALA B 1 28 ? -17.983 -6.253  4.117   1.00 16.99 ? 28   ALA B CB  1 
ATOM   844  N N   . TYR B 1 29 ? -15.015 -6.391  6.020   1.00 15.49 ? 29   TYR B N   1 
ATOM   845  C CA  . TYR B 1 29 ? -14.070 -7.374  6.636   1.00 14.63 ? 29   TYR B CA  1 
ATOM   846  C C   . TYR B 1 29 ? -14.247 -7.282  8.125   1.00 13.41 ? 29   TYR B C   1 
ATOM   847  O O   . TYR B 1 29 ? -14.815 -6.313  8.660   1.00 15.04 ? 29   TYR B O   1 
ATOM   848  C CB  . TYR B 1 29 ? -12.622 -7.149  6.288   1.00 14.02 ? 29   TYR B CB  1 
ATOM   849  C CG  . TYR B 1 29 ? -12.075 -5.847  6.728   1.00 14.96 ? 29   TYR B CG  1 
ATOM   850  C CD1 . TYR B 1 29 ? -12.118 -4.724  5.888   1.00 17.05 ? 29   TYR B CD1 1 
ATOM   851  C CD2 . TYR B 1 29 ? -11.418 -5.734  7.929   1.00 15.51 ? 29   TYR B CD2 1 
ATOM   852  C CE1 . TYR B 1 29 ? -11.597 -3.509  6.335   1.00 19.11 ? 29   TYR B CE1 1 
ATOM   853  C CE2 . TYR B 1 29 ? -10.902 -4.504  8.393   1.00 18.33 ? 29   TYR B CE2 1 
ATOM   854  C CZ  . TYR B 1 29 ? -10.976 -3.433  7.573   1.00 19.90 ? 29   TYR B CZ  1 
ATOM   855  O OH  . TYR B 1 29 ? -10.462 -2.227  8.001   1.00 23.71 ? 29   TYR B OH  1 
ATOM   856  N N   . GLU B 1 30 ? -13.755 -8.270  8.898   1.00 14.37 ? 30   GLU B N   1 
ATOM   857  C CA  . GLU B 1 30 ? -13.602 -8.235  10.376  1.00 16.13 ? 30   GLU B CA  1 
ATOM   858  C C   . GLU B 1 30 ? -12.139 -8.305  10.736  1.00 13.56 ? 30   GLU B C   1 
ATOM   859  O O   . GLU B 1 30 ? -11.415 -9.094  10.112  1.00 13.80 ? 30   GLU B O   1 
ATOM   860  C CB  . GLU B 1 30 ? -14.323 -9.410  11.105  1.00 21.45 ? 30   GLU B CB  1 
ATOM   861  C CG  . GLU B 1 30 ? -15.775 -9.072  11.404  1.00 29.67 ? 30   GLU B CG  1 
ATOM   862  C CD  . GLU B 1 30 ? -16.499 -10.210 12.093  1.00 34.38 ? 30   GLU B CD  1 
ATOM   863  O OE1 . GLU B 1 30 ? -15.820 -10.999 12.819  1.00 34.56 ? 30   GLU B OE1 1 
ATOM   864  O OE2 . GLU B 1 30 ? -17.742 -10.275 11.888  1.00 41.65 ? 30   GLU B OE2 1 
ATOM   865  N N   . GLU B 1 31 ? -11.627 -7.518  11.668  1.00 13.79 ? 31   GLU B N   1 
ATOM   866  C CA  . GLU B 1 31 ? -10.264 -7.464  12.092  1.00 15.07 ? 31   GLU B CA  1 
ATOM   867  C C   . GLU B 1 31 ? -10.039 -8.179  13.426  1.00 15.24 ? 31   GLU B C   1 
ATOM   868  O O   . GLU B 1 31 ? -10.941 -8.127  14.332  1.00 19.46 ? 31   GLU B O   1 
ATOM   869  C CB  . GLU B 1 31 ? -9.793  -5.994  12.153  1.00 17.47 ? 31   GLU B CB  1 
ATOM   870  C CG  . GLU B 1 31 ? -8.450  -5.927  12.822  1.00 19.30 ? 31   GLU B CG  1 
ATOM   871  C CD  . GLU B 1 31 ? -7.794  -4.511  12.866  1.00 19.56 ? 31   GLU B CD  1 
ATOM   872  O OE1 . GLU B 1 31 ? -8.537  -3.580  12.586  1.00 23.28 ? 31   GLU B OE1 1 
ATOM   873  O OE2 . GLU B 1 31 ? -6.589  -4.473  13.213  1.00 24.66 ? 31   GLU B OE2 1 
ATOM   874  N N   . PHE B 1 32 ? -8.938  -8.888  13.567  1.00 15.10 ? 32   PHE B N   1 
ATOM   875  C CA  . PHE B 1 32 ? -8.624  -9.630  14.815  1.00 14.97 ? 32   PHE B CA  1 
ATOM   876  C C   . PHE B 1 32 ? -7.209  -9.337  15.216  1.00 19.12 ? 32   PHE B C   1 
ATOM   877  O O   . PHE B 1 32 ? -6.330  -9.461  14.375  1.00 17.79 ? 32   PHE B O   1 
ATOM   878  C CB  . PHE B 1 32 ? -8.776  -11.148 14.593  1.00 14.99 ? 32   PHE B CB  1 
ATOM   879  C CG  . PHE B 1 32 ? -10.133 -11.537 14.185  1.00 13.68 ? 32   PHE B CG  1 
ATOM   880  C CD1 . PHE B 1 32 ? -11.211 -11.580 15.086  1.00 18.47 ? 32   PHE B CD1 1 
ATOM   881  C CD2 . PHE B 1 32 ? -10.376 -11.885 12.899  1.00 15.50 ? 32   PHE B CD2 1 
ATOM   882  C CE1 . PHE B 1 32 ? -12.471 -11.907 14.629  1.00 16.57 ? 32   PHE B CE1 1 
ATOM   883  C CE2 . PHE B 1 32 ? -11.628 -12.166 12.420  1.00 14.94 ? 32   PHE B CE2 1 
ATOM   884  C CZ  . PHE B 1 32 ? -12.686 -12.240 13.302  1.00 17.52 ? 32   PHE B CZ  1 
ATOM   885  N N   . ASP B 1 33 ? -6.962  -8.989  16.499  1.00 19.57 ? 33   ASP B N   1 
ATOM   886  C CA  . ASP B 1 33 ? -5.636  -8.669  16.965  1.00 18.73 ? 33   ASP B CA  1 
ATOM   887  C C   . ASP B 1 33 ? -4.996  -9.864  17.624  1.00 19.19 ? 33   ASP B C   1 
ATOM   888  O O   . ASP B 1 33 ? -5.511  -10.290 18.686  1.00 19.69 ? 33   ASP B O   1 
ATOM   889  C CB  . ASP B 1 33 ? -5.718  -7.388  17.821  1.00 21.07 ? 33   ASP B CB  1 
ATOM   890  C CG  . ASP B 1 33 ? -4.341  -6.979  18.444  1.00 21.88 ? 33   ASP B CG  1 
ATOM   891  O OD1 . ASP B 1 33 ? -3.433  -7.822  18.656  1.00 22.05 ? 33   ASP B OD1 1 
ATOM   892  O OD2 . ASP B 1 33 ? -4.185  -5.741  18.549  1.00 29.80 ? 33   ASP B OD2 1 
ATOM   893  N N   . VAL B 1 34 ? -3.954  -10.445 17.072  1.00 19.75 ? 34   VAL B N   1 
ATOM   894  C CA  . VAL B 1 34 ? -3.355  -11.677 17.559  1.00 20.12 ? 34   VAL B CA  1 
ATOM   895  C C   . VAL B 1 34 ? -2.466  -11.559 18.816  1.00 24.49 ? 34   VAL B C   1 
ATOM   896  O O   . VAL B 1 34 ? -2.071  -12.565 19.398  1.00 26.20 ? 34   VAL B O   1 
ATOM   897  C CB  . VAL B 1 34 ? -2.649  -12.513 16.470  1.00 19.00 ? 34   VAL B CB  1 
ATOM   898  C CG1 . VAL B 1 34 ? -3.605  -12.841 15.305  1.00 19.78 ? 34   VAL B CG1 1 
ATOM   899  C CG2 . VAL B 1 34 ? -1.324  -11.871 15.943  1.00 17.42 ? 34   VAL B CG2 1 
ATOM   900  N N   . LYS B 1 35 ? -2.070  -10.333 19.100  1.00 25.02 ? 35   LYS B N   1 
ATOM   901  C CA  . LYS B 1 35 ? -1.507  -9.991  20.412  1.00 29.15 ? 35   LYS B CA  1 
ATOM   902  C C   . LYS B 1 35 ? -2.578  -10.074 21.479  1.00 27.77 ? 35   LYS B C   1 
ATOM   903  O O   . LYS B 1 35 ? -2.375  -10.784 22.474  1.00 30.70 ? 35   LYS B O   1 
ATOM   904  C CB  . LYS B 1 35 ? -0.959  -8.570  20.399  1.00 32.43 ? 35   LYS B CB  1 
ATOM   905  C CG  . LYS B 1 35 ? 0.502   -8.483  20.080  1.00 40.32 ? 35   LYS B CG  1 
ATOM   906  C CD  . LYS B 1 35 ? 1.172   -7.531  21.070  1.00 46.42 ? 35   LYS B CD  1 
ATOM   907  C CE  . LYS B 1 35 ? 2.662   -7.362  20.831  1.00 51.45 ? 35   LYS B CE  1 
ATOM   908  N NZ  . LYS B 1 35 ? 3.366   -8.566  20.307  1.00 54.83 ? 35   LYS B NZ  1 
ATOM   909  N N   . LYS B 1 36 ? -3.652  -9.292  21.323  1.00 31.34 ? 36   LYS B N   1 
ATOM   910  C CA  . LYS B 1 36 ? -4.748  -9.158  22.298  1.00 30.23 ? 36   LYS B CA  1 
ATOM   911  C C   . LYS B 1 36 ? -5.610  -10.412 22.465  1.00 29.39 ? 36   LYS B C   1 
ATOM   912  O O   . LYS B 1 36 ? -6.205  -10.605 23.542  1.00 34.47 ? 36   LYS B O   1 
ATOM   913  C CB  . LYS B 1 36 ? -5.693  -8.041  21.856  1.00 35.15 ? 36   LYS B CB  1 
ATOM   914  C CG  . LYS B 1 36 ? -5.406  -6.644  22.337  1.00 40.61 ? 36   LYS B CG  1 
ATOM   915  C CD  . LYS B 1 36 ? -4.034  -6.152  21.923  1.00 44.64 ? 36   LYS B CD  1 
ATOM   916  C CE  . LYS B 1 36 ? -2.973  -6.492  22.965  1.00 47.10 ? 36   LYS B CE  1 
ATOM   917  N NZ  . LYS B 1 36 ? -1.742  -5.684  22.767  1.00 47.78 ? 36   LYS B NZ  1 
ATOM   918  N N   . ASP B 1 37 ? -5.722  -11.230 21.407  1.00 25.77 ? 37   ASP B N   1 
ATOM   919  C CA  . ASP B 1 37 ? -6.784  -12.230 21.282  1.00 24.21 ? 37   ASP B CA  1 
ATOM   920  C C   . ASP B 1 37 ? -6.115  -13.545 21.028  1.00 25.00 ? 37   ASP B C   1 
ATOM   921  O O   . ASP B 1 37 ? -5.734  -13.878 19.897  1.00 21.67 ? 37   ASP B O   1 
ATOM   922  C CB  . ASP B 1 37 ? -7.685  -11.833 20.123  1.00 25.00 ? 37   ASP B CB  1 
ATOM   923  C CG  . ASP B 1 37 ? -8.868  -12.719 19.908  1.00 26.78 ? 37   ASP B CG  1 
ATOM   924  O OD1 . ASP B 1 37 ? -8.826  -13.927 20.233  1.00 28.91 ? 37   ASP B OD1 1 
ATOM   925  O OD2 . ASP B 1 37 ? -9.831  -12.207 19.328  1.00 27.91 ? 37   ASP B OD2 1 
ATOM   926  N N   . ALA B 1 38 ? -5.993  -14.359 22.067  1.00 23.44 ? 38   ALA B N   1 
ATOM   927  C CA  . ALA B 1 38 ? -5.369  -15.633 21.915  1.00 22.21 ? 38   ALA B CA  1 
ATOM   928  C C   . ALA B 1 38 ? -6.066  -16.548 20.911  1.00 18.95 ? 38   ALA B C   1 
ATOM   929  O O   . ALA B 1 38 ? -5.441  -17.407 20.280  1.00 20.36 ? 38   ALA B O   1 
ATOM   930  C CB  . ALA B 1 38 ? -5.370  -16.356 23.285  1.00 25.13 ? 38   ALA B CB  1 
ATOM   931  N N   . ALA B 1 39 ? -7.393  -16.551 20.990  1.00 17.48 ? 39   ALA B N   1 
ATOM   932  C CA  . ALA B 1 39 ? -8.177  -17.332 20.021  1.00 18.11 ? 39   ALA B CA  1 
ATOM   933  C C   . ALA B 1 39 ? -7.815  -16.973 18.548  1.00 14.83 ? 39   ALA B C   1 
ATOM   934  O O   . ALA B 1 39 ? -7.629  -17.860 17.709  1.00 14.77 ? 39   ALA B O   1 
ATOM   935  C CB  . ALA B 1 39 ? -9.700  -17.159 20.226  1.00 18.36 ? 39   ALA B CB  1 
ATOM   936  N N   . ALA B 1 40 ? -7.780  -15.660 18.268  1.00 17.00 ? 40   ALA B N   1 
ATOM   937  C CA  . ALA B 1 40 ? -7.356  -15.220 16.939  1.00 15.57 ? 40   ALA B CA  1 
ATOM   938  C C   . ALA B 1 40 ? -5.944  -15.663 16.636  1.00 16.01 ? 40   ALA B C   1 
ATOM   939  O O   . ALA B 1 40 ? -5.681  -16.069 15.522  1.00 14.69 ? 40   ALA B O   1 
ATOM   940  C CB  . ALA B 1 40 ? -7.476  -13.774 16.812  1.00 15.95 ? 40   ALA B CB  1 
ATOM   941  N N   . ARG B 1 41 ? -5.012  -15.627 17.604  1.00 17.98 ? 41   ARG B N   1 
ATOM   942  C CA  . ARG B 1 41 ? -3.669  -16.104 17.311  1.00 17.61 ? 41   ARG B CA  1 
ATOM   943  C C   . ARG B 1 41 ? -3.661  -17.564 16.970  1.00 19.38 ? 41   ARG B C   1 
ATOM   944  O O   . ARG B 1 41 ? -2.932  -18.066 16.151  1.00 17.45 ? 41   ARG B O   1 
ATOM   945  C CB  . ARG B 1 41 ? -2.765  -15.843 18.532  1.00 22.15 ? 41   ARG B CB  1 
ATOM   946  C CG  . ARG B 1 41 ? -1.266  -16.109 18.311  1.00 25.43 ? 41   ARG B CG  1 
ATOM   947  C CD  . ARG B 1 41 ? -0.426  -16.108 19.608  1.00 30.38 ? 41   ARG B CD  1 
ATOM   948  N NE  . ARG B 1 41 ? -0.887  -15.010 20.437  1.00 36.77 ? 41   ARG B NE  1 
ATOM   949  C CZ  . ARG B 1 41 ? -1.488  -15.108 21.626  1.00 40.67 ? 41   ARG B CZ  1 
ATOM   950  N NH1 . ARG B 1 41 ? -1.670  -16.291 22.247  1.00 43.38 ? 41   ARG B NH1 1 
ATOM   951  N NH2 . ARG B 1 41 ? -1.886  -13.987 22.222  1.00 46.68 ? 41   ARG B NH2 1 
ATOM   952  N N   . ASN B 1 42 ? -4.429  -18.321 17.747  1.00 18.41 ? 42   ASN B N   1 
ATOM   953  C CA  . ASN B 1 42 ? -4.504  -19.691 17.453  1.00 17.86 ? 42   ASN B CA  1 
ATOM   954  C C   . ASN B 1 42 ? -5.086  -19.979 16.108  1.00 16.29 ? 42   ASN B C   1 
ATOM   955  O O   . ASN B 1 42 ? -4.668  -20.902 15.433  1.00 16.16 ? 42   ASN B O   1 
ATOM   956  C CB  . ASN B 1 42 ? -5.322  -20.467 18.500  1.00 17.62 ? 42   ASN B CB  1 
ATOM   957  C CG  . ASN B 1 42 ? -4.582  -20.721 19.802  1.00 23.27 ? 42   ASN B CG  1 
ATOM   958  O OD1 . ASN B 1 42 ? -3.351  -20.791 19.809  1.00 19.97 ? 42   ASN B OD1 1 
ATOM   959  N ND2 . ASN B 1 42 ? -5.336  -21.021 20.875  1.00 21.92 ? 42   ASN B ND2 1 
ATOM   960  N N   . ARG B 1 43 ? -6.107  -19.196 15.634  1.00 14.40 ? 43   ARG B N   1 
ATOM   961  C CA  . ARG B 1 43 ? -6.598  -19.462 14.258  1.00 14.27 ? 43   ARG B CA  1 
ATOM   962  C C   . ARG B 1 43 ? -5.498  -19.135 13.172  1.00 12.84 ? 43   ARG B C   1 
ATOM   963  O O   . ARG B 1 43 ? -5.338  -19.893 12.269  1.00 15.60 ? 43   ARG B O   1 
ATOM   964  C CB  . ARG B 1 43 ? -7.875  -18.650 13.938  1.00 14.43 ? 43   ARG B CB  1 
ATOM   965  C CG  . ARG B 1 43 ? -9.012  -19.057 14.827  1.00 14.30 ? 43   ARG B CG  1 
ATOM   966  C CD  . ARG B 1 43 ? -10.304 -18.488 14.315  1.00 13.96 ? 43   ARG B CD  1 
ATOM   967  N NE  . ARG B 1 43 ? -10.300 -16.975 14.330  1.00 15.05 ? 43   ARG B NE  1 
ATOM   968  C CZ  . ARG B 1 43 ? -10.581 -16.219 15.334  1.00 14.04 ? 43   ARG B CZ  1 
ATOM   969  N NH1 . ARG B 1 43 ? -10.884 -16.641 16.552  1.00 16.25 ? 43   ARG B NH1 1 
ATOM   970  N NH2 . ARG B 1 43 ? -10.564 -14.856 15.172  1.00 17.93 ? 43   ARG B NH2 1 
ATOM   971  N N   . LEU B 1 44 ? -4.771  -18.070 13.464  1.00 14.64 ? 44   LEU B N   1 
ATOM   972  C CA  . LEU B 1 44 ? -3.696  -17.615 12.589  1.00 15.68 ? 44   LEU B CA  1 
ATOM   973  C C   . LEU B 1 44 ? -2.715  -18.741 12.367  1.00 16.14 ? 44   LEU B C   1 
ATOM   974  O O   . LEU B 1 44 ? -2.441  -19.145 11.273  1.00 17.62 ? 44   LEU B O   1 
ATOM   975  C CB  . LEU B 1 44 ? -3.044  -16.359 13.128  1.00 16.18 ? 44   LEU B CB  1 
ATOM   976  C CG  . LEU B 1 44 ? -1.865  -15.866 12.265  1.00 16.70 ? 44   LEU B CG  1 
ATOM   977  C CD1 . LEU B 1 44 ? -2.387  -15.094 11.037  1.00 18.18 ? 44   LEU B CD1 1 
ATOM   978  C CD2 . LEU B 1 44 ? -1.007  -14.926 13.094  1.00 18.52 ? 44   LEU B CD2 1 
ATOM   979  N N   . LEU B 1 45 ? -2.243  -19.307 13.480  1.00 17.84 ? 45   LEU B N   1 
ATOM   980  C CA  . LEU B 1 45 ? -1.213  -20.327 13.429  1.00 23.37 ? 45   LEU B CA  1 
ATOM   981  C C   . LEU B 1 45 ? -1.814  -21.677 12.977  1.00 25.12 ? 45   LEU B C   1 
ATOM   982  O O   . LEU B 1 45 ? -1.302  -22.359 12.091  1.00 28.46 ? 45   LEU B O   1 
ATOM   983  C CB  . LEU B 1 45 ? -0.538  -20.399 14.858  1.00 23.34 ? 45   LEU B CB  1 
ATOM   984  C CG  . LEU B 1 45 ? -0.002  -19.086 15.450  1.00 23.78 ? 45   LEU B CG  1 
ATOM   985  C CD1 . LEU B 1 45 ? 0.449   -19.191 16.903  1.00 24.95 ? 45   LEU B CD1 1 
ATOM   986  C CD2 . LEU B 1 45 ? 1.158   -18.417 14.727  1.00 26.53 ? 45   LEU B CD2 1 
ATOM   987  N N   . TYR B 1 46 ? -2.944  -22.096 13.551  1.00 22.86 ? 46   TYR B N   1 
ATOM   988  C CA  . TYR B 1 46 ? -3.425  -23.491 13.293  1.00 23.01 ? 46   TYR B CA  1 
ATOM   989  C C   . TYR B 1 46 ? -4.434  -23.720 12.201  1.00 25.47 ? 46   TYR B C   1 
ATOM   990  O O   . TYR B 1 46 ? -4.392  -24.738 11.549  1.00 28.20 ? 46   TYR B O   1 
ATOM   991  C CB  . TYR B 1 46 ? -3.897  -24.150 14.587  1.00 25.81 ? 46   TYR B CB  1 
ATOM   992  C CG  . TYR B 1 46 ? -2.813  -24.084 15.628  1.00 22.81 ? 46   TYR B CG  1 
ATOM   993  C CD1 . TYR B 1 46 ? -1.647  -24.822 15.470  1.00 24.53 ? 46   TYR B CD1 1 
ATOM   994  C CD2 . TYR B 1 46 ? -2.930  -23.282 16.731  1.00 28.17 ? 46   TYR B CD2 1 
ATOM   995  C CE1 . TYR B 1 46 ? -0.637  -24.743 16.391  1.00 24.03 ? 46   TYR B CE1 1 
ATOM   996  C CE2 . TYR B 1 46 ? -1.900  -23.164 17.641  1.00 32.17 ? 46   TYR B CE2 1 
ATOM   997  C CZ  . TYR B 1 46 ? -0.775  -23.919 17.465  1.00 27.99 ? 46   TYR B CZ  1 
ATOM   998  O OH  . TYR B 1 46 ? 0.205   -23.812 18.388  1.00 34.36 ? 46   TYR B OH  1 
ATOM   999  N N   . ASP B 1 47 ? -5.332  -22.768 11.990  1.00 25.09 ? 47   ASP B N   1 
ATOM   1000 C CA  . ASP B 1 47 ? -6.235  -22.814 10.852  1.00 27.83 ? 47   ASP B CA  1 
ATOM   1001 C C   . ASP B 1 47 ? -5.566  -22.319 9.596   1.00 27.82 ? 47   ASP B C   1 
ATOM   1002 O O   . ASP B 1 47 ? -5.809  -22.865 8.521   1.00 25.59 ? 47   ASP B O   1 
ATOM   1003 C CB  . ASP B 1 47 ? -7.468  -21.903 11.032  1.00 25.96 ? 47   ASP B CB  1 
ATOM   1004 C CG  . ASP B 1 47 ? -8.513  -22.465 11.922  1.00 29.77 ? 47   ASP B CG  1 
ATOM   1005 O OD1 . ASP B 1 47 ? -8.494  -23.673 12.184  1.00 35.73 ? 47   ASP B OD1 1 
ATOM   1006 O OD2 . ASP B 1 47 ? -9.311  -21.637 12.378  1.00 28.23 ? 47   ASP B OD2 1 
ATOM   1007 N N   . TYR B 1 48 ? -4.754  -21.253 9.695   1.00 20.95 ? 48   TYR B N   1 
ATOM   1008 C CA  . TYR B 1 48 ? -4.244  -20.608 8.470   1.00 21.25 ? 48   TYR B CA  1 
ATOM   1009 C C   . TYR B 1 48 ? -2.742  -20.834 8.204   1.00 22.35 ? 48   TYR B C   1 
ATOM   1010 O O   . TYR B 1 48 ? -2.215  -20.495 7.136   1.00 21.58 ? 48   TYR B O   1 
ATOM   1011 C CB  . TYR B 1 48 ? -4.618  -19.130 8.489   1.00 19.36 ? 48   TYR B CB  1 
ATOM   1012 C CG  . TYR B 1 48 ? -6.106  -18.898 8.674   1.00 17.56 ? 48   TYR B CG  1 
ATOM   1013 C CD1 . TYR B 1 48 ? -7.004  -19.561 7.820   1.00 17.91 ? 48   TYR B CD1 1 
ATOM   1014 C CD2 . TYR B 1 48 ? -6.655  -18.077 9.676   1.00 15.00 ? 48   TYR B CD2 1 
ATOM   1015 C CE1 . TYR B 1 48 ? -8.355  -19.361 7.941   1.00 17.88 ? 48   TYR B CE1 1 
ATOM   1016 C CE2 . TYR B 1 48 ? -8.026  -17.931 9.797   1.00 16.13 ? 48   TYR B CE2 1 
ATOM   1017 C CZ  . TYR B 1 48 ? -8.862  -18.574 8.921   1.00 17.36 ? 48   TYR B CZ  1 
ATOM   1018 O OH  . TYR B 1 48 ? -10.214 -18.359 9.067   1.00 19.09 ? 48   TYR B OH  1 
ATOM   1019 N N   . ASP B 1 49 ? -2.090  -21.461 9.177   1.00 23.39 ? 49   ASP B N   1 
ATOM   1020 C CA  . ASP B 1 49 ? -0.694  -21.816 9.078   1.00 27.50 ? 49   ASP B CA  1 
ATOM   1021 C C   . ASP B 1 49 ? 0.186   -20.621 8.727   1.00 22.15 ? 49   ASP B C   1 
ATOM   1022 O O   . ASP B 1 49 ? 1.061   -20.691 7.842   1.00 21.85 ? 49   ASP B O   1 
ATOM   1023 C CB  . ASP B 1 49 ? -0.561  -22.919 8.047   1.00 32.99 ? 49   ASP B CB  1 
ATOM   1024 C CG  . ASP B 1 49 ? -0.114  -24.171 8.669   1.00 37.74 ? 49   ASP B CG  1 
ATOM   1025 O OD1 . ASP B 1 49 ? -0.894  -24.733 9.447   1.00 38.51 ? 49   ASP B OD1 1 
ATOM   1026 O OD2 . ASP B 1 49 ? 1.050   -24.520 8.442   1.00 36.30 ? 49   ASP B OD2 1 
ATOM   1027 N N   . SER B 1 50 ? -0.082  -19.514 9.423   1.00 17.39 ? 50   SER B N   1 
ATOM   1028 C CA  . SER B 1 50 ? 0.588   -18.320 9.204   1.00 16.39 ? 50   SER B CA  1 
ATOM   1029 C C   . SER B 1 50 ? 1.227   -17.912 10.503  1.00 16.30 ? 50   SER B C   1 
ATOM   1030 O O   . SER B 1 50 ? 0.626   -18.026 11.555  1.00 18.91 ? 50   SER B O   1 
ATOM   1031 C CB  . SER B 1 50 ? -0.354  -17.252 8.739   1.00 16.83 ? 50   SER B CB  1 
ATOM   1032 O OG  . SER B 1 50 ? 0.353   -15.980 8.572   1.00 17.15 ? 50   SER B OG  1 
ATOM   1033 N N   . TYR B 1 51 ? 2.413   -17.344 10.375  1.00 17.70 ? 51   TYR B N   1 
ATOM   1034 C CA  . TYR B 1 51 ? 3.256   -16.912 11.478  1.00 19.67 ? 51   TYR B CA  1 
ATOM   1035 C C   . TYR B 1 51 ? 3.351   -15.416 11.623  1.00 18.12 ? 51   TYR B C   1 
ATOM   1036 O O   . TYR B 1 51 ? 4.025   -14.960 12.498  1.00 17.97 ? 51   TYR B O   1 
ATOM   1037 C CB  . TYR B 1 51 ? 4.730   -17.434 11.284  1.00 22.01 ? 51   TYR B CB  1 
ATOM   1038 C CG  . TYR B 1 51 ? 4.875   -18.840 11.052  1.00 28.03 ? 51   TYR B CG  1 
ATOM   1039 C CD1 . TYR B 1 51 ? 4.329   -19.741 11.956  1.00 36.95 ? 51   TYR B CD1 1 
ATOM   1040 C CD2 . TYR B 1 51 ? 5.519   -19.328 9.908   1.00 32.06 ? 51   TYR B CD2 1 
ATOM   1041 C CE1 . TYR B 1 51 ? 4.423   -21.116 11.738  1.00 43.23 ? 51   TYR B CE1 1 
ATOM   1042 C CE2 . TYR B 1 51 ? 5.623   -20.704 9.690   1.00 38.85 ? 51   TYR B CE2 1 
ATOM   1043 C CZ  . TYR B 1 51 ? 5.074   -21.580 10.613  1.00 39.21 ? 51   TYR B CZ  1 
ATOM   1044 O OH  . TYR B 1 51 ? 5.141   -22.941 10.434  1.00 40.21 ? 51   TYR B OH  1 
ATOM   1045 N N   . SER B 1 52 ? 2.691   -14.662 10.759  1.00 19.69 ? 52   SER B N   1 
ATOM   1046 C CA  . SER B 1 52 ? 2.815   -13.219 10.864  1.00 19.77 ? 52   SER B CA  1 
ATOM   1047 C C   . SER B 1 52 ? 1.614   -12.427 10.375  1.00 18.03 ? 52   SER B C   1 
ATOM   1048 O O   . SER B 1 52 ? 0.691   -13.020 9.800   1.00 14.69 ? 52   SER B O   1 
ATOM   1049 C CB  . SER B 1 52 ? 4.056   -12.738 10.110  1.00 23.72 ? 52   SER B CB  1 
ATOM   1050 O OG  . SER B 1 52 ? 3.829   -12.769 8.746   1.00 23.46 ? 52   SER B OG  1 
ATOM   1051 N N   . THR B 1 53 ? 1.639   -11.153 10.686  1.00 16.49 ? 53   THR B N   1 
ATOM   1052 C CA  . THR B 1 53 ? 0.600   -10.258 10.339  1.00 15.12 ? 53   THR B CA  1 
ATOM   1053 C C   . THR B 1 53 ? 1.185   -9.231  9.372   1.00 15.10 ? 53   THR B C   1 
ATOM   1054 O O   . THR B 1 53 ? 2.394   -8.983  9.379   1.00 17.80 ? 53   THR B O   1 
ATOM   1055 C CB  . THR B 1 53 ? -0.029  -9.618  11.537  1.00 17.08 ? 53   THR B CB  1 
ATOM   1056 O OG1 . THR B 1 53 ? 0.989   -8.922  12.284  1.00 19.06 ? 53   THR B OG1 1 
ATOM   1057 C CG2 . THR B 1 53 ? -0.608  -10.667 12.502  1.00 20.87 ? 53   THR B CG2 1 
ATOM   1058 N N   . PRO B 1 54 ? 0.357   -8.588  8.515   1.00 12.67 ? 54   PRO B N   1 
ATOM   1059 C CA  . PRO B 1 54 ? -1.010  -8.933  8.343   1.00 12.51 ? 54   PRO B CA  1 
ATOM   1060 C C   . PRO B 1 54 ? -1.212  -10.263 7.652   1.00 11.29 ? 54   PRO B C   1 
ATOM   1061 O O   . PRO B 1 54 ? -0.384  -10.650 6.831   1.00 12.80 ? 54   PRO B O   1 
ATOM   1062 C CB  . PRO B 1 54 ? -1.538  -7.802  7.493   1.00 12.48 ? 54   PRO B CB  1 
ATOM   1063 C CG  . PRO B 1 54 ? -0.339  -7.333  6.723   1.00 12.98 ? 54   PRO B CG  1 
ATOM   1064 C CD  . PRO B 1 54 ? 0.843   -7.591  7.529   1.00 13.11 ? 54   PRO B CD  1 
ATOM   1065 N N   . THR B 1 55 ? -2.325  -10.954 7.974   1.00 10.54 ? 55   THR B N   1 
ATOM   1066 C CA  . THR B 1 55 ? -2.779  -12.100 7.230   1.00 11.40 ? 55   THR B CA  1 
ATOM   1067 C C   . THR B 1 55 ? -4.245  -11.851 6.954   1.00 10.27 ? 55   THR B C   1 
ATOM   1068 O O   . THR B 1 55 ? -4.999  -11.471 7.858   1.00 11.01 ? 55   THR B O   1 
ATOM   1069 C CB  . THR B 1 55 ? -2.561  -13.416 7.986   1.00 12.34 ? 55   THR B CB  1 
ATOM   1070 O OG1 . THR B 1 55 ? -1.181  -13.643 8.023   1.00 12.98 ? 55   THR B OG1 1 
ATOM   1071 C CG2 . THR B 1 55 ? -3.175  -14.564 7.274   1.00 13.33 ? 55   THR B CG2 1 
ATOM   1072 N N   . VAL B 1 56 ? -4.587  -11.900 5.671   1.00 11.01 ? 56   VAL B N   1 
ATOM   1073 C CA  . VAL B 1 56 ? -5.953  -11.701 5.248   1.00 10.14 ? 56   VAL B CA  1 
ATOM   1074 C C   . VAL B 1 56 ? -6.521  -12.985 4.681   1.00 10.17 ? 56   VAL B C   1 
ATOM   1075 O O   . VAL B 1 56 ? -5.810  -13.657 3.879   1.00 12.11 ? 56   VAL B O   1 
ATOM   1076 C CB  . VAL B 1 56 ? -6.022  -10.606 4.156   1.00 10.70 ? 56   VAL B CB  1 
ATOM   1077 C CG1 . VAL B 1 56 ? -7.479  -10.391 3.680   1.00 13.09 ? 56   VAL B CG1 1 
ATOM   1078 C CG2 . VAL B 1 56 ? -5.429  -9.315  4.682   1.00 11.41 ? 56   VAL B CG2 1 
ATOM   1079 N N   . VAL B 1 57 ? -7.672  -13.418 5.133   1.00 11.25 ? 57   VAL B N   1 
ATOM   1080 C CA  . VAL B 1 57 ? -8.306  -14.639 4.655   1.00 12.51 ? 57   VAL B CA  1 
ATOM   1081 C C   . VAL B 1 57 ? -9.541  -14.240 3.875   1.00 15.85 ? 57   VAL B C   1 
ATOM   1082 O O   . VAL B 1 57 ? -10.466 -13.577 4.349   1.00 15.07 ? 57   VAL B O   1 
ATOM   1083 C CB  . VAL B 1 57 ? -8.641  -15.574 5.827   1.00 13.94 ? 57   VAL B CB  1 
ATOM   1084 C CG1 . VAL B 1 57 ? -9.094  -16.925 5.254   1.00 15.95 ? 57   VAL B CG1 1 
ATOM   1085 C CG2 . VAL B 1 57 ? -7.427  -15.905 6.680   1.00 15.17 ? 57   VAL B CG2 1 
ATOM   1086 N N   . ILE B 1 58 ? -9.555  -14.615 2.615   1.00 17.99 ? 58   ILE B N   1 
ATOM   1087 C CA  . ILE B 1 58 ? -10.687 -14.197 1.749   1.00 20.09 ? 58   ILE B CA  1 
ATOM   1088 C C   . ILE B 1 58 ? -11.498 -15.419 1.308   1.00 23.92 ? 58   ILE B C   1 
ATOM   1089 O O   . ILE B 1 58 ? -11.004 -16.202 0.517   1.00 27.17 ? 58   ILE B O   1 
ATOM   1090 C CB  . ILE B 1 58 ? -10.173 -13.455 0.551   1.00 21.78 ? 58   ILE B CB  1 
ATOM   1091 C CG1 . ILE B 1 58 ? -9.443  -12.168 0.974   1.00 22.78 ? 58   ILE B CG1 1 
ATOM   1092 C CG2 . ILE B 1 58 ? -11.391 -13.000 -0.301  1.00 25.93 ? 58   ILE B CG2 1 
ATOM   1093 C CD1 . ILE B 1 58 ? -8.483  -11.687 -0.066  1.00 24.45 ? 58   ILE B CD1 1 
ATOM   1094 N N   . ASP B 1 59 ? -12.701 -15.578 1.869   1.00 23.26 ? 59   ASP B N   1 
ATOM   1095 C CA  . ASP B 1 59 ? -13.483 -16.831 1.691   1.00 27.21 ? 59   ASP B CA  1 
ATOM   1096 C C   . ASP B 1 59 ? -12.549 -18.058 1.770   1.00 26.33 ? 59   ASP B C   1 
ATOM   1097 O O   . ASP B 1 59 ? -12.546 -18.919 0.866   1.00 29.18 ? 59   ASP B O   1 
ATOM   1098 C CB  . ASP B 1 59 ? -14.280 -16.764 0.373   1.00 28.69 ? 59   ASP B CB  1 
ATOM   1099 C CG  . ASP B 1 59 ? -15.288 -17.964 0.183   1.00 30.84 ? 59   ASP B CG  1 
ATOM   1100 O OD1 . ASP B 1 59 ? -15.893 -18.441 1.188   1.00 43.22 ? 59   ASP B OD1 1 
ATOM   1101 O OD2 . ASP B 1 59 ? -15.478 -18.351 -0.975  1.00 37.25 ? 59   ASP B OD2 1 
ATOM   1102 N N   . GLY B 1 60 ? -11.740 -18.095 2.838   1.00 22.86 ? 60   GLY B N   1 
ATOM   1103 C CA  . GLY B 1 60 ? -10.909 -19.247 3.233   1.00 22.90 ? 60   GLY B CA  1 
ATOM   1104 C C   . GLY B 1 60 ? -9.544  -19.330 2.576   1.00 24.38 ? 60   GLY B C   1 
ATOM   1105 O O   . GLY B 1 60 ? -8.725  -20.183 2.934   1.00 31.14 ? 60   GLY B O   1 
ATOM   1106 N N   . GLU B 1 61 ? -9.272  -18.439 1.639   1.00 22.08 ? 61   GLU B N   1 
ATOM   1107 C CA  . GLU B 1 61 ? -7.981  -18.303 1.003   1.00 21.38 ? 61   GLU B CA  1 
ATOM   1108 C C   . GLU B 1 61 ? -7.029  -17.351 1.754   1.00 19.82 ? 61   GLU B C   1 
ATOM   1109 O O   . GLU B 1 61 ? -7.343  -16.243 1.925   1.00 20.18 ? 61   GLU B O   1 
ATOM   1110 C CB  . GLU B 1 61 ? -8.235  -17.765 -0.390  1.00 26.06 ? 61   GLU B CB  1 
ATOM   1111 C CG  . GLU B 1 61 ? -7.013  -17.643 -1.261  1.00 28.78 ? 61   GLU B CG  1 
ATOM   1112 C CD  . GLU B 1 61 ? -6.770  -18.958 -1.965  1.00 35.73 ? 61   GLU B CD  1 
ATOM   1113 O OE1 . GLU B 1 61 ? -7.726  -19.770 -1.985  1.00 40.31 ? 61   GLU B OE1 1 
ATOM   1114 O OE2 . GLU B 1 61 ? -5.642  -19.174 -2.426  1.00 41.05 ? 61   GLU B OE2 1 
ATOM   1115 N N   . VAL B 1 62 ? -5.841  -17.795 2.101   1.00 18.53 ? 62   VAL B N   1 
ATOM   1116 C CA  . VAL B 1 62 ? -4.902  -17.119 3.002   1.00 18.31 ? 62   VAL B CA  1 
ATOM   1117 C C   . VAL B 1 62 ? -3.858  -16.277 2.240   1.00 19.01 ? 62   VAL B C   1 
ATOM   1118 O O   . VAL B 1 62 ? -3.182  -16.756 1.275   1.00 20.57 ? 62   VAL B O   1 
ATOM   1119 C CB  . VAL B 1 62 ? -4.255  -18.175 3.926   1.00 19.78 ? 62   VAL B CB  1 
ATOM   1120 C CG1 . VAL B 1 62 ? -3.343  -17.477 4.947   1.00 18.76 ? 62   VAL B CG1 1 
ATOM   1121 C CG2 . VAL B 1 62 ? -5.334  -19.015 4.569   1.00 19.41 ? 62   VAL B CG2 1 
ATOM   1122 N N   . VAL B 1 63 ? -3.776  -14.982 2.529   1.00 15.73 ? 63   VAL B N   1 
ATOM   1123 C CA  . VAL B 1 63 ? -2.771  -14.122 2.042   1.00 18.47 ? 63   VAL B CA  1 
ATOM   1124 C C   . VAL B 1 63 ? -1.956  -13.668 3.227   1.00 20.76 ? 63   VAL B C   1 
ATOM   1125 O O   . VAL B 1 63 ? -2.367  -12.803 4.018   1.00 17.38 ? 63   VAL B O   1 
ATOM   1126 C CB  . VAL B 1 63 ? -3.334  -12.920 1.282   1.00 19.16 ? 63   VAL B CB  1 
ATOM   1127 C CG1 . VAL B 1 63 ? -2.192  -11.994 0.868   1.00 20.26 ? 63   VAL B CG1 1 
ATOM   1128 C CG2 . VAL B 1 63 ? -4.240  -13.356 0.131   1.00 21.31 ? 63   VAL B CG2 1 
ATOM   1129 N N   . ALA B 1 64 ? -0.772  -14.229 3.349   1.00 20.40 ? 64   ALA B N   1 
ATOM   1130 C CA  . ALA B 1 64 ? 0.025   -14.111 4.558   1.00 22.17 ? 64   ALA B CA  1 
ATOM   1131 C C   . ALA B 1 64 ? 1.099   -13.135 4.357   1.00 29.51 ? 64   ALA B C   1 
ATOM   1132 O O   . ALA B 1 64 ? 1.814   -13.187 3.340   1.00 35.26 ? 64   ALA B O   1 
ATOM   1133 C CB  . ALA B 1 64 ? 0.580   -15.500 5.003   1.00 22.05 ? 64   ALA B CB  1 
ATOM   1134 N N   . GLY B 1 65 ? 1.256   -12.238 5.327   1.00 27.77 ? 65   GLY B N   1 
ATOM   1135 C CA  . GLY B 1 65 ? 2.216   -11.172 5.217   1.00 29.93 ? 65   GLY B CA  1 
ATOM   1136 C C   . GLY B 1 65 ? 1.741   -10.073 4.313   1.00 30.74 ? 65   GLY B C   1 
ATOM   1137 O O   . GLY B 1 65 ? 0.627   -10.052 3.919   1.00 31.15 ? 65   GLY B O   1 
ATOM   1138 N N   . PHE B 1 66 ? 2.645   -9.172  4.000   1.00 34.28 ? 66   PHE B N   1 
ATOM   1139 C CA  . PHE B 1 66 ? 2.389   -7.994  3.243   1.00 32.56 ? 66   PHE B CA  1 
ATOM   1140 C C   . PHE B 1 66 ? 2.410   -8.224  1.741   1.00 34.38 ? 66   PHE B C   1 
ATOM   1141 O O   . PHE B 1 66 ? 3.492   -8.271  1.136   1.00 40.73 ? 66   PHE B O   1 
ATOM   1142 C CB  . PHE B 1 66 ? 3.460   -6.987  3.667   1.00 35.24 ? 66   PHE B CB  1 
ATOM   1143 C CG  . PHE B 1 66 ? 3.179   -5.573  3.272   1.00 35.54 ? 66   PHE B CG  1 
ATOM   1144 C CD1 . PHE B 1 66 ? 1.869   -5.118  3.060   1.00 38.28 ? 66   PHE B CD1 1 
ATOM   1145 C CD2 . PHE B 1 66 ? 4.222   -4.654  3.203   1.00 38.97 ? 66   PHE B CD2 1 
ATOM   1146 C CE1 . PHE B 1 66 ? 1.627   -3.807  2.734   1.00 36.98 ? 66   PHE B CE1 1 
ATOM   1147 C CE2 . PHE B 1 66 ? 3.977   -3.333  2.893   1.00 42.71 ? 66   PHE B CE2 1 
ATOM   1148 C CZ  . PHE B 1 66 ? 2.672   -2.915  2.654   1.00 38.64 ? 66   PHE B CZ  1 
ATOM   1149 N N   . GLN B 1 67 ? 1.237   -8.356  1.120   1.00 32.86 ? 67   GLN B N   1 
ATOM   1150 C CA  . GLN B 1 67 ? 1.131   -8.722  -0.311  1.00 33.81 ? 67   GLN B CA  1 
ATOM   1151 C C   . GLN B 1 67 ? -0.022  -8.026  -0.947  1.00 31.84 ? 67   GLN B C   1 
ATOM   1152 O O   . GLN B 1 67 ? -1.075  -8.639  -1.185  1.00 34.17 ? 67   GLN B O   1 
ATOM   1153 C CB  . GLN B 1 67 ? 0.926   -10.236 -0.534  1.00 38.83 ? 67   GLN B CB  1 
ATOM   1154 C CG  . GLN B 1 67 ? 2.050   -11.173 -0.145  1.00 42.72 ? 67   GLN B CG  1 
ATOM   1155 C CD  . GLN B 1 67 ? 1.683   -12.620 -0.501  1.00 50.91 ? 67   GLN B CD  1 
ATOM   1156 O OE1 . GLN B 1 67 ? 1.301   -12.916 -1.651  1.00 54.34 ? 67   GLN B OE1 1 
ATOM   1157 N NE2 . GLN B 1 67 ? 1.763   -13.522 0.479   1.00 51.30 ? 67   GLN B NE2 1 
ATOM   1158 N N   . ILE B 1 68 ? 0.132   -6.713  -1.188  1.00 31.85 ? 68   ILE B N   1 
ATOM   1159 C CA  . ILE B 1 68 ? -0.982  -5.943  -1.714  1.00 28.70 ? 68   ILE B CA  1 
ATOM   1160 C C   . ILE B 1 68 ? -1.623  -6.479  -2.977  1.00 32.15 ? 68   ILE B C   1 
ATOM   1161 O O   . ILE B 1 68 ? -2.846  -6.408  -3.102  1.00 31.83 ? 68   ILE B O   1 
ATOM   1162 C CB  . ILE B 1 68 ? -0.669  -4.403  -1.880  1.00 32.23 ? 68   ILE B CB  1 
ATOM   1163 C CG1 . ILE B 1 68 ? -0.571  -3.766  -0.512  1.00 33.16 ? 68   ILE B CG1 1 
ATOM   1164 C CG2 . ILE B 1 68 ? -1.777  -3.640  -2.629  1.00 32.79 ? 68   ILE B CG2 1 
ATOM   1165 C CD1 . ILE B 1 68 ? -1.909  -3.791  0.227   1.00 33.42 ? 68   ILE B CD1 1 
ATOM   1166 N N   . GLU B 1 69 ? -0.823  -6.983  -3.921  1.00 39.82 ? 69   GLU B N   1 
ATOM   1167 C CA  . GLU B 1 69 ? -1.380  -7.294  -5.271  1.00 39.63 ? 69   GLU B CA  1 
ATOM   1168 C C   . GLU B 1 69 ? -2.411  -8.463  -5.267  1.00 36.03 ? 69   GLU B C   1 
ATOM   1169 O O   . GLU B 1 69 ? -3.502  -8.371  -5.897  1.00 34.66 ? 69   GLU B O   1 
ATOM   1170 C CB  . GLU B 1 69 ? -0.258  -7.423  -6.348  1.00 43.00 ? 69   GLU B CB  1 
ATOM   1171 C CG  . GLU B 1 69 ? 0.387   -6.044  -6.681  1.00 47.23 ? 69   GLU B CG  1 
ATOM   1172 C CD  . GLU B 1 69 ? 0.867   -5.829  -8.135  1.00 42.85 ? 69   GLU B CD  1 
ATOM   1173 O OE1 . GLU B 1 69 ? 1.079   -6.808  -8.911  1.00 41.40 ? 69   GLU B OE1 1 
ATOM   1174 O OE2 . GLU B 1 69 ? 1.060   -4.659  -8.499  1.00 32.18 ? 69   GLU B OE2 1 
ATOM   1175 N N   . LYS B 1 70 ? -2.136  -9.456  -4.435  1.00 41.83 ? 70   LYS B N   1 
ATOM   1176 C CA  . LYS B 1 70 ? -3.047  -10.594 -4.273  1.00 39.32 ? 70   LYS B CA  1 
ATOM   1177 C C   . LYS B 1 70 ? -4.441  -10.123 -3.777  1.00 33.23 ? 70   LYS B C   1 
ATOM   1178 O O   . LYS B 1 70 ? -5.494  -10.599 -4.248  1.00 30.55 ? 70   LYS B O   1 
ATOM   1179 C CB  . LYS B 1 70 ? -2.394  -11.635 -3.365  1.00 45.71 ? 70   LYS B CB  1 
ATOM   1180 C CG  . LYS B 1 70 ? -2.736  -13.073 -3.761  1.00 54.79 ? 70   LYS B CG  1 
ATOM   1181 C CD  . LYS B 1 70 ? -2.041  -13.527 -5.049  1.00 61.28 ? 70   LYS B CD  1 
ATOM   1182 C CE  . LYS B 1 70 ? -2.893  -14.528 -5.849  1.00 64.01 ? 70   LYS B CE  1 
ATOM   1183 N NZ  . LYS B 1 70 ? -2.293  -14.980 -7.155  1.00 61.79 ? 70   LYS B NZ  1 
ATOM   1184 N N   . LEU B 1 71 ? -4.480  -9.134  -2.871  1.00 27.14 ? 71   LEU B N   1 
ATOM   1185 C CA  . LEU B 1 71 ? -5.745  -8.745  -2.327  1.00 28.97 ? 71   LEU B CA  1 
ATOM   1186 C C   . LEU B 1 71 ? -6.666  -8.165  -3.393  1.00 31.32 ? 71   LEU B C   1 
ATOM   1187 O O   . LEU B 1 71 ? -7.831  -8.601  -3.511  1.00 32.76 ? 71   LEU B O   1 
ATOM   1188 C CB  . LEU B 1 71 ? -5.557  -7.712  -1.213  1.00 27.51 ? 71   LEU B CB  1 
ATOM   1189 C CG  . LEU B 1 71 ? -4.665  -8.142  -0.045  1.00 25.49 ? 71   LEU B CG  1 
ATOM   1190 C CD1 . LEU B 1 71 ? -4.659  -6.992  0.959   1.00 23.37 ? 71   LEU B CD1 1 
ATOM   1191 C CD2 . LEU B 1 71 ? -5.145  -9.407  0.604   1.00 23.09 ? 71   LEU B CD2 1 
ATOM   1192 N N   . GLN B 1 72 ? -6.181  -7.124  -4.098  1.00 33.88 ? 72   GLN B N   1 
ATOM   1193 C CA  . GLN B 1 72 ? -6.999  -6.478  -5.201  1.00 39.25 ? 72   GLN B CA  1 
ATOM   1194 C C   . GLN B 1 72 ? -7.684  -7.501  -6.135  1.00 40.34 ? 72   GLN B C   1 
ATOM   1195 O O   . GLN B 1 72 ? -8.919  -7.443  -6.441  1.00 35.02 ? 72   GLN B O   1 
ATOM   1196 C CB  . GLN B 1 72 ? -6.184  -5.477  -6.066  1.00 42.89 ? 72   GLN B CB  1 
ATOM   1197 C CG  . GLN B 1 72 ? -4.647  -5.630  -6.167  1.00 46.98 ? 72   GLN B CG  1 
ATOM   1198 C CD  . GLN B 1 72 ? -3.975  -4.351  -6.699  1.00 51.61 ? 72   GLN B CD  1 
ATOM   1199 O OE1 . GLN B 1 72 ? -4.647  -3.429  -7.177  1.00 52.35 ? 72   GLN B OE1 1 
ATOM   1200 N NE2 . GLN B 1 72 ? -2.649  -4.283  -6.593  1.00 54.71 ? 72   GLN B NE2 1 
ATOM   1201 N N   . GLN B 1 73 ? -6.835  -8.423  -6.583  1.00 33.76 ? 73   GLN B N   1 
ATOM   1202 C CA  . GLN B 1 73 ? -7.267  -9.566  -7.336  1.00 42.47 ? 73   GLN B CA  1 
ATOM   1203 C C   . GLN B 1 73 ? -8.436  -10.289 -6.678  1.00 42.81 ? 73   GLN B C   1 
ATOM   1204 O O   . GLN B 1 73 ? -9.548  -10.302 -7.236  1.00 43.36 ? 73   GLN B O   1 
ATOM   1205 C CB  . GLN B 1 73 ? -6.118  -10.566 -7.466  1.00 38.09 ? 73   GLN B CB  1 
ATOM   1206 C CG  . GLN B 1 73 ? -4.826  -10.041 -8.092  1.00 42.09 ? 73   GLN B CG  1 
ATOM   1207 C CD  . GLN B 1 73 ? -3.704  -11.061 -7.919  1.00 35.99 ? 73   GLN B CD  1 
ATOM   1208 O OE1 . GLN B 1 73 ? -2.506  -10.742 -7.955  1.00 37.27 ? 73   GLN B OE1 1 
ATOM   1209 N NE2 . GLN B 1 73 ? -4.096  -12.315 -7.749  1.00 44.93 ? 73   GLN B NE2 1 
ATOM   1210 N N   . LEU B 1 74 ? -8.175  -10.867 -5.489  1.00 41.63 ? 74   LEU B N   1 
ATOM   1211 C CA  . LEU B 1 74 ? -9.049  -11.902 -4.883  1.00 36.92 ? 74   LEU B CA  1 
ATOM   1212 C C   . LEU B 1 74 ? -10.348 -11.297 -4.351  1.00 38.96 ? 74   LEU B C   1 
ATOM   1213 O O   . LEU B 1 74 ? -11.331 -12.001 -4.031  1.00 35.26 ? 74   LEU B O   1 
ATOM   1214 C CB  . LEU B 1 74 ? -8.296  -12.592 -3.746  1.00 35.83 ? 74   LEU B CB  1 
ATOM   1215 C CG  . LEU B 1 74 ? -7.076  -13.455 -4.038  1.00 35.24 ? 74   LEU B CG  1 
ATOM   1216 C CD1 . LEU B 1 74 ? -6.277  -13.769 -2.785  1.00 37.29 ? 74   LEU B CD1 1 
ATOM   1217 C CD2 . LEU B 1 74 ? -7.539  -14.765 -4.661  1.00 38.88 ? 74   LEU B CD2 1 
ATOM   1218 N N   . LEU B 1 75 ? -10.330 -9.977  -4.250  1.00 32.43 ? 75   LEU B N   1 
ATOM   1219 C CA  . LEU B 1 75 ? -11.483 -9.197  -3.840  1.00 39.45 ? 75   LEU B CA  1 
ATOM   1220 C C   . LEU B 1 75 ? -12.233 -8.632  -5.052  1.00 40.16 ? 75   LEU B C   1 
ATOM   1221 O O   . LEU B 1 75 ? -11.993 -9.067  -6.174  1.00 44.29 ? 75   LEU B O   1 
ATOM   1222 C CB  . LEU B 1 75 ? -10.985 -8.072  -2.906  1.00 36.90 ? 75   LEU B CB  1 
ATOM   1223 C CG  . LEU B 1 75 ? -10.521 -8.676  -1.583  1.00 35.37 ? 75   LEU B CG  1 
ATOM   1224 C CD1 . LEU B 1 75 ? -9.809  -7.625  -0.754  1.00 36.68 ? 75   LEU B CD1 1 
ATOM   1225 C CD2 . LEU B 1 75 ? -11.723 -9.274  -0.850  1.00 33.29 ? 75   LEU B CD2 1 
HETATM 1226 O O   . HOH C 2 .  ? -6.466  9.089   2.694   1.00 36.05 ? 2001 HOH A O   1 
HETATM 1227 O O   . HOH C 2 .  ? 2.086   2.665   10.408  1.00 30.47 ? 2002 HOH A O   1 
HETATM 1228 O O   . HOH C 2 .  ? -0.818  14.914  -0.608  1.00 23.03 ? 2003 HOH A O   1 
HETATM 1229 O O   . HOH C 2 .  ? -2.559  11.667  0.120   1.00 28.90 ? 2004 HOH A O   1 
HETATM 1230 O O   . HOH C 2 .  ? -3.983  14.101  -8.836  1.00 21.58 ? 2005 HOH A O   1 
HETATM 1231 O O   . HOH C 2 .  ? -7.535  16.181  -3.542  1.00 29.71 ? 2006 HOH A O   1 
HETATM 1232 O O   . HOH C 2 .  ? -4.909  11.221  1.389   1.00 26.48 ? 2007 HOH A O   1 
HETATM 1233 O O   . HOH C 2 .  ? -5.787  13.494  3.114   1.00 31.32 ? 2008 HOH A O   1 
HETATM 1234 O O   . HOH C 2 .  ? -9.929  10.884  -3.972  1.00 15.83 ? 2009 HOH A O   1 
HETATM 1235 O O   . HOH C 2 .  ? -11.356 8.966   -0.888  1.00 39.67 ? 2010 HOH A O   1 
HETATM 1236 O O   . HOH C 2 .  ? 7.704   26.398  -7.798  1.00 30.08 ? 2011 HOH A O   1 
HETATM 1237 O O   . HOH C 2 .  ? 4.825   2.762   6.583   1.00 21.31 ? 2012 HOH A O   1 
HETATM 1238 O O   . HOH C 2 .  ? 1.902   2.190   7.663   1.00 27.04 ? 2013 HOH A O   1 
HETATM 1239 O O   . HOH C 2 .  ? -4.777  4.145   -7.462  1.00 28.79 ? 2014 HOH A O   1 
HETATM 1240 O O   . HOH C 2 .  ? 10.907  0.018   8.010   1.00 18.75 ? 2015 HOH A O   1 
HETATM 1241 O O   . HOH C 2 .  ? 11.189  -3.093  5.262   1.00 21.98 ? 2016 HOH A O   1 
HETATM 1242 O O   . HOH C 2 .  ? 7.909   1.163   8.815   1.00 25.81 ? 2017 HOH A O   1 
HETATM 1243 O O   . HOH C 2 .  ? 14.589  -1.411  1.436   1.00 24.90 ? 2018 HOH A O   1 
HETATM 1244 O O   . HOH C 2 .  ? 7.371   -4.275  1.277   1.00 27.34 ? 2019 HOH A O   1 
HETATM 1245 O O   . HOH C 2 .  ? 9.616   -4.982  3.720   1.00 37.82 ? 2020 HOH A O   1 
HETATM 1246 O O   . HOH C 2 .  ? 12.818  -3.422  1.619   1.00 28.03 ? 2021 HOH A O   1 
HETATM 1247 O O   . HOH C 2 .  ? 9.396   -4.912  -0.923  1.00 33.19 ? 2022 HOH A O   1 
HETATM 1248 O O   . HOH C 2 .  ? 11.561  6.387   3.845   1.00 21.96 ? 2023 HOH A O   1 
HETATM 1249 O O   . HOH C 2 .  ? 12.071  9.828   2.237   1.00 27.27 ? 2024 HOH A O   1 
HETATM 1250 O O   . HOH C 2 .  ? 0.271   17.658  1.436   1.00 28.85 ? 2025 HOH A O   1 
HETATM 1251 O O   . HOH C 2 .  ? -5.075  23.064  -6.606  1.00 20.59 ? 2026 HOH A O   1 
HETATM 1252 O O   . HOH C 2 .  ? -10.169 17.269  -7.423  1.00 26.68 ? 2027 HOH A O   1 
HETATM 1253 O O   . HOH C 2 .  ? -3.734  18.563  3.034   1.00 36.65 ? 2028 HOH A O   1 
HETATM 1254 O O   . HOH C 2 .  ? 6.664   24.722  -5.899  1.00 28.36 ? 2029 HOH A O   1 
HETATM 1255 O O   . HOH C 2 .  ? 6.263   21.050  -2.837  1.00 29.48 ? 2030 HOH A O   1 
HETATM 1256 O O   . HOH C 2 .  ? 8.017   21.254  -6.966  1.00 18.04 ? 2031 HOH A O   1 
HETATM 1257 O O   . HOH C 2 .  ? 2.210   26.540  -6.393  1.00 29.23 ? 2032 HOH A O   1 
HETATM 1258 O O   . HOH C 2 .  ? 4.955   26.676  -8.336  1.00 27.90 ? 2033 HOH A O   1 
HETATM 1259 O O   . HOH C 2 .  ? 6.555   22.762  -13.429 1.00 23.78 ? 2034 HOH A O   1 
HETATM 1260 O O   . HOH C 2 .  ? -2.517  22.604  -15.692 1.00 34.95 ? 2035 HOH A O   1 
HETATM 1261 O O   . HOH C 2 .  ? 5.332   25.172  -13.767 1.00 28.41 ? 2036 HOH A O   1 
HETATM 1262 O O   . HOH C 2 .  ? 9.034   22.287  -12.083 1.00 27.18 ? 2037 HOH A O   1 
HETATM 1263 O O   . HOH C 2 .  ? 1.001   15.819  -21.181 1.00 37.88 ? 2038 HOH A O   1 
HETATM 1264 O O   . HOH C 2 .  ? 7.153   17.610  -21.677 1.00 40.06 ? 2039 HOH A O   1 
HETATM 1265 O O   . HOH C 2 .  ? 4.818   8.720   -18.883 1.00 26.49 ? 2040 HOH A O   1 
HETATM 1266 O O   . HOH C 2 .  ? -1.924  8.075   -13.561 1.00 21.99 ? 2041 HOH A O   1 
HETATM 1267 O O   . HOH C 2 .  ? -2.550  8.652   -16.388 1.00 27.52 ? 2042 HOH A O   1 
HETATM 1268 O O   . HOH C 2 .  ? -2.502  7.239   -10.129 1.00 35.15 ? 2043 HOH A O   1 
HETATM 1269 O O   . HOH C 2 .  ? -5.393  6.904   -7.614  1.00 21.35 ? 2044 HOH A O   1 
HETATM 1270 O O   . HOH C 2 .  ? 2.733   5.185   -8.588  1.00 16.85 ? 2045 HOH A O   1 
HETATM 1271 O O   . HOH C 2 .  ? 14.346  3.467   -13.399 1.00 20.44 ? 2046 HOH A O   1 
HETATM 1272 O O   . HOH C 2 .  ? 20.710  5.931   -14.135 1.00 38.72 ? 2047 HOH A O   1 
HETATM 1273 O O   . HOH C 2 .  ? 13.839  2.245   -15.611 1.00 25.43 ? 2048 HOH A O   1 
HETATM 1274 O O   . HOH C 2 .  ? 7.228   2.364   -15.692 1.00 24.99 ? 2049 HOH A O   1 
HETATM 1275 O O   . HOH C 2 .  ? 8.870   6.168   -18.034 1.00 17.74 ? 2050 HOH A O   1 
HETATM 1276 O O   . HOH C 2 .  ? 9.135   2.200   -19.919 1.00 28.79 ? 2051 HOH A O   1 
HETATM 1277 O O   . HOH C 2 .  ? 2.773   3.751   -15.662 1.00 20.97 ? 2052 HOH A O   1 
HETATM 1278 O O   . HOH C 2 .  ? -2.743  5.200   -13.953 1.00 25.55 ? 2053 HOH A O   1 
HETATM 1279 O O   . HOH C 2 .  ? 2.673   2.528   -7.624  1.00 23.20 ? 2054 HOH A O   1 
HETATM 1280 O O   . HOH C 2 .  ? -4.300  2.922   -10.019 1.00 26.24 ? 2055 HOH A O   1 
HETATM 1281 O O   . HOH C 2 .  ? -1.885  -2.579  -10.117 1.00 36.49 ? 2056 HOH A O   1 
HETATM 1282 O O   . HOH C 2 .  ? -0.424  -2.523  -7.523  1.00 32.44 ? 2057 HOH A O   1 
HETATM 1283 O O   . HOH C 2 .  ? 2.633   -3.310  -10.321 1.00 21.19 ? 2058 HOH A O   1 
HETATM 1284 O O   . HOH C 2 .  ? 2.013   -3.302  -12.934 1.00 22.10 ? 2059 HOH A O   1 
HETATM 1285 O O   . HOH C 2 .  ? 3.496   -0.816  -16.039 1.00 16.77 ? 2060 HOH A O   1 
HETATM 1286 O O   . HOH C 2 .  ? 4.899   -9.105  -10.852 1.00 33.07 ? 2061 HOH A O   1 
HETATM 1287 O O   . HOH C 2 .  ? 12.821  -5.589  -6.303  1.00 29.52 ? 2062 HOH A O   1 
HETATM 1288 O O   . HOH C 2 .  ? 10.337  -7.156  -7.373  1.00 34.17 ? 2063 HOH A O   1 
HETATM 1289 O O   . HOH C 2 .  ? 15.211  1.681   -11.558 1.00 20.66 ? 2064 HOH A O   1 
HETATM 1290 O O   . HOH D 2 .  ? -16.027 -14.387 2.751   1.00 37.16 ? 2001 HOH B O   1 
HETATM 1291 O O   . HOH D 2 .  ? -12.293 -15.985 5.068   1.00 35.18 ? 2002 HOH B O   1 
HETATM 1292 O O   . HOH D 2 .  ? -17.708 -5.896  7.651   1.00 36.43 ? 2003 HOH B O   1 
HETATM 1293 O O   . HOH D 2 .  ? -19.888 -11.315 8.745   1.00 32.37 ? 2004 HOH B O   1 
HETATM 1294 O O   . HOH D 2 .  ? -12.118 -18.769 6.971   1.00 34.00 ? 2005 HOH B O   1 
HETATM 1295 O O   . HOH D 2 .  ? -3.662  -4.740  15.979  1.00 28.60 ? 2006 HOH B O   1 
HETATM 1296 O O   . HOH D 2 .  ? 3.105   -6.332  17.919  1.00 38.07 ? 2007 HOH B O   1 
HETATM 1297 O O   . HOH D 2 .  ? 0.188   -0.929  13.624  1.00 25.72 ? 2008 HOH B O   1 
HETATM 1298 O O   . HOH D 2 .  ? 6.745   -4.269  13.423  1.00 20.71 ? 2009 HOH B O   1 
HETATM 1299 O O   . HOH D 2 .  ? 1.976   1.026   12.497  1.00 29.71 ? 2010 HOH B O   1 
HETATM 1300 O O   . HOH D 2 .  ? -8.478  4.015   2.840   1.00 19.18 ? 2011 HOH B O   1 
HETATM 1301 O O   . HOH D 2 .  ? -12.234 2.320   -4.578  1.00 26.73 ? 2012 HOH B O   1 
HETATM 1302 O O   . HOH D 2 .  ? -13.609 4.354   -1.182  1.00 20.86 ? 2013 HOH B O   1 
HETATM 1303 O O   . HOH D 2 .  ? -11.633 6.073   -0.319  1.00 31.91 ? 2014 HOH B O   1 
HETATM 1304 O O   . HOH D 2 .  ? -15.562 -3.491  6.846   1.00 27.99 ? 2015 HOH B O   1 
HETATM 1305 O O   . HOH D 2 .  ? -14.074 -1.080  4.590   1.00 26.60 ? 2016 HOH B O   1 
HETATM 1306 O O   . HOH D 2 .  ? -9.980  -1.996  10.557  1.00 32.61 ? 2017 HOH B O   1 
HETATM 1307 O O   . HOH D 2 .  ? -13.114 -5.328  12.801  1.00 30.26 ? 2018 HOH B O   1 
HETATM 1308 O O   . HOH D 2 .  ? -13.556 -8.692  15.450  1.00 39.12 ? 2019 HOH B O   1 
HETATM 1309 O O   . HOH D 2 .  ? -9.185  -9.781  18.223  1.00 30.42 ? 2020 HOH B O   1 
HETATM 1310 O O   . HOH D 2 .  ? -8.508  -8.537  24.892  1.00 33.58 ? 2021 HOH B O   1 
HETATM 1311 O O   . HOH D 2 .  ? -5.927  -13.336 24.632  1.00 32.43 ? 2022 HOH B O   1 
HETATM 1312 O O   . HOH D 2 .  ? -11.433 -14.237 21.115  1.00 29.87 ? 2023 HOH B O   1 
HETATM 1313 O O   . HOH D 2 .  ? -11.463 -14.067 17.673  1.00 23.79 ? 2024 HOH B O   1 
HETATM 1314 O O   . HOH D 2 .  ? -3.896  -23.273 19.467  1.00 25.34 ? 2025 HOH B O   1 
HETATM 1315 O O   . HOH D 2 .  ? -4.169  -20.502 23.776  1.00 22.99 ? 2026 HOH B O   1 
HETATM 1316 O O   . HOH D 2 .  ? 1.234   -24.203 13.494  1.00 33.25 ? 2027 HOH B O   1 
HETATM 1317 O O   . HOH D 2 .  ? -5.971  -27.290 11.961  1.00 32.58 ? 2028 HOH B O   1 
HETATM 1318 O O   . HOH D 2 .  ? -3.787  -22.318 5.539   1.00 29.37 ? 2029 HOH B O   1 
HETATM 1319 O O   . HOH D 2 .  ? -11.757 -21.900 14.379  1.00 28.65 ? 2030 HOH B O   1 
HETATM 1320 O O   . HOH D 2 .  ? 3.784   -17.340 7.776   1.00 31.98 ? 2031 HOH B O   1 
HETATM 1321 O O   . HOH D 2 .  ? -1.976  -9.966  4.066   1.00 18.04 ? 2032 HOH B O   1 
HETATM 1322 O O   . HOH D 2 .  ? -5.391  -20.668 1.507   1.00 28.96 ? 2033 HOH B O   1 
HETATM 1323 O O   . HOH D 2 .  ? 0.174   -16.150 1.525   1.00 30.14 ? 2034 HOH B O   1 
HETATM 1324 O O   . HOH D 2 .  ? -1.380  -8.394  1.901   1.00 18.83 ? 2035 HOH B O   1 
# 
